data_6TJ1
# 
_entry.id   6TJ1 
# 
_audit_conform.dict_name       mmcif_pdbx.dic 
_audit_conform.dict_version    5.391 
_audit_conform.dict_location   http://mmcif.pdb.org/dictionaries/ascii/mmcif_pdbx.dic 
# 
loop_
_database_2.database_id 
_database_2.database_code 
_database_2.pdbx_database_accession 
_database_2.pdbx_DOI 
PDB   6TJ1         pdb_00006tj1 10.2210/pdb6tj1/pdb 
WWPDB D_1292103973 ?            ?                   
# 
loop_
_pdbx_audit_revision_history.ordinal 
_pdbx_audit_revision_history.data_content_type 
_pdbx_audit_revision_history.major_revision 
_pdbx_audit_revision_history.minor_revision 
_pdbx_audit_revision_history.revision_date 
1 'Structure model' 1 0 2020-04-29 
2 'Structure model' 1 1 2020-09-16 
3 'Structure model' 1 2 2024-05-01 
# 
_pdbx_audit_revision_details.ordinal             1 
_pdbx_audit_revision_details.revision_ordinal    1 
_pdbx_audit_revision_details.data_content_type   'Structure model' 
_pdbx_audit_revision_details.provider            repository 
_pdbx_audit_revision_details.type                'Initial release' 
_pdbx_audit_revision_details.description         ? 
_pdbx_audit_revision_details.details             ? 
# 
loop_
_pdbx_audit_revision_group.ordinal 
_pdbx_audit_revision_group.revision_ordinal 
_pdbx_audit_revision_group.data_content_type 
_pdbx_audit_revision_group.group 
1 2 'Structure model' 'Database references'    
2 3 'Structure model' 'Data collection'        
3 3 'Structure model' 'Database references'    
4 3 'Structure model' 'Refinement description' 
# 
loop_
_pdbx_audit_revision_category.ordinal 
_pdbx_audit_revision_category.revision_ordinal 
_pdbx_audit_revision_category.data_content_type 
_pdbx_audit_revision_category.category 
1 2 'Structure model' citation                      
2 2 'Structure model' citation_author               
3 3 'Structure model' chem_comp_atom                
4 3 'Structure model' chem_comp_bond                
5 3 'Structure model' database_2                    
6 3 'Structure model' pdbx_initial_refinement_model 
# 
loop_
_pdbx_audit_revision_item.ordinal 
_pdbx_audit_revision_item.revision_ordinal 
_pdbx_audit_revision_item.data_content_type 
_pdbx_audit_revision_item.item 
1 2 'Structure model' '_citation.journal_volume'            
2 2 'Structure model' '_citation.page_first'                
3 2 'Structure model' '_citation.page_last'                 
4 2 'Structure model' '_citation.pdbx_database_id_DOI'      
5 2 'Structure model' '_citation.pdbx_database_id_PubMed'   
6 2 'Structure model' '_citation.title'                     
7 3 'Structure model' '_database_2.pdbx_DOI'                
8 3 'Structure model' '_database_2.pdbx_database_accession' 
# 
_pdbx_database_status.status_code                     REL 
_pdbx_database_status.status_code_sf                  REL 
_pdbx_database_status.status_code_mr                  ? 
_pdbx_database_status.entry_id                        6TJ1 
_pdbx_database_status.recvd_initial_deposition_date   2019-11-23 
_pdbx_database_status.SG_entry                        N 
_pdbx_database_status.deposit_site                    PDBE 
_pdbx_database_status.process_site                    PDBE 
_pdbx_database_status.status_code_cs                  ? 
_pdbx_database_status.status_code_nmr_data            ? 
_pdbx_database_status.methods_development_category    ? 
_pdbx_database_status.pdb_format_compatible           Y 
# 
loop_
_audit_author.name 
_audit_author.pdbx_ordinal 
_audit_author.identifier_ORCID 
'Xu, C.'      1 ? 
'Pei, X.Y.'   2 ? 
'Luisi, B.F.' 3 ? 
'Baker, D.'   4 ? 
# 
_citation.abstract                  ? 
_citation.abstract_id_CAS           ? 
_citation.book_id_ISBN              ? 
_citation.book_publisher            ? 
_citation.book_publisher_city       ? 
_citation.book_title                ? 
_citation.coordinate_linkage        ? 
_citation.country                   UK 
_citation.database_id_Medline       ? 
_citation.details                   ? 
_citation.id                        primary 
_citation.journal_abbrev            Nature 
_citation.journal_id_ASTM           NATUAS 
_citation.journal_id_CSD            0006 
_citation.journal_id_ISSN           1476-4687 
_citation.journal_full              ? 
_citation.journal_issue             ? 
_citation.journal_volume            585 
_citation.language                  ? 
_citation.page_first                129 
_citation.page_last                 134 
_citation.title                     'Computational design of transmembrane pores.' 
_citation.year                      2020 
_citation.database_id_CSD           ? 
_citation.pdbx_database_id_DOI      10.1038/s41586-020-2646-5 
_citation.pdbx_database_id_PubMed   32848250 
_citation.unpublished_flag          ? 
# 
loop_
_citation_author.citation_id 
_citation_author.name 
_citation_author.ordinal 
_citation_author.identifier_ORCID 
primary 'Xu, C.'             1  0000-0002-8668-0566 
primary 'Lu, P.'             2  0000-0001-5894-9268 
primary 'Gamal El-Din, T.M.' 3  ?                   
primary 'Pei, X.Y.'          4  ?                   
primary 'Johnson, M.C.'      5  ?                   
primary 'Uyeda, A.'          6  ?                   
primary 'Bick, M.J.'         7  ?                   
primary 'Xu, Q.'             8  0000-0002-9480-4776 
primary 'Jiang, D.'          9  ?                   
primary 'Bai, H.'            10 0000-0002-0448-4052 
primary 'Reggiano, G.'       11 ?                   
primary 'Hsia, Y.'           12 0000-0001-7467-8373 
primary 'Brunette, T.J.'     13 0000-0003-0748-8224 
primary 'Dou, J.'            14 ?                   
primary 'Ma, D.'             15 ?                   
primary 'Lynch, E.M.'        16 0000-0001-5897-5167 
primary 'Boyken, S.E.'       17 0000-0002-5378-0632 
primary 'Huang, P.S.'        18 0000-0002-7948-2895 
primary 'Stewart, L.'        19 0000-0003-4264-5125 
primary 'DiMaio, F.'         20 ?                   
primary 'Kollman, J.M.'      21 0000-0002-0350-5827 
primary 'Luisi, B.F.'        22 0000-0003-1144-9877 
primary 'Matsuura, T.'       23 0000-0003-1015-6781 
primary 'Catterall, W.A.'    24 ?                   
primary 'Baker, D.'          25 0000-0001-7896-6217 
# 
loop_
_entity.id 
_entity.type 
_entity.src_method 
_entity.pdbx_description 
_entity.formula_weight 
_entity.pdbx_number_of_molecules 
_entity.pdbx_ec 
_entity.pdbx_mutation 
_entity.pdbx_fragment 
_entity.details 
1 polymer man 'De novo designed WSHC6' 10557.086 3  ? ? ? ? 
2 polymer man 'purification tag'       486.562   1  ? ? ? 
'A protein purification cleavage tag with a disordered electronic map density' 
3 water   nat water                    18.015    37 ? ? ? ? 
# 
loop_
_entity_poly.entity_id 
_entity_poly.type 
_entity_poly.nstd_linkage 
_entity_poly.nstd_monomer 
_entity_poly.pdbx_seq_one_letter_code 
_entity_poly.pdbx_seq_one_letter_code_can 
_entity_poly.pdbx_strand_id 
_entity_poly.pdbx_target_identifier 
1 'polypeptide(L)' no no 
;MGSSHHHHHHSSGLVPRGSHMTEDEIRKLRKLLEEAEKKLYKLEDKTRRSEEISKTDDDPKAQSLQLIAESLMLIAESLL
IIAISLLLSSRNG
;
;MGSSHHHHHHSSGLVPRGSHMTEDEIRKLRKLLEEAEKKLYKLEDKTRRSEEISKTDDDPKAQSLQLIAESLMLIAESLL
IIAISLLLSSRNG
;
A,B,C ? 
2 'polypeptide(L)' no no AALAAA                                                                                           AALAAA D 
? 
# 
_pdbx_entity_nonpoly.entity_id   3 
_pdbx_entity_nonpoly.name        water 
_pdbx_entity_nonpoly.comp_id     HOH 
# 
loop_
_entity_poly_seq.entity_id 
_entity_poly_seq.num 
_entity_poly_seq.mon_id 
_entity_poly_seq.hetero 
1 1  MET n 
1 2  GLY n 
1 3  SER n 
1 4  SER n 
1 5  HIS n 
1 6  HIS n 
1 7  HIS n 
1 8  HIS n 
1 9  HIS n 
1 10 HIS n 
1 11 SER n 
1 12 SER n 
1 13 GLY n 
1 14 LEU n 
1 15 VAL n 
1 16 PRO n 
1 17 ARG n 
1 18 GLY n 
1 19 SER n 
1 20 HIS n 
1 21 MET n 
1 22 THR n 
1 23 GLU n 
1 24 ASP n 
1 25 GLU n 
1 26 ILE n 
1 27 ARG n 
1 28 LYS n 
1 29 LEU n 
1 30 ARG n 
1 31 LYS n 
1 32 LEU n 
1 33 LEU n 
1 34 GLU n 
1 35 GLU n 
1 36 ALA n 
1 37 GLU n 
1 38 LYS n 
1 39 LYS n 
1 40 LEU n 
1 41 TYR n 
1 42 LYS n 
1 43 LEU n 
1 44 GLU n 
1 45 ASP n 
1 46 LYS n 
1 47 THR n 
1 48 ARG n 
1 49 ARG n 
1 50 SER n 
1 51 GLU n 
1 52 GLU n 
1 53 ILE n 
1 54 SER n 
1 55 LYS n 
1 56 THR n 
1 57 ASP n 
1 58 ASP n 
1 59 ASP n 
1 60 PRO n 
1 61 LYS n 
1 62 ALA n 
1 63 GLN n 
1 64 SER n 
1 65 LEU n 
1 66 GLN n 
1 67 LEU n 
1 68 ILE n 
1 69 ALA n 
1 70 GLU n 
1 71 SER n 
1 72 LEU n 
1 73 MET n 
1 74 LEU n 
1 75 ILE n 
1 76 ALA n 
1 77 GLU n 
1 78 SER n 
1 79 LEU n 
1 80 LEU n 
1 81 ILE n 
1 82 ILE n 
1 83 ALA n 
1 84 ILE n 
1 85 SER n 
1 86 LEU n 
1 87 LEU n 
1 88 LEU n 
1 89 SER n 
1 90 SER n 
1 91 ARG n 
1 92 ASN n 
1 93 GLY n 
2 1  ALA n 
2 2  ALA n 
2 3  LEU n 
2 4  ALA n 
2 5  ALA n 
2 6  ALA n 
# 
loop_
_entity_src_gen.entity_id 
_entity_src_gen.pdbx_src_id 
_entity_src_gen.pdbx_alt_source_flag 
_entity_src_gen.pdbx_seq_type 
_entity_src_gen.pdbx_beg_seq_num 
_entity_src_gen.pdbx_end_seq_num 
_entity_src_gen.gene_src_common_name 
_entity_src_gen.gene_src_genus 
_entity_src_gen.pdbx_gene_src_gene 
_entity_src_gen.gene_src_species 
_entity_src_gen.gene_src_strain 
_entity_src_gen.gene_src_tissue 
_entity_src_gen.gene_src_tissue_fraction 
_entity_src_gen.gene_src_details 
_entity_src_gen.pdbx_gene_src_fragment 
_entity_src_gen.pdbx_gene_src_scientific_name 
_entity_src_gen.pdbx_gene_src_ncbi_taxonomy_id 
_entity_src_gen.pdbx_gene_src_variant 
_entity_src_gen.pdbx_gene_src_cell_line 
_entity_src_gen.pdbx_gene_src_atcc 
_entity_src_gen.pdbx_gene_src_organ 
_entity_src_gen.pdbx_gene_src_organelle 
_entity_src_gen.pdbx_gene_src_cell 
_entity_src_gen.pdbx_gene_src_cellular_location 
_entity_src_gen.host_org_common_name 
_entity_src_gen.pdbx_host_org_scientific_name 
_entity_src_gen.pdbx_host_org_ncbi_taxonomy_id 
_entity_src_gen.host_org_genus 
_entity_src_gen.pdbx_host_org_gene 
_entity_src_gen.pdbx_host_org_organ 
_entity_src_gen.host_org_species 
_entity_src_gen.pdbx_host_org_tissue 
_entity_src_gen.pdbx_host_org_tissue_fraction 
_entity_src_gen.pdbx_host_org_strain 
_entity_src_gen.pdbx_host_org_variant 
_entity_src_gen.pdbx_host_org_cell_line 
_entity_src_gen.pdbx_host_org_atcc 
_entity_src_gen.pdbx_host_org_culture_collection 
_entity_src_gen.pdbx_host_org_cell 
_entity_src_gen.pdbx_host_org_organelle 
_entity_src_gen.pdbx_host_org_cellular_location 
_entity_src_gen.pdbx_host_org_vector_type 
_entity_src_gen.pdbx_host_org_vector 
_entity_src_gen.host_org_details 
_entity_src_gen.expression_system_id 
_entity_src_gen.plasmid_name 
_entity_src_gen.plasmid_details 
_entity_src_gen.pdbx_description 
1 1 sample 'Biological sequence' 1 93 ? ? ? ? ? ? ? ? ? 'synthetic construct' 32630 ? ? ? ? ? ? ? ? 'Escherichia coli BL21(DE3)' 
469008 ? ? ? ? ? ? ? ? ? ? ? ? ? ? ? ? ? ? ? ? ? 
2 1 sample 'Biological sequence' 1 6  ? ? ? ? ? ? ? ? ? 'synthetic construct' 32630 ? ? ? ? ? ? ? ? 'Escherichia coli'           
562    ? ? ? ? ? ? ? ? ? ? ? ? ? ? ? ? ? ? ? ? ? 
# 
loop_
_chem_comp.id 
_chem_comp.type 
_chem_comp.mon_nstd_flag 
_chem_comp.name 
_chem_comp.pdbx_synonyms 
_chem_comp.formula 
_chem_comp.formula_weight 
ALA 'L-peptide linking' y ALANINE         ? 'C3 H7 N O2'     89.093  
ARG 'L-peptide linking' y ARGININE        ? 'C6 H15 N4 O2 1' 175.209 
ASN 'L-peptide linking' y ASPARAGINE      ? 'C4 H8 N2 O3'    132.118 
ASP 'L-peptide linking' y 'ASPARTIC ACID' ? 'C4 H7 N O4'     133.103 
GLN 'L-peptide linking' y GLUTAMINE       ? 'C5 H10 N2 O3'   146.144 
GLU 'L-peptide linking' y 'GLUTAMIC ACID' ? 'C5 H9 N O4'     147.129 
GLY 'peptide linking'   y GLYCINE         ? 'C2 H5 N O2'     75.067  
HIS 'L-peptide linking' y HISTIDINE       ? 'C6 H10 N3 O2 1' 156.162 
HOH non-polymer         . WATER           ? 'H2 O'           18.015  
ILE 'L-peptide linking' y ISOLEUCINE      ? 'C6 H13 N O2'    131.173 
LEU 'L-peptide linking' y LEUCINE         ? 'C6 H13 N O2'    131.173 
LYS 'L-peptide linking' y LYSINE          ? 'C6 H15 N2 O2 1' 147.195 
MET 'L-peptide linking' y METHIONINE      ? 'C5 H11 N O2 S'  149.211 
PRO 'L-peptide linking' y PROLINE         ? 'C5 H9 N O2'     115.130 
SER 'L-peptide linking' y SERINE          ? 'C3 H7 N O3'     105.093 
THR 'L-peptide linking' y THREONINE       ? 'C4 H9 N O3'     119.119 
TYR 'L-peptide linking' y TYROSINE        ? 'C9 H11 N O3'    181.189 
VAL 'L-peptide linking' y VALINE          ? 'C5 H11 N O2'    117.146 
# 
loop_
_pdbx_poly_seq_scheme.asym_id 
_pdbx_poly_seq_scheme.entity_id 
_pdbx_poly_seq_scheme.seq_id 
_pdbx_poly_seq_scheme.mon_id 
_pdbx_poly_seq_scheme.ndb_seq_num 
_pdbx_poly_seq_scheme.pdb_seq_num 
_pdbx_poly_seq_scheme.auth_seq_num 
_pdbx_poly_seq_scheme.pdb_mon_id 
_pdbx_poly_seq_scheme.auth_mon_id 
_pdbx_poly_seq_scheme.pdb_strand_id 
_pdbx_poly_seq_scheme.pdb_ins_code 
_pdbx_poly_seq_scheme.hetero 
A 1 1  MET 1  -20 ?  ?   ?   A . n 
A 1 2  GLY 2  -19 ?  ?   ?   A . n 
A 1 3  SER 3  -18 ?  ?   ?   A . n 
A 1 4  SER 4  -17 ?  ?   ?   A . n 
A 1 5  HIS 5  -16 ?  ?   ?   A . n 
A 1 6  HIS 6  -15 ?  ?   ?   A . n 
A 1 7  HIS 7  -14 ?  ?   ?   A . n 
A 1 8  HIS 8  -13 ?  ?   ?   A . n 
A 1 9  HIS 9  -12 ?  ?   ?   A . n 
A 1 10 HIS 10 -11 ?  ?   ?   A . n 
A 1 11 SER 11 -10 ?  ?   ?   A . n 
A 1 12 SER 12 -9  ?  ?   ?   A . n 
A 1 13 GLY 13 -8  ?  ?   ?   A . n 
A 1 14 LEU 14 -7  ?  ?   ?   A . n 
A 1 15 VAL 15 -6  ?  ?   ?   A . n 
A 1 16 PRO 16 -5  ?  ?   ?   A . n 
A 1 17 ARG 17 -4  -4 ARG ARG A . n 
A 1 18 GLY 18 -3  -3 GLY GLY A . n 
A 1 19 SER 19 -2  -2 SER SER A . n 
A 1 20 HIS 20 -1  -1 HIS HIS A . n 
A 1 21 MET 21 0   0  MET MET A . n 
A 1 22 THR 22 1   1  THR THR A . n 
A 1 23 GLU 23 2   2  GLU GLU A . n 
A 1 24 ASP 24 3   3  ASP ASP A . n 
A 1 25 GLU 25 4   4  GLU GLU A . n 
A 1 26 ILE 26 5   5  ILE ILE A . n 
A 1 27 ARG 27 6   6  ARG ARG A . n 
A 1 28 LYS 28 7   7  LYS LYS A . n 
A 1 29 LEU 29 8   8  LEU LEU A . n 
A 1 30 ARG 30 9   9  ARG ARG A . n 
A 1 31 LYS 31 10  10 LYS LYS A . n 
A 1 32 LEU 32 11  11 LEU LEU A . n 
A 1 33 LEU 33 12  12 LEU LEU A . n 
A 1 34 GLU 34 13  13 GLU GLU A . n 
A 1 35 GLU 35 14  14 GLU GLU A . n 
A 1 36 ALA 36 15  15 ALA ALA A . n 
A 1 37 GLU 37 16  16 GLU GLU A . n 
A 1 38 LYS 38 17  17 LYS LYS A . n 
A 1 39 LYS 39 18  18 LYS LYS A . n 
A 1 40 LEU 40 19  19 LEU LEU A . n 
A 1 41 TYR 41 20  20 TYR TYR A . n 
A 1 42 LYS 42 21  21 LYS LYS A . n 
A 1 43 LEU 43 22  22 LEU LEU A . n 
A 1 44 GLU 44 23  23 GLU GLU A . n 
A 1 45 ASP 45 24  24 ASP ASP A . n 
A 1 46 LYS 46 25  25 LYS LYS A . n 
A 1 47 THR 47 26  26 THR THR A . n 
A 1 48 ARG 48 27  27 ARG ARG A . n 
A 1 49 ARG 49 28  28 ARG ARG A . n 
A 1 50 SER 50 29  29 SER SER A . n 
A 1 51 GLU 51 30  30 GLU GLU A . n 
A 1 52 GLU 52 31  31 GLU GLU A . n 
A 1 53 ILE 53 32  32 ILE ILE A . n 
A 1 54 SER 54 33  33 SER SER A . n 
A 1 55 LYS 55 34  ?  ?   ?   A . n 
A 1 56 THR 56 35  ?  ?   ?   A . n 
A 1 57 ASP 57 36  ?  ?   ?   A . n 
A 1 58 ASP 58 37  37 ASP ASP A . n 
A 1 59 ASP 59 38  38 ASP ASP A . n 
A 1 60 PRO 60 39  39 PRO PRO A . n 
A 1 61 LYS 61 40  40 LYS LYS A . n 
A 1 62 ALA 62 41  41 ALA ALA A . n 
A 1 63 GLN 63 42  42 GLN GLN A . n 
A 1 64 SER 64 43  43 SER SER A . n 
A 1 65 LEU 65 44  44 LEU LEU A . n 
A 1 66 GLN 66 45  45 GLN GLN A . n 
A 1 67 LEU 67 46  46 LEU LEU A . n 
A 1 68 ILE 68 47  47 ILE ILE A . n 
A 1 69 ALA 69 48  48 ALA ALA A . n 
A 1 70 GLU 70 49  49 GLU GLU A . n 
A 1 71 SER 71 50  50 SER SER A . n 
A 1 72 LEU 72 51  51 LEU LEU A . n 
A 1 73 MET 73 52  52 MET MET A . n 
A 1 74 LEU 74 53  53 LEU LEU A . n 
A 1 75 ILE 75 54  54 ILE ILE A . n 
A 1 76 ALA 76 55  55 ALA ALA A . n 
A 1 77 GLU 77 56  56 GLU GLU A . n 
A 1 78 SER 78 57  57 SER SER A . n 
A 1 79 LEU 79 58  58 LEU LEU A . n 
A 1 80 LEU 80 59  59 LEU LEU A . n 
A 1 81 ILE 81 60  60 ILE ILE A . n 
A 1 82 ILE 82 61  61 ILE ILE A . n 
A 1 83 ALA 83 62  62 ALA ALA A . n 
A 1 84 ILE 84 63  63 ILE ILE A . n 
A 1 85 SER 85 64  64 SER SER A . n 
A 1 86 LEU 86 65  65 LEU LEU A . n 
A 1 87 LEU 87 66  66 LEU LEU A . n 
A 1 88 LEU 88 67  67 LEU LEU A . n 
A 1 89 SER 89 68  68 SER SER A . n 
A 1 90 SER 90 69  69 SER SER A . n 
A 1 91 ARG 91 70  ?  ?   ?   A . n 
A 1 92 ASN 92 71  ?  ?   ?   A . n 
A 1 93 GLY 93 72  ?  ?   ?   A . n 
B 1 1  MET 1  -20 ?  ?   ?   B . n 
B 1 2  GLY 2  -19 ?  ?   ?   B . n 
B 1 3  SER 3  -18 ?  ?   ?   B . n 
B 1 4  SER 4  -17 ?  ?   ?   B . n 
B 1 5  HIS 5  -16 ?  ?   ?   B . n 
B 1 6  HIS 6  -15 ?  ?   ?   B . n 
B 1 7  HIS 7  -14 ?  ?   ?   B . n 
B 1 8  HIS 8  -13 ?  ?   ?   B . n 
B 1 9  HIS 9  -12 ?  ?   ?   B . n 
B 1 10 HIS 10 -11 ?  ?   ?   B . n 
B 1 11 SER 11 -10 ?  ?   ?   B . n 
B 1 12 SER 12 -9  ?  ?   ?   B . n 
B 1 13 GLY 13 -8  ?  ?   ?   B . n 
B 1 14 LEU 14 -7  ?  ?   ?   B . n 
B 1 15 VAL 15 -6  ?  ?   ?   B . n 
B 1 16 PRO 16 -5  ?  ?   ?   B . n 
B 1 17 ARG 17 -4  -4 ARG ARG B . n 
B 1 18 GLY 18 -3  -3 GLY GLY B . n 
B 1 19 SER 19 -2  -2 SER SER B . n 
B 1 20 HIS 20 -1  -1 HIS HIS B . n 
B 1 21 MET 21 0   0  MET MET B . n 
B 1 22 THR 22 1   1  THR THR B . n 
B 1 23 GLU 23 2   2  GLU GLU B . n 
B 1 24 ASP 24 3   3  ASP ASP B . n 
B 1 25 GLU 25 4   4  GLU GLU B . n 
B 1 26 ILE 26 5   5  ILE ILE B . n 
B 1 27 ARG 27 6   6  ARG ARG B . n 
B 1 28 LYS 28 7   7  LYS LYS B . n 
B 1 29 LEU 29 8   8  LEU LEU B . n 
B 1 30 ARG 30 9   9  ARG ARG B . n 
B 1 31 LYS 31 10  10 LYS LYS B . n 
B 1 32 LEU 32 11  11 LEU LEU B . n 
B 1 33 LEU 33 12  12 LEU LEU B . n 
B 1 34 GLU 34 13  13 GLU GLU B . n 
B 1 35 GLU 35 14  14 GLU GLU B . n 
B 1 36 ALA 36 15  15 ALA ALA B . n 
B 1 37 GLU 37 16  16 GLU GLU B . n 
B 1 38 LYS 38 17  17 LYS LYS B . n 
B 1 39 LYS 39 18  18 LYS LYS B . n 
B 1 40 LEU 40 19  19 LEU LEU B . n 
B 1 41 TYR 41 20  20 TYR TYR B . n 
B 1 42 LYS 42 21  21 LYS LYS B . n 
B 1 43 LEU 43 22  22 LEU LEU B . n 
B 1 44 GLU 44 23  23 GLU GLU B . n 
B 1 45 ASP 45 24  24 ASP ASP B . n 
B 1 46 LYS 46 25  25 LYS LYS B . n 
B 1 47 THR 47 26  26 THR THR B . n 
B 1 48 ARG 48 27  27 ARG ARG B . n 
B 1 49 ARG 49 28  28 ARG ARG B . n 
B 1 50 SER 50 29  29 SER SER B . n 
B 1 51 GLU 51 30  30 GLU GLU B . n 
B 1 52 GLU 52 31  31 GLU GLU B . n 
B 1 53 ILE 53 32  32 ILE ILE B . n 
B 1 54 SER 54 33  33 SER SER B . n 
B 1 55 LYS 55 34  34 LYS LYS B . n 
B 1 56 THR 56 35  35 THR THR B . n 
B 1 57 ASP 57 36  ?  ?   ?   B . n 
B 1 58 ASP 58 37  37 ASP ASP B . n 
B 1 59 ASP 59 38  38 ASP ASP B . n 
B 1 60 PRO 60 39  39 PRO PRO B . n 
B 1 61 LYS 61 40  40 LYS LYS B . n 
B 1 62 ALA 62 41  41 ALA ALA B . n 
B 1 63 GLN 63 42  42 GLN GLN B . n 
B 1 64 SER 64 43  43 SER SER B . n 
B 1 65 LEU 65 44  44 LEU LEU B . n 
B 1 66 GLN 66 45  45 GLN GLN B . n 
B 1 67 LEU 67 46  46 LEU LEU B . n 
B 1 68 ILE 68 47  47 ILE ILE B . n 
B 1 69 ALA 69 48  48 ALA ALA B . n 
B 1 70 GLU 70 49  49 GLU GLU B . n 
B 1 71 SER 71 50  50 SER SER B . n 
B 1 72 LEU 72 51  51 LEU LEU B . n 
B 1 73 MET 73 52  52 MET MET B . n 
B 1 74 LEU 74 53  53 LEU LEU B . n 
B 1 75 ILE 75 54  54 ILE ILE B . n 
B 1 76 ALA 76 55  55 ALA ALA B . n 
B 1 77 GLU 77 56  56 GLU GLU B . n 
B 1 78 SER 78 57  57 SER SER B . n 
B 1 79 LEU 79 58  58 LEU LEU B . n 
B 1 80 LEU 80 59  59 LEU LEU B . n 
B 1 81 ILE 81 60  60 ILE ILE B . n 
B 1 82 ILE 82 61  61 ILE ILE B . n 
B 1 83 ALA 83 62  62 ALA ALA B . n 
B 1 84 ILE 84 63  63 ILE ILE B . n 
B 1 85 SER 85 64  64 SER SER B . n 
B 1 86 LEU 86 65  65 LEU LEU B . n 
B 1 87 LEU 87 66  66 LEU LEU B . n 
B 1 88 LEU 88 67  67 LEU LEU B . n 
B 1 89 SER 89 68  68 SER SER B . n 
B 1 90 SER 90 69  ?  ?   ?   B . n 
B 1 91 ARG 91 70  ?  ?   ?   B . n 
B 1 92 ASN 92 71  ?  ?   ?   B . n 
B 1 93 GLY 93 72  ?  ?   ?   B . n 
C 1 1  MET 1  -20 ?  ?   ?   C . n 
C 1 2  GLY 2  -19 ?  ?   ?   C . n 
C 1 3  SER 3  -18 ?  ?   ?   C . n 
C 1 4  SER 4  -17 ?  ?   ?   C . n 
C 1 5  HIS 5  -16 ?  ?   ?   C . n 
C 1 6  HIS 6  -15 ?  ?   ?   C . n 
C 1 7  HIS 7  -14 ?  ?   ?   C . n 
C 1 8  HIS 8  -13 ?  ?   ?   C . n 
C 1 9  HIS 9  -12 ?  ?   ?   C . n 
C 1 10 HIS 10 -11 ?  ?   ?   C . n 
C 1 11 SER 11 -10 ?  ?   ?   C . n 
C 1 12 SER 12 -9  ?  ?   ?   C . n 
C 1 13 GLY 13 -8  ?  ?   ?   C . n 
C 1 14 LEU 14 -7  ?  ?   ?   C . n 
C 1 15 VAL 15 -6  -6 VAL VAL C . n 
C 1 16 PRO 16 -5  -5 PRO PRO C . n 
C 1 17 ARG 17 -4  -4 ARG ARG C . n 
C 1 18 GLY 18 -3  -3 GLY GLY C . n 
C 1 19 SER 19 -2  -2 SER SER C . n 
C 1 20 HIS 20 -1  -1 HIS HIS C . n 
C 1 21 MET 21 0   0  MET MET C . n 
C 1 22 THR 22 1   1  THR THR C . n 
C 1 23 GLU 23 2   2  GLU GLU C . n 
C 1 24 ASP 24 3   3  ASP ASP C . n 
C 1 25 GLU 25 4   4  GLU GLU C . n 
C 1 26 ILE 26 5   5  ILE ILE C . n 
C 1 27 ARG 27 6   6  ARG ARG C . n 
C 1 28 LYS 28 7   7  LYS LYS C . n 
C 1 29 LEU 29 8   8  LEU LEU C . n 
C 1 30 ARG 30 9   9  ARG ARG C . n 
C 1 31 LYS 31 10  10 LYS LYS C . n 
C 1 32 LEU 32 11  11 LEU LEU C . n 
C 1 33 LEU 33 12  12 LEU LEU C . n 
C 1 34 GLU 34 13  13 GLU GLU C . n 
C 1 35 GLU 35 14  14 GLU GLU C . n 
C 1 36 ALA 36 15  15 ALA ALA C . n 
C 1 37 GLU 37 16  16 GLU GLU C . n 
C 1 38 LYS 38 17  17 LYS LYS C . n 
C 1 39 LYS 39 18  18 LYS LYS C . n 
C 1 40 LEU 40 19  19 LEU LEU C . n 
C 1 41 TYR 41 20  20 TYR TYR C . n 
C 1 42 LYS 42 21  21 LYS LYS C . n 
C 1 43 LEU 43 22  22 LEU LEU C . n 
C 1 44 GLU 44 23  23 GLU GLU C . n 
C 1 45 ASP 45 24  24 ASP ASP C . n 
C 1 46 LYS 46 25  25 LYS LYS C . n 
C 1 47 THR 47 26  26 THR THR C . n 
C 1 48 ARG 48 27  27 ARG ARG C . n 
C 1 49 ARG 49 28  28 ARG ARG C . n 
C 1 50 SER 50 29  29 SER SER C . n 
C 1 51 GLU 51 30  30 GLU GLU C . n 
C 1 52 GLU 52 31  31 GLU GLU C . n 
C 1 53 ILE 53 32  32 ILE ILE C . n 
C 1 54 SER 54 33  33 SER SER C . n 
C 1 55 LYS 55 34  34 LYS LYS C . n 
C 1 56 THR 56 35  ?  ?   ?   C . n 
C 1 57 ASP 57 36  ?  ?   ?   C . n 
C 1 58 ASP 58 37  37 ASP ASP C . n 
C 1 59 ASP 59 38  38 ASP ASP C . n 
C 1 60 PRO 60 39  39 PRO PRO C . n 
C 1 61 LYS 61 40  40 LYS LYS C . n 
C 1 62 ALA 62 41  41 ALA ALA C . n 
C 1 63 GLN 63 42  42 GLN GLN C . n 
C 1 64 SER 64 43  43 SER SER C . n 
C 1 65 LEU 65 44  44 LEU LEU C . n 
C 1 66 GLN 66 45  45 GLN GLN C . n 
C 1 67 LEU 67 46  46 LEU LEU C . n 
C 1 68 ILE 68 47  47 ILE ILE C . n 
C 1 69 ALA 69 48  48 ALA ALA C . n 
C 1 70 GLU 70 49  49 GLU GLU C . n 
C 1 71 SER 71 50  50 SER SER C . n 
C 1 72 LEU 72 51  51 LEU LEU C . n 
C 1 73 MET 73 52  52 MET MET C . n 
C 1 74 LEU 74 53  53 LEU LEU C . n 
C 1 75 ILE 75 54  54 ILE ILE C . n 
C 1 76 ALA 76 55  55 ALA ALA C . n 
C 1 77 GLU 77 56  56 GLU GLU C . n 
C 1 78 SER 78 57  57 SER SER C . n 
C 1 79 LEU 79 58  58 LEU LEU C . n 
C 1 80 LEU 80 59  59 LEU LEU C . n 
C 1 81 ILE 81 60  60 ILE ILE C . n 
C 1 82 ILE 82 61  61 ILE ILE C . n 
C 1 83 ALA 83 62  62 ALA ALA C . n 
C 1 84 ILE 84 63  63 ILE ILE C . n 
C 1 85 SER 85 64  64 SER SER C . n 
C 1 86 LEU 86 65  65 LEU LEU C . n 
C 1 87 LEU 87 66  66 LEU LEU C . n 
C 1 88 LEU 88 67  67 LEU LEU C . n 
C 1 89 SER 89 68  68 SER SER C . n 
C 1 90 SER 90 69  69 SER SER C . n 
C 1 91 ARG 91 70  ?  ?   ?   C . n 
C 1 92 ASN 92 71  ?  ?   ?   C . n 
C 1 93 GLY 93 72  ?  ?   ?   C . n 
D 2 1  ALA 1  92  92 ALA ALA D . n 
D 2 2  ALA 2  93  93 ALA ALA D . n 
D 2 3  LEU 3  94  94 LEU LEU D . n 
D 2 4  ALA 4  95  95 ALA ALA D . n 
D 2 5  ALA 5  96  96 ALA ALA D . n 
D 2 6  ALA 6  97  97 ALA ALA D . n 
# 
loop_
_pdbx_nonpoly_scheme.asym_id 
_pdbx_nonpoly_scheme.entity_id 
_pdbx_nonpoly_scheme.mon_id 
_pdbx_nonpoly_scheme.ndb_seq_num 
_pdbx_nonpoly_scheme.pdb_seq_num 
_pdbx_nonpoly_scheme.auth_seq_num 
_pdbx_nonpoly_scheme.pdb_mon_id 
_pdbx_nonpoly_scheme.auth_mon_id 
_pdbx_nonpoly_scheme.pdb_strand_id 
_pdbx_nonpoly_scheme.pdb_ins_code 
E 3 HOH 1  101 3  HOH HOH A . 
E 3 HOH 2  102 6  HOH HOH A . 
E 3 HOH 3  103 10 HOH HOH A . 
E 3 HOH 4  104 27 HOH HOH A . 
E 3 HOH 5  105 20 HOH HOH A . 
E 3 HOH 6  106 2  HOH HOH A . 
E 3 HOH 7  107 8  HOH HOH A . 
E 3 HOH 8  108 26 HOH HOH A . 
E 3 HOH 9  109 21 HOH HOH A . 
E 3 HOH 10 110 25 HOH HOH A . 
E 3 HOH 11 111 37 HOH HOH A . 
E 3 HOH 12 112 19 HOH HOH A . 
E 3 HOH 13 113 14 HOH HOH A . 
E 3 HOH 14 114 34 HOH HOH A . 
E 3 HOH 15 115 15 HOH HOH A . 
F 3 HOH 1  101 4  HOH HOH B . 
F 3 HOH 2  102 28 HOH HOH B . 
F 3 HOH 3  103 23 HOH HOH B . 
F 3 HOH 4  104 29 HOH HOH B . 
F 3 HOH 5  105 16 HOH HOH B . 
F 3 HOH 6  106 11 HOH HOH B . 
F 3 HOH 7  107 17 HOH HOH B . 
F 3 HOH 8  108 35 HOH HOH B . 
F 3 HOH 9  109 13 HOH HOH B . 
F 3 HOH 10 110 18 HOH HOH B . 
F 3 HOH 11 111 12 HOH HOH B . 
F 3 HOH 12 112 36 HOH HOH B . 
G 3 HOH 1  101 30 HOH HOH C . 
G 3 HOH 2  102 7  HOH HOH C . 
G 3 HOH 3  103 9  HOH HOH C . 
G 3 HOH 4  104 33 HOH HOH C . 
G 3 HOH 5  105 1  HOH HOH C . 
G 3 HOH 6  106 24 HOH HOH C . 
G 3 HOH 7  107 5  HOH HOH C . 
G 3 HOH 8  108 32 HOH HOH C . 
G 3 HOH 9  109 22 HOH HOH C . 
G 3 HOH 10 110 31 HOH HOH C . 
# 
loop_
_pdbx_unobs_or_zero_occ_atoms.id 
_pdbx_unobs_or_zero_occ_atoms.PDB_model_num 
_pdbx_unobs_or_zero_occ_atoms.polymer_flag 
_pdbx_unobs_or_zero_occ_atoms.occupancy_flag 
_pdbx_unobs_or_zero_occ_atoms.auth_asym_id 
_pdbx_unobs_or_zero_occ_atoms.auth_comp_id 
_pdbx_unobs_or_zero_occ_atoms.auth_seq_id 
_pdbx_unobs_or_zero_occ_atoms.PDB_ins_code 
_pdbx_unobs_or_zero_occ_atoms.auth_atom_id 
_pdbx_unobs_or_zero_occ_atoms.label_alt_id 
_pdbx_unobs_or_zero_occ_atoms.label_asym_id 
_pdbx_unobs_or_zero_occ_atoms.label_comp_id 
_pdbx_unobs_or_zero_occ_atoms.label_seq_id 
_pdbx_unobs_or_zero_occ_atoms.label_atom_id 
1   1 Y 1 A ARG -4 ? CG  ? A ARG 17 CG  
2   1 Y 1 A ARG -4 ? CD  ? A ARG 17 CD  
3   1 Y 1 A ARG -4 ? NE  ? A ARG 17 NE  
4   1 Y 1 A ARG -4 ? CZ  ? A ARG 17 CZ  
5   1 Y 1 A ARG -4 ? NH1 ? A ARG 17 NH1 
6   1 Y 1 A ARG -4 ? NH2 ? A ARG 17 NH2 
7   1 Y 1 A SER -2 ? OG  ? A SER 19 OG  
8   1 Y 1 A HIS -1 ? CG  ? A HIS 20 CG  
9   1 Y 1 A HIS -1 ? ND1 ? A HIS 20 ND1 
10  1 Y 1 A HIS -1 ? CD2 ? A HIS 20 CD2 
11  1 Y 1 A HIS -1 ? CE1 ? A HIS 20 CE1 
12  1 Y 1 A HIS -1 ? NE2 ? A HIS 20 NE2 
13  1 Y 1 A MET 0  ? CG  ? A MET 21 CG  
14  1 Y 1 A MET 0  ? SD  ? A MET 21 SD  
15  1 Y 1 A MET 0  ? CE  ? A MET 21 CE  
16  1 Y 1 A THR 1  ? OG1 ? A THR 22 OG1 
17  1 Y 1 A THR 1  ? CG2 ? A THR 22 CG2 
18  1 Y 1 A GLU 2  ? CG  ? A GLU 23 CG  
19  1 Y 1 A GLU 2  ? CD  ? A GLU 23 CD  
20  1 Y 1 A GLU 2  ? OE1 ? A GLU 23 OE1 
21  1 Y 1 A GLU 2  ? OE2 ? A GLU 23 OE2 
22  1 Y 1 A ASP 3  ? CG  ? A ASP 24 CG  
23  1 Y 1 A ASP 3  ? OD1 ? A ASP 24 OD1 
24  1 Y 1 A ASP 3  ? OD2 ? A ASP 24 OD2 
25  1 Y 1 A LYS 7  ? CG  ? A LYS 28 CG  
26  1 Y 1 A LYS 7  ? CD  ? A LYS 28 CD  
27  1 Y 1 A LYS 7  ? CE  ? A LYS 28 CE  
28  1 Y 1 A LYS 7  ? NZ  ? A LYS 28 NZ  
29  1 Y 1 A ARG 9  ? CG  ? A ARG 30 CG  
30  1 Y 1 A ARG 9  ? CD  ? A ARG 30 CD  
31  1 Y 1 A ARG 9  ? NE  ? A ARG 30 NE  
32  1 Y 1 A ARG 9  ? CZ  ? A ARG 30 CZ  
33  1 Y 1 A ARG 9  ? NH1 ? A ARG 30 NH1 
34  1 Y 1 A ARG 9  ? NH2 ? A ARG 30 NH2 
35  1 Y 1 A GLU 30 ? CG  ? A GLU 51 CG  
36  1 Y 1 A GLU 30 ? CD  ? A GLU 51 CD  
37  1 Y 1 A GLU 30 ? OE1 ? A GLU 51 OE1 
38  1 Y 1 A GLU 30 ? OE2 ? A GLU 51 OE2 
39  1 Y 1 A GLU 31 ? CG  ? A GLU 52 CG  
40  1 Y 1 A GLU 31 ? CD  ? A GLU 52 CD  
41  1 Y 1 A GLU 31 ? OE1 ? A GLU 52 OE1 
42  1 Y 1 A GLU 31 ? OE2 ? A GLU 52 OE2 
43  1 Y 1 A ASP 37 ? CG  ? A ASP 58 CG  
44  1 Y 1 A ASP 37 ? OD1 ? A ASP 58 OD1 
45  1 Y 1 A ASP 37 ? OD2 ? A ASP 58 OD2 
46  1 Y 1 A GLN 42 ? CG  ? A GLN 63 CG  
47  1 Y 1 A GLN 42 ? CD  ? A GLN 63 CD  
48  1 Y 1 A GLN 42 ? OE1 ? A GLN 63 OE1 
49  1 Y 1 A GLN 42 ? NE2 ? A GLN 63 NE2 
50  1 Y 1 B ARG -4 ? CG  ? B ARG 17 CG  
51  1 Y 1 B ARG -4 ? CD  ? B ARG 17 CD  
52  1 Y 1 B ARG -4 ? NE  ? B ARG 17 NE  
53  1 Y 1 B ARG -4 ? CZ  ? B ARG 17 CZ  
54  1 Y 1 B ARG -4 ? NH1 ? B ARG 17 NH1 
55  1 Y 1 B ARG -4 ? NH2 ? B ARG 17 NH2 
56  1 Y 1 B HIS -1 ? CG  ? B HIS 20 CG  
57  1 Y 1 B HIS -1 ? ND1 ? B HIS 20 ND1 
58  1 Y 1 B HIS -1 ? CD2 ? B HIS 20 CD2 
59  1 Y 1 B HIS -1 ? CE1 ? B HIS 20 CE1 
60  1 Y 1 B HIS -1 ? NE2 ? B HIS 20 NE2 
61  1 Y 1 B MET 0  ? CG  ? B MET 21 CG  
62  1 Y 1 B MET 0  ? SD  ? B MET 21 SD  
63  1 Y 1 B MET 0  ? CE  ? B MET 21 CE  
64  1 Y 1 B GLU 2  ? CG  ? B GLU 23 CG  
65  1 Y 1 B GLU 2  ? CD  ? B GLU 23 CD  
66  1 Y 1 B GLU 2  ? OE1 ? B GLU 23 OE1 
67  1 Y 1 B GLU 2  ? OE2 ? B GLU 23 OE2 
68  1 Y 1 B GLU 4  ? CG  ? B GLU 25 CG  
69  1 Y 1 B GLU 4  ? CD  ? B GLU 25 CD  
70  1 Y 1 B GLU 4  ? OE1 ? B GLU 25 OE1 
71  1 Y 1 B GLU 4  ? OE2 ? B GLU 25 OE2 
72  1 Y 1 B ARG 6  ? CG  ? B ARG 27 CG  
73  1 Y 1 B ARG 6  ? CD  ? B ARG 27 CD  
74  1 Y 1 B ARG 6  ? NE  ? B ARG 27 NE  
75  1 Y 1 B ARG 6  ? CZ  ? B ARG 27 CZ  
76  1 Y 1 B ARG 6  ? NH1 ? B ARG 27 NH1 
77  1 Y 1 B ARG 6  ? NH2 ? B ARG 27 NH2 
78  1 Y 1 B LYS 7  ? CG  ? B LYS 28 CG  
79  1 Y 1 B LYS 7  ? CD  ? B LYS 28 CD  
80  1 Y 1 B LYS 7  ? CE  ? B LYS 28 CE  
81  1 Y 1 B LYS 7  ? NZ  ? B LYS 28 NZ  
82  1 Y 1 B ARG 9  ? CG  ? B ARG 30 CG  
83  1 Y 1 B ARG 9  ? CD  ? B ARG 30 CD  
84  1 Y 1 B ARG 9  ? NE  ? B ARG 30 NE  
85  1 Y 1 B ARG 9  ? CZ  ? B ARG 30 CZ  
86  1 Y 1 B ARG 9  ? NH1 ? B ARG 30 NH1 
87  1 Y 1 B ARG 9  ? NH2 ? B ARG 30 NH2 
88  1 Y 1 B LYS 10 ? CG  ? B LYS 31 CG  
89  1 Y 1 B LYS 10 ? CD  ? B LYS 31 CD  
90  1 Y 1 B LYS 10 ? CE  ? B LYS 31 CE  
91  1 Y 1 B LYS 10 ? NZ  ? B LYS 31 NZ  
92  1 Y 1 B GLU 13 ? CG  ? B GLU 34 CG  
93  1 Y 1 B GLU 13 ? CD  ? B GLU 34 CD  
94  1 Y 1 B GLU 13 ? OE1 ? B GLU 34 OE1 
95  1 Y 1 B GLU 13 ? OE2 ? B GLU 34 OE2 
96  1 Y 1 B GLU 16 ? CG  ? B GLU 37 CG  
97  1 Y 1 B GLU 16 ? CD  ? B GLU 37 CD  
98  1 Y 1 B GLU 16 ? OE1 ? B GLU 37 OE1 
99  1 Y 1 B GLU 16 ? OE2 ? B GLU 37 OE2 
100 1 Y 1 B LYS 17 ? CG  ? B LYS 38 CG  
101 1 Y 1 B LYS 17 ? CD  ? B LYS 38 CD  
102 1 Y 1 B LYS 17 ? CE  ? B LYS 38 CE  
103 1 Y 1 B LYS 17 ? NZ  ? B LYS 38 NZ  
104 1 Y 1 B THR 35 ? OG1 ? B THR 56 OG1 
105 1 Y 1 B THR 35 ? CG2 ? B THR 56 CG2 
106 1 Y 1 B ASP 37 ? CG  ? B ASP 58 CG  
107 1 Y 1 B ASP 37 ? OD1 ? B ASP 58 OD1 
108 1 Y 1 B ASP 37 ? OD2 ? B ASP 58 OD2 
109 1 Y 1 C VAL -6 ? CG1 ? C VAL 15 CG1 
110 1 Y 1 C VAL -6 ? CG2 ? C VAL 15 CG2 
111 1 Y 1 C ARG -4 ? CD  ? C ARG 17 CD  
112 1 Y 1 C ARG -4 ? NE  ? C ARG 17 NE  
113 1 Y 1 C ARG -4 ? CZ  ? C ARG 17 CZ  
114 1 Y 1 C ARG -4 ? NH1 ? C ARG 17 NH1 
115 1 Y 1 C ARG -4 ? NH2 ? C ARG 17 NH2 
116 1 Y 1 C HIS -1 ? CG  ? C HIS 20 CG  
117 1 Y 1 C HIS -1 ? ND1 ? C HIS 20 ND1 
118 1 Y 1 C HIS -1 ? CD2 ? C HIS 20 CD2 
119 1 Y 1 C HIS -1 ? CE1 ? C HIS 20 CE1 
120 1 Y 1 C HIS -1 ? NE2 ? C HIS 20 NE2 
121 1 Y 1 C MET 0  ? CG  ? C MET 21 CG  
122 1 Y 1 C MET 0  ? SD  ? C MET 21 SD  
123 1 Y 1 C MET 0  ? CE  ? C MET 21 CE  
124 1 Y 1 C GLU 2  ? CG  ? C GLU 23 CG  
125 1 Y 1 C GLU 2  ? CD  ? C GLU 23 CD  
126 1 Y 1 C GLU 2  ? OE1 ? C GLU 23 OE1 
127 1 Y 1 C GLU 2  ? OE2 ? C GLU 23 OE2 
128 1 Y 1 C ASP 3  ? CG  ? C ASP 24 CG  
129 1 Y 1 C ASP 3  ? OD1 ? C ASP 24 OD1 
130 1 Y 1 C ASP 3  ? OD2 ? C ASP 24 OD2 
131 1 Y 1 C GLU 4  ? CG  ? C GLU 25 CG  
132 1 Y 1 C GLU 4  ? CD  ? C GLU 25 CD  
133 1 Y 1 C GLU 4  ? OE1 ? C GLU 25 OE1 
134 1 Y 1 C GLU 4  ? OE2 ? C GLU 25 OE2 
135 1 Y 1 C ARG 9  ? CG  ? C ARG 30 CG  
136 1 Y 1 C ARG 9  ? CD  ? C ARG 30 CD  
137 1 Y 1 C ARG 9  ? NE  ? C ARG 30 NE  
138 1 Y 1 C ARG 9  ? CZ  ? C ARG 30 CZ  
139 1 Y 1 C ARG 9  ? NH1 ? C ARG 30 NH1 
140 1 Y 1 C ARG 9  ? NH2 ? C ARG 30 NH2 
141 1 Y 1 C LYS 10 ? CG  ? C LYS 31 CG  
142 1 Y 1 C LYS 10 ? CD  ? C LYS 31 CD  
143 1 Y 1 C LYS 10 ? CE  ? C LYS 31 CE  
144 1 Y 1 C LYS 10 ? NZ  ? C LYS 31 NZ  
145 1 Y 1 C LYS 17 ? CG  ? C LYS 38 CG  
146 1 Y 1 C LYS 17 ? CD  ? C LYS 38 CD  
147 1 Y 1 C LYS 17 ? CE  ? C LYS 38 CE  
148 1 Y 1 C LYS 17 ? NZ  ? C LYS 38 NZ  
149 1 Y 1 C LYS 21 ? CG  ? C LYS 42 CG  
150 1 Y 1 C LYS 21 ? CD  ? C LYS 42 CD  
151 1 Y 1 C LYS 21 ? CE  ? C LYS 42 CE  
152 1 Y 1 C LYS 21 ? NZ  ? C LYS 42 NZ  
153 1 Y 1 C ARG 28 ? CG  ? C ARG 49 CG  
154 1 Y 1 C ARG 28 ? CD  ? C ARG 49 CD  
155 1 Y 1 C ARG 28 ? NE  ? C ARG 49 NE  
156 1 Y 1 C ARG 28 ? CZ  ? C ARG 49 CZ  
157 1 Y 1 C ARG 28 ? NH1 ? C ARG 49 NH1 
158 1 Y 1 C ARG 28 ? NH2 ? C ARG 49 NH2 
159 1 Y 1 C ILE 32 ? CG1 ? C ILE 53 CG1 
160 1 Y 1 C ILE 32 ? CG2 ? C ILE 53 CG2 
161 1 Y 1 C ILE 32 ? CD1 ? C ILE 53 CD1 
162 1 Y 1 C SER 33 ? OG  ? C SER 54 OG  
163 1 Y 1 C LYS 34 ? CG  ? C LYS 55 CG  
164 1 Y 1 C LYS 34 ? CD  ? C LYS 55 CD  
165 1 Y 1 C LYS 34 ? CE  ? C LYS 55 CE  
166 1 Y 1 C LYS 34 ? NZ  ? C LYS 55 NZ  
167 1 Y 1 C ASP 37 ? CG  ? C ASP 58 CG  
168 1 Y 1 C ASP 37 ? OD1 ? C ASP 58 OD1 
169 1 Y 1 C ASP 37 ? OD2 ? C ASP 58 OD2 
170 1 Y 1 D LEU 94 ? CG  ? D LEU 3  CG  
171 1 Y 1 D LEU 94 ? CD1 ? D LEU 3  CD1 
172 1 Y 1 D LEU 94 ? CD2 ? D LEU 3  CD2 
# 
loop_
_software.citation_id 
_software.classification 
_software.compiler_name 
_software.compiler_version 
_software.contact_author 
_software.contact_author_email 
_software.date 
_software.description 
_software.dependencies 
_software.hardware 
_software.language 
_software.location 
_software.mods 
_software.name 
_software.os 
_software.os_version 
_software.type 
_software.version 
_software.pdbx_ordinal 
? refinement        ? ? ? ? ? ? ? ? ? ? ? PHENIX      ? ? ? v1.11              1 
? 'data scaling'    ? ? ? ? ? ? ? ? ? ? ? Aimless     ? ? ? ccp4-7.0           2 
? 'data extraction' ? ? ? ? ? ? ? ? ? ? ? PDB_EXTRACT ? ? ? 3.25               3 
? 'data reduction'  ? ? ? ? ? ? ? ? ? ? ? MOSFLM      ? ? ? ccp4-7.0           4 
? phasing           ? ? ? ? ? ? ? ? ? ? ? AutoSol     ? ? ? 'phenix phaser-MR' 5 
# 
_cell.angle_alpha                  90.000 
_cell.angle_alpha_esd              ? 
_cell.angle_beta                   90.000 
_cell.angle_beta_esd               ? 
_cell.angle_gamma                  90.000 
_cell.angle_gamma_esd              ? 
_cell.entry_id                     6TJ1 
_cell.details                      ? 
_cell.formula_units_Z              ? 
_cell.length_a                     45.720 
_cell.length_a_esd                 ? 
_cell.length_b                     54.130 
_cell.length_b_esd                 ? 
_cell.length_c                     79.170 
_cell.length_c_esd                 ? 
_cell.volume                       ? 
_cell.volume_esd                   ? 
_cell.Z_PDB                        12 
_cell.reciprocal_angle_alpha       ? 
_cell.reciprocal_angle_beta        ? 
_cell.reciprocal_angle_gamma       ? 
_cell.reciprocal_angle_alpha_esd   ? 
_cell.reciprocal_angle_beta_esd    ? 
_cell.reciprocal_angle_gamma_esd   ? 
_cell.reciprocal_length_a          ? 
_cell.reciprocal_length_b          ? 
_cell.reciprocal_length_c          ? 
_cell.reciprocal_length_a_esd      ? 
_cell.reciprocal_length_b_esd      ? 
_cell.reciprocal_length_c_esd      ? 
_cell.pdbx_unique_axis             ? 
# 
_symmetry.entry_id                         6TJ1 
_symmetry.cell_setting                     ? 
_symmetry.Int_Tables_number                18 
_symmetry.space_group_name_Hall            ? 
_symmetry.space_group_name_H-M             'P 21 2 21' 
_symmetry.pdbx_full_space_group_name_H-M   ? 
# 
_exptl.absorpt_coefficient_mu     ? 
_exptl.absorpt_correction_T_max   ? 
_exptl.absorpt_correction_T_min   ? 
_exptl.absorpt_correction_type    ? 
_exptl.absorpt_process_details    ? 
_exptl.entry_id                   6TJ1 
_exptl.crystals_number            1 
_exptl.details                    ? 
_exptl.method                     'X-RAY DIFFRACTION' 
_exptl.method_details             ? 
# 
_exptl_crystal.colour                      ? 
_exptl_crystal.density_diffrn              ? 
_exptl_crystal.density_Matthews            2.04 
_exptl_crystal.density_method              ? 
_exptl_crystal.density_percent_sol         39.79 
_exptl_crystal.description                 ? 
_exptl_crystal.F_000                       ? 
_exptl_crystal.id                          1 
_exptl_crystal.preparation                 ? 
_exptl_crystal.size_max                    ? 
_exptl_crystal.size_mid                    ? 
_exptl_crystal.size_min                    ? 
_exptl_crystal.size_rad                    ? 
_exptl_crystal.colour_lustre               ? 
_exptl_crystal.colour_modifier             ? 
_exptl_crystal.colour_primary              ? 
_exptl_crystal.density_meas                ? 
_exptl_crystal.density_meas_esd            ? 
_exptl_crystal.density_meas_gt             ? 
_exptl_crystal.density_meas_lt             ? 
_exptl_crystal.density_meas_temp           ? 
_exptl_crystal.density_meas_temp_esd       ? 
_exptl_crystal.density_meas_temp_gt        ? 
_exptl_crystal.density_meas_temp_lt        ? 
_exptl_crystal.pdbx_crystal_image_url      ? 
_exptl_crystal.pdbx_crystal_image_format   ? 
_exptl_crystal.pdbx_mosaicity              ? 
_exptl_crystal.pdbx_mosaicity_esd          ? 
# 
_exptl_crystal_grow.apparatus       ? 
_exptl_crystal_grow.atmosphere      ? 
_exptl_crystal_grow.crystal_id      1 
_exptl_crystal_grow.details         ? 
_exptl_crystal_grow.method          'VAPOR DIFFUSION, SITTING DROP' 
_exptl_crystal_grow.method_ref      ? 
_exptl_crystal_grow.pH              6.6 
_exptl_crystal_grow.pressure        ? 
_exptl_crystal_grow.pressure_esd    ? 
_exptl_crystal_grow.seeding         ? 
_exptl_crystal_grow.seeding_ref     ? 
_exptl_crystal_grow.temp            291 
_exptl_crystal_grow.temp_details    ? 
_exptl_crystal_grow.temp_esd        ? 
_exptl_crystal_grow.time            ? 
_exptl_crystal_grow.pdbx_details    '0.1 M MES, pH 6.6, 17.5% PEG 550 MME' 
_exptl_crystal_grow.pdbx_pH_range   6.6 
# 
_diffrn.ambient_environment              ? 
_diffrn.ambient_temp                     100 
_diffrn.ambient_temp_details             100 
_diffrn.ambient_temp_esd                 ? 
_diffrn.crystal_id                       1 
_diffrn.crystal_support                  ? 
_diffrn.crystal_treatment                ? 
_diffrn.details                          ? 
_diffrn.id                               1 
_diffrn.ambient_pressure                 ? 
_diffrn.ambient_pressure_esd             ? 
_diffrn.ambient_pressure_gt              ? 
_diffrn.ambient_pressure_lt              ? 
_diffrn.ambient_temp_gt                  ? 
_diffrn.ambient_temp_lt                  ? 
_diffrn.pdbx_serial_crystal_experiment   Y 
# 
_diffrn_detector.details                      'Double Crystal' 
_diffrn_detector.detector                     PIXEL 
_diffrn_detector.diffrn_id                    1 
_diffrn_detector.type                         'DECTRIS PILATUS 6M-F' 
_diffrn_detector.area_resol_mean              ? 
_diffrn_detector.dtime                        ? 
_diffrn_detector.pdbx_frames_total            ? 
_diffrn_detector.pdbx_collection_time_total   ? 
_diffrn_detector.pdbx_collection_date         2015-07-29 
_diffrn_detector.pdbx_frequency               ? 
# 
_diffrn_radiation.collimation                      ? 
_diffrn_radiation.diffrn_id                        1 
_diffrn_radiation.filter_edge                      ? 
_diffrn_radiation.inhomogeneity                    ? 
_diffrn_radiation.monochromator                    ? 
_diffrn_radiation.polarisn_norm                    ? 
_diffrn_radiation.polarisn_ratio                   ? 
_diffrn_radiation.probe                            ? 
_diffrn_radiation.type                             ? 
_diffrn_radiation.xray_symbol                      ? 
_diffrn_radiation.wavelength_id                    1 
_diffrn_radiation.pdbx_monochromatic_or_laue_m_l   M 
_diffrn_radiation.pdbx_wavelength_list             ? 
_diffrn_radiation.pdbx_wavelength                  ? 
_diffrn_radiation.pdbx_diffrn_protocol             'SINGLE WAVELENGTH' 
_diffrn_radiation.pdbx_analyzer                    ? 
_diffrn_radiation.pdbx_scattering_type             x-ray 
# 
_diffrn_radiation_wavelength.id           1 
_diffrn_radiation_wavelength.wavelength   0.9801 
_diffrn_radiation_wavelength.wt           1.0 
# 
_diffrn_source.current                     ? 
_diffrn_source.details                     ? 
_diffrn_source.diffrn_id                   1 
_diffrn_source.power                       ? 
_diffrn_source.size                        ? 
_diffrn_source.source                      SYNCHROTRON 
_diffrn_source.target                      ? 
_diffrn_source.type                        'DIAMOND BEAMLINE I02' 
_diffrn_source.voltage                     ? 
_diffrn_source.take-off_angle              ? 
_diffrn_source.pdbx_wavelength_list        0.9801 
_diffrn_source.pdbx_wavelength             ? 
_diffrn_source.pdbx_synchrotron_beamline   I02 
_diffrn_source.pdbx_synchrotron_site       Diamond 
# 
_reflns.B_iso_Wilson_estimate            34.410 
_reflns.entry_id                         6TJ1 
_reflns.data_reduction_details           ? 
_reflns.data_reduction_method            ? 
_reflns.d_resolution_high                2.35 
_reflns.d_resolution_low                 54.14 
_reflns.details                          ? 
_reflns.limit_h_max                      ? 
_reflns.limit_h_min                      ? 
_reflns.limit_k_max                      ? 
_reflns.limit_k_min                      ? 
_reflns.limit_l_max                      ? 
_reflns.limit_l_min                      ? 
_reflns.number_all                       ? 
_reflns.number_obs                       8149 
_reflns.observed_criterion               ? 
_reflns.observed_criterion_F_max         ? 
_reflns.observed_criterion_F_min         ? 
_reflns.observed_criterion_I_max         ? 
_reflns.observed_criterion_I_min         ? 
_reflns.observed_criterion_sigma_F       ? 
_reflns.observed_criterion_sigma_I       3 
_reflns.percent_possible_obs             95.5 
_reflns.R_free_details                   ? 
_reflns.Rmerge_F_all                     ? 
_reflns.Rmerge_F_obs                     ? 
_reflns.Friedel_coverage                 ? 
_reflns.number_gt                        ? 
_reflns.threshold_expression             ? 
_reflns.pdbx_redundancy                  2.9 
_reflns.pdbx_Rmerge_I_obs                0.135 
_reflns.pdbx_Rmerge_I_all                ? 
_reflns.pdbx_Rsym_value                  ? 
_reflns.pdbx_netI_over_av_sigmaI         ? 
_reflns.pdbx_netI_over_sigmaI            8.8 
_reflns.pdbx_res_netI_over_av_sigmaI_2   ? 
_reflns.pdbx_res_netI_over_sigmaI_2      ? 
_reflns.pdbx_chi_squared                 ? 
_reflns.pdbx_scaling_rejects             ? 
_reflns.pdbx_d_res_high_opt              ? 
_reflns.pdbx_d_res_low_opt               ? 
_reflns.pdbx_d_res_opt_method            ? 
_reflns.phase_calculation_details        ? 
_reflns.pdbx_Rrim_I_all                  ? 
_reflns.pdbx_Rpim_I_all                  0.089 
_reflns.pdbx_d_opt                       ? 
_reflns.pdbx_number_measured_all         ? 
_reflns.pdbx_diffrn_id                   1 
_reflns.pdbx_ordinal                     1 
_reflns.pdbx_CC_half                     0.992 
_reflns.pdbx_CC_star                     ? 
_reflns.pdbx_R_split                     ? 
# 
_reflns_shell.d_res_high                  2.457622 
_reflns_shell.d_res_low                   2.52 
_reflns_shell.meanI_over_sigI_all         ? 
_reflns_shell.meanI_over_sigI_obs         1.0 
_reflns_shell.number_measured_all         ? 
_reflns_shell.number_measured_obs         ? 
_reflns_shell.number_possible             ? 
_reflns_shell.number_unique_all           ? 
_reflns_shell.number_unique_obs           7210 
_reflns_shell.percent_possible_all        95.3 
_reflns_shell.percent_possible_obs        ? 
_reflns_shell.Rmerge_F_all                ? 
_reflns_shell.Rmerge_F_obs                ? 
_reflns_shell.Rmerge_I_all                ? 
_reflns_shell.Rmerge_I_obs                0.08 
_reflns_shell.meanI_over_sigI_gt          ? 
_reflns_shell.meanI_over_uI_all           ? 
_reflns_shell.meanI_over_uI_gt            ? 
_reflns_shell.number_measured_gt          ? 
_reflns_shell.number_unique_gt            ? 
_reflns_shell.percent_possible_gt         ? 
_reflns_shell.Rmerge_F_gt                 ? 
_reflns_shell.Rmerge_I_gt                 ? 
_reflns_shell.pdbx_redundancy             2.9 
_reflns_shell.pdbx_Rsym_value             ? 
_reflns_shell.pdbx_chi_squared            ? 
_reflns_shell.pdbx_netI_over_sigmaI_all   ? 
_reflns_shell.pdbx_netI_over_sigmaI_obs   ? 
_reflns_shell.pdbx_Rrim_I_all             ? 
_reflns_shell.pdbx_Rpim_I_all             ? 
_reflns_shell.pdbx_rejects                ? 
_reflns_shell.pdbx_ordinal                1 
_reflns_shell.pdbx_diffrn_id              1 
_reflns_shell.pdbx_CC_half                0.812 
_reflns_shell.pdbx_CC_star                ? 
_reflns_shell.pdbx_R_split                ? 
# 
_refine.aniso_B[1][1]                            ? 
_refine.aniso_B[1][2]                            ? 
_refine.aniso_B[1][3]                            ? 
_refine.aniso_B[2][2]                            ? 
_refine.aniso_B[2][3]                            ? 
_refine.aniso_B[3][3]                            ? 
_refine.B_iso_max                                158.820 
_refine.B_iso_mean                               68.1204 
_refine.B_iso_min                                9.870 
_refine.correlation_coeff_Fo_to_Fc               ? 
_refine.correlation_coeff_Fo_to_Fc_free          ? 
_refine.details                                  ? 
_refine.diff_density_max                         ? 
_refine.diff_density_max_esd                     ? 
_refine.diff_density_min                         ? 
_refine.diff_density_min_esd                     ? 
_refine.diff_density_rms                         ? 
_refine.diff_density_rms_esd                     ? 
_refine.entry_id                                 6TJ1 
_refine.pdbx_refine_id                           'X-RAY DIFFRACTION' 
_refine.ls_abs_structure_details                 ? 
_refine.ls_abs_structure_Flack                   ? 
_refine.ls_abs_structure_Flack_esd               ? 
_refine.ls_abs_structure_Rogers                  ? 
_refine.ls_abs_structure_Rogers_esd              ? 
_refine.ls_d_res_high                            2.4 
_refine.ls_d_res_low                             39.5 
_refine.ls_extinction_coef                       ? 
_refine.ls_extinction_coef_esd                   ? 
_refine.ls_extinction_expression                 ? 
_refine.ls_extinction_method                     ? 
_refine.ls_goodness_of_fit_all                   ? 
_refine.ls_goodness_of_fit_all_esd               ? 
_refine.ls_goodness_of_fit_obs                   ? 
_refine.ls_goodness_of_fit_obs_esd               ? 
_refine.ls_hydrogen_treatment                    ? 
_refine.ls_matrix_type                           ? 
_refine.ls_number_constraints                    ? 
_refine.ls_number_parameters                     ? 
_refine.ls_number_reflns_all                     ? 
_refine.ls_number_reflns_obs                     7622 
_refine.ls_number_reflns_R_free                  ? 
_refine.ls_number_reflns_R_work                  ? 
_refine.ls_number_restraints                     ? 
_refine.ls_percent_reflns_obs                    95.3 
_refine.ls_percent_reflns_R_free                 0.05 
_refine.ls_R_factor_all                          ? 
_refine.ls_R_factor_obs                          0.2547 
_refine.ls_R_factor_R_free                       0.2802 
_refine.ls_R_factor_R_free_error                 ? 
_refine.ls_R_factor_R_free_error_details         ? 
_refine.ls_R_factor_R_work                       0.2539 
_refine.ls_R_Fsqd_factor_obs                     ? 
_refine.ls_R_I_factor_obs                        ? 
_refine.ls_redundancy_reflns_all                 ? 
_refine.ls_redundancy_reflns_obs                 ? 
_refine.ls_restrained_S_all                      ? 
_refine.ls_restrained_S_obs                      ? 
_refine.ls_shift_over_esd_max                    ? 
_refine.ls_shift_over_esd_mean                   ? 
_refine.ls_structure_factor_coef                 ? 
_refine.ls_weighting_details                     ? 
_refine.ls_weighting_scheme                      ? 
_refine.ls_wR_factor_all                         ? 
_refine.ls_wR_factor_obs                         ? 
_refine.ls_wR_factor_R_free                      ? 
_refine.ls_wR_factor_R_work                      ? 
_refine.occupancy_max                            ? 
_refine.occupancy_min                            ? 
_refine.solvent_model_details                    ? 
_refine.solvent_model_param_bsol                 ? 
_refine.solvent_model_param_ksol                 ? 
_refine.pdbx_R_complete                          ? 
_refine.ls_R_factor_gt                           ? 
_refine.ls_goodness_of_fit_gt                    ? 
_refine.ls_goodness_of_fit_ref                   ? 
_refine.ls_shift_over_su_max                     ? 
_refine.ls_shift_over_su_max_lt                  ? 
_refine.ls_shift_over_su_mean                    ? 
_refine.ls_shift_over_su_mean_lt                 ? 
_refine.pdbx_ls_sigma_I                          ? 
_refine.pdbx_ls_sigma_F                          ? 
_refine.pdbx_ls_sigma_Fsqd                       ? 
_refine.pdbx_data_cutoff_high_absF               ? 
_refine.pdbx_data_cutoff_high_rms_absF           ? 
_refine.pdbx_data_cutoff_low_absF                ? 
_refine.pdbx_isotropic_thermal_model             ? 
_refine.pdbx_ls_cross_valid_method               THROUGHOUT 
_refine.pdbx_method_to_determine_struct          'MOLECULAR REPLACEMENT' 
_refine.pdbx_starting_model                      'Rosetta design model' 
_refine.pdbx_stereochemistry_target_values       ? 
_refine.pdbx_R_Free_selection_details            'random selection' 
_refine.pdbx_stereochem_target_val_spec_case     ? 
_refine.pdbx_overall_ESU_R                       ? 
_refine.pdbx_overall_ESU_R_Free                  ? 
_refine.pdbx_solvent_vdw_probe_radii             ? 
_refine.pdbx_solvent_ion_probe_radii             ? 
_refine.pdbx_solvent_shrinkage_radii             ? 
_refine.pdbx_real_space_R                        ? 
_refine.pdbx_density_correlation                 ? 
_refine.pdbx_pd_number_of_powder_patterns        ? 
_refine.pdbx_pd_number_of_points                 ? 
_refine.pdbx_pd_meas_number_of_points            ? 
_refine.pdbx_pd_proc_ls_prof_R_factor            ? 
_refine.pdbx_pd_proc_ls_prof_wR_factor           ? 
_refine.pdbx_pd_Marquardt_correlation_coeff      ? 
_refine.pdbx_pd_Fsqrd_R_factor                   ? 
_refine.pdbx_pd_ls_matrix_band_width             ? 
_refine.pdbx_overall_phase_error                 ? 
_refine.pdbx_overall_SU_R_free_Cruickshank_DPI   ? 
_refine.pdbx_overall_SU_R_free_Blow_DPI          ? 
_refine.pdbx_overall_SU_R_Blow_DPI               ? 
_refine.pdbx_TLS_residual_ADP_flag               ? 
_refine.pdbx_diffrn_id                           1 
_refine.overall_SU_B                             ? 
_refine.overall_SU_ML                            ? 
_refine.overall_SU_R_Cruickshank_DPI             ? 
_refine.overall_SU_R_free                        ? 
_refine.overall_FOM_free_R_set                   ? 
_refine.overall_FOM_work_R_set                   ? 
_refine.pdbx_average_fsc_overall                 ? 
_refine.pdbx_average_fsc_work                    ? 
_refine.pdbx_average_fsc_free                    ? 
# 
_refine_hist.pdbx_refine_id                   'X-RAY DIFFRACTION' 
_refine_hist.cycle_id                         LAST 
_refine_hist.details                          ? 
_refine_hist.d_res_high                       2.4 
_refine_hist.d_res_low                        39.5 
_refine_hist.number_atoms_solvent             37 
_refine_hist.number_atoms_total               1635 
_refine_hist.number_reflns_all                ? 
_refine_hist.number_reflns_obs                ? 
_refine_hist.number_reflns_R_free             ? 
_refine_hist.number_reflns_R_work             ? 
_refine_hist.R_factor_all                     ? 
_refine_hist.R_factor_obs                     ? 
_refine_hist.R_factor_R_free                  ? 
_refine_hist.R_factor_R_work                  ? 
_refine_hist.pdbx_number_residues_total       ? 
_refine_hist.pdbx_B_iso_mean_ligand           ? 
_refine_hist.pdbx_B_iso_mean_solvent          ? 
_refine_hist.pdbx_number_atoms_protein        1598 
_refine_hist.pdbx_number_atoms_nucleic_acid   0 
_refine_hist.pdbx_number_atoms_ligand         0 
_refine_hist.pdbx_number_atoms_lipid          ? 
_refine_hist.pdbx_number_atoms_carb           ? 
_refine_hist.pdbx_pseudo_atom_details         ? 
# 
_struct.entry_id                     6TJ1 
_struct.title                        'Crystal structure of a de novo designed hexameric helical-bundle protein' 
_struct.pdbx_model_details           ? 
_struct.pdbx_formula_weight          ? 
_struct.pdbx_formula_weight_method   ? 
_struct.pdbx_model_type_details      ? 
_struct.pdbx_CASP_flag               N 
# 
_struct_keywords.entry_id        6TJ1 
_struct_keywords.text            
'Helical bundle, hexamer, computational protein design, pore, de novo protein, BIOSYNTHETIC PROTEIN' 
_struct_keywords.pdbx_keywords   'BIOSYNTHETIC PROTEIN' 
# 
loop_
_struct_asym.id 
_struct_asym.pdbx_blank_PDB_chainid_flag 
_struct_asym.pdbx_modified 
_struct_asym.entity_id 
_struct_asym.details 
A N N 1 ? 
B N N 1 ? 
C N N 1 ? 
D N N 2 ? 
E N N 3 ? 
F N N 3 ? 
G N N 3 ? 
# 
loop_
_struct_ref.id 
_struct_ref.db_name 
_struct_ref.db_code 
_struct_ref.pdbx_db_accession 
_struct_ref.pdbx_db_isoform 
_struct_ref.entity_id 
_struct_ref.pdbx_seq_one_letter_code 
_struct_ref.pdbx_align_begin 
1 PDB 6TJ1 6TJ1 ? 1 ? 1 
2 PDB 6TJ1 6TJ1 ? 2 ? 1 
# 
loop_
_struct_ref_seq.align_id 
_struct_ref_seq.ref_id 
_struct_ref_seq.pdbx_PDB_id_code 
_struct_ref_seq.pdbx_strand_id 
_struct_ref_seq.seq_align_beg 
_struct_ref_seq.pdbx_seq_align_beg_ins_code 
_struct_ref_seq.seq_align_end 
_struct_ref_seq.pdbx_seq_align_end_ins_code 
_struct_ref_seq.pdbx_db_accession 
_struct_ref_seq.db_align_beg 
_struct_ref_seq.pdbx_db_align_beg_ins_code 
_struct_ref_seq.db_align_end 
_struct_ref_seq.pdbx_db_align_end_ins_code 
_struct_ref_seq.pdbx_auth_seq_align_beg 
_struct_ref_seq.pdbx_auth_seq_align_end 
1 1 6TJ1 A 1 ? 93 ? 6TJ1 -20 ? 72 ? -20 72 
2 1 6TJ1 B 1 ? 93 ? 6TJ1 -20 ? 72 ? -20 72 
3 1 6TJ1 C 1 ? 93 ? 6TJ1 -20 ? 72 ? -20 72 
4 2 6TJ1 D 1 ? 6  ? 6TJ1 92  ? 97 ? 92  97 
# 
_pdbx_struct_assembly.id                   1 
_pdbx_struct_assembly.details              author_and_software_defined_assembly 
_pdbx_struct_assembly.method_details       PISA 
_pdbx_struct_assembly.oligomeric_details   octameric 
_pdbx_struct_assembly.oligomeric_count     8 
# 
loop_
_pdbx_struct_assembly_prop.biol_id 
_pdbx_struct_assembly_prop.type 
_pdbx_struct_assembly_prop.value 
_pdbx_struct_assembly_prop.details 
1 'ABSA (A^2)' 16880 ? 
1 MORE         -162  ? 
1 'SSA (A^2)'  19970 ? 
# 
_pdbx_struct_assembly_gen.assembly_id       1 
_pdbx_struct_assembly_gen.oper_expression   1,2 
_pdbx_struct_assembly_gen.asym_id_list      A,B,C,D,E,F,G 
# 
_pdbx_struct_assembly_auth_evidence.id                     1 
_pdbx_struct_assembly_auth_evidence.assembly_id            1 
_pdbx_struct_assembly_auth_evidence.experimental_support   'assay for oligomerization' 
_pdbx_struct_assembly_auth_evidence.details                'AUC, SAXS, Multiangle light scattering' 
# 
loop_
_pdbx_struct_oper_list.id 
_pdbx_struct_oper_list.type 
_pdbx_struct_oper_list.name 
_pdbx_struct_oper_list.symmetry_operation 
_pdbx_struct_oper_list.matrix[1][1] 
_pdbx_struct_oper_list.matrix[1][2] 
_pdbx_struct_oper_list.matrix[1][3] 
_pdbx_struct_oper_list.vector[1] 
_pdbx_struct_oper_list.matrix[2][1] 
_pdbx_struct_oper_list.matrix[2][2] 
_pdbx_struct_oper_list.matrix[2][3] 
_pdbx_struct_oper_list.vector[2] 
_pdbx_struct_oper_list.matrix[3][1] 
_pdbx_struct_oper_list.matrix[3][2] 
_pdbx_struct_oper_list.matrix[3][3] 
_pdbx_struct_oper_list.vector[3] 
1 'identity operation'         1_555 x,y,z   1.0000000000  0.0000000000  0.0000000000  0.0000000000   0.0000000000  1.0000000000  0.0000000000 0.0000000000 0.0000000000  0.0000000000 1.0000000000 0.0000000000  
2 'crystal symmetry operation' 2_555 -x,y,-z -0.9566142256 -0.0795157618 -0.2802971048 -13.4960929805 -0.0795157618 -0.8542666009 0.5137176445 8.0544125726 -0.2802971048 0.5137176445 0.8108808265 -4.3738988935 
# 
loop_
_struct_conf.conf_type_id 
_struct_conf.id 
_struct_conf.pdbx_PDB_helix_id 
_struct_conf.beg_label_comp_id 
_struct_conf.beg_label_asym_id 
_struct_conf.beg_label_seq_id 
_struct_conf.pdbx_beg_PDB_ins_code 
_struct_conf.end_label_comp_id 
_struct_conf.end_label_asym_id 
_struct_conf.end_label_seq_id 
_struct_conf.pdbx_end_PDB_ins_code 
_struct_conf.beg_auth_comp_id 
_struct_conf.beg_auth_asym_id 
_struct_conf.beg_auth_seq_id 
_struct_conf.end_auth_comp_id 
_struct_conf.end_auth_asym_id 
_struct_conf.end_auth_seq_id 
_struct_conf.pdbx_PDB_helix_class 
_struct_conf.details 
_struct_conf.pdbx_PDB_helix_length 
HELX_P HELX_P1 AA1 THR A 22 ? ILE A 53 ? THR A 1  ILE A 32 1 ? 32 
HELX_P HELX_P2 AA2 ASP A 59 ? LEU A 88 ? ASP A 38 LEU A 67 1 ? 30 
HELX_P HELX_P3 AA3 THR B 22 ? SER B 54 ? THR B 1  SER B 33 1 ? 33 
HELX_P HELX_P4 AA4 ASP B 59 ? LEU B 88 ? ASP B 38 LEU B 67 1 ? 30 
HELX_P HELX_P5 AA5 THR C 22 ? SER C 54 ? THR C 1  SER C 33 1 ? 33 
HELX_P HELX_P6 AA6 ASP C 59 ? SER C 90 ? ASP C 38 SER C 69 1 ? 32 
# 
_struct_conf_type.id          HELX_P 
_struct_conf_type.criteria    ? 
_struct_conf_type.reference   ? 
# 
loop_
_pdbx_validate_torsion.id 
_pdbx_validate_torsion.PDB_model_num 
_pdbx_validate_torsion.auth_comp_id 
_pdbx_validate_torsion.auth_asym_id 
_pdbx_validate_torsion.auth_seq_id 
_pdbx_validate_torsion.PDB_ins_code 
_pdbx_validate_torsion.label_alt_id 
_pdbx_validate_torsion.phi 
_pdbx_validate_torsion.psi 
1 1 HIS B -1 ? ? -46.37  -77.69  
2 1 SER B 33 ? ? -38.58  162.96  
3 1 LEU B 67 ? ? -83.98  39.91   
4 1 SER C 33 ? ? -174.61 -177.80 
# 
loop_
_pdbx_struct_special_symmetry.id 
_pdbx_struct_special_symmetry.PDB_model_num 
_pdbx_struct_special_symmetry.auth_asym_id 
_pdbx_struct_special_symmetry.auth_comp_id 
_pdbx_struct_special_symmetry.auth_seq_id 
_pdbx_struct_special_symmetry.PDB_ins_code 
_pdbx_struct_special_symmetry.label_asym_id 
_pdbx_struct_special_symmetry.label_comp_id 
_pdbx_struct_special_symmetry.label_seq_id 
1  1 A HOH 111 ? E HOH . 
2  1 A HOH 112 ? E HOH . 
3  1 A HOH 113 ? E HOH . 
4  1 A HOH 114 ? E HOH . 
5  1 A HOH 115 ? E HOH . 
6  1 B HOH 105 ? F HOH . 
7  1 B HOH 106 ? F HOH . 
8  1 B HOH 107 ? F HOH . 
9  1 B HOH 108 ? F HOH . 
10 1 B HOH 109 ? F HOH . 
11 1 B HOH 110 ? F HOH . 
12 1 B HOH 111 ? F HOH . 
13 1 B HOH 112 ? F HOH . 
# 
loop_
_pdbx_distant_solvent_atoms.id 
_pdbx_distant_solvent_atoms.PDB_model_num 
_pdbx_distant_solvent_atoms.auth_atom_id 
_pdbx_distant_solvent_atoms.label_alt_id 
_pdbx_distant_solvent_atoms.auth_asym_id 
_pdbx_distant_solvent_atoms.auth_comp_id 
_pdbx_distant_solvent_atoms.auth_seq_id 
_pdbx_distant_solvent_atoms.PDB_ins_code 
_pdbx_distant_solvent_atoms.neighbor_macromolecule_distance 
_pdbx_distant_solvent_atoms.neighbor_ligand_distance 
1  1 O ? A HOH 112 ? 6.11 . 
2  1 O ? A HOH 113 ? 7.28 . 
3  1 O ? A HOH 114 ? 7.68 . 
4  1 O ? A HOH 115 ? 8.02 . 
5  1 O ? B HOH 104 ? 6.03 . 
6  1 O ? B HOH 105 ? 7.10 . 
7  1 O ? B HOH 106 ? 7.58 . 
8  1 O ? B HOH 107 ? 7.58 . 
9  1 O ? B HOH 108 ? 7.70 . 
10 1 O ? B HOH 109 ? 7.79 . 
11 1 O ? B HOH 110 ? 7.89 . 
12 1 O ? B HOH 111 ? 8.04 . 
13 1 O ? B HOH 112 ? 8.21 . 
# 
loop_
_pdbx_unobs_or_zero_occ_residues.id 
_pdbx_unobs_or_zero_occ_residues.PDB_model_num 
_pdbx_unobs_or_zero_occ_residues.polymer_flag 
_pdbx_unobs_or_zero_occ_residues.occupancy_flag 
_pdbx_unobs_or_zero_occ_residues.auth_asym_id 
_pdbx_unobs_or_zero_occ_residues.auth_comp_id 
_pdbx_unobs_or_zero_occ_residues.auth_seq_id 
_pdbx_unobs_or_zero_occ_residues.PDB_ins_code 
_pdbx_unobs_or_zero_occ_residues.label_asym_id 
_pdbx_unobs_or_zero_occ_residues.label_comp_id 
_pdbx_unobs_or_zero_occ_residues.label_seq_id 
1  1 Y 1 A MET -20 ? A MET 1  
2  1 Y 1 A GLY -19 ? A GLY 2  
3  1 Y 1 A SER -18 ? A SER 3  
4  1 Y 1 A SER -17 ? A SER 4  
5  1 Y 1 A HIS -16 ? A HIS 5  
6  1 Y 1 A HIS -15 ? A HIS 6  
7  1 Y 1 A HIS -14 ? A HIS 7  
8  1 Y 1 A HIS -13 ? A HIS 8  
9  1 Y 1 A HIS -12 ? A HIS 9  
10 1 Y 1 A HIS -11 ? A HIS 10 
11 1 Y 1 A SER -10 ? A SER 11 
12 1 Y 1 A SER -9  ? A SER 12 
13 1 Y 1 A GLY -8  ? A GLY 13 
14 1 Y 1 A LEU -7  ? A LEU 14 
15 1 Y 1 A VAL -6  ? A VAL 15 
16 1 Y 1 A PRO -5  ? A PRO 16 
17 1 Y 1 A LYS 34  ? A LYS 55 
18 1 Y 1 A THR 35  ? A THR 56 
19 1 Y 1 A ASP 36  ? A ASP 57 
20 1 Y 1 A ARG 70  ? A ARG 91 
21 1 Y 1 A ASN 71  ? A ASN 92 
22 1 Y 1 A GLY 72  ? A GLY 93 
23 1 Y 1 B MET -20 ? B MET 1  
24 1 Y 1 B GLY -19 ? B GLY 2  
25 1 Y 1 B SER -18 ? B SER 3  
26 1 Y 1 B SER -17 ? B SER 4  
27 1 Y 1 B HIS -16 ? B HIS 5  
28 1 Y 1 B HIS -15 ? B HIS 6  
29 1 Y 1 B HIS -14 ? B HIS 7  
30 1 Y 1 B HIS -13 ? B HIS 8  
31 1 Y 1 B HIS -12 ? B HIS 9  
32 1 Y 1 B HIS -11 ? B HIS 10 
33 1 Y 1 B SER -10 ? B SER 11 
34 1 Y 1 B SER -9  ? B SER 12 
35 1 Y 1 B GLY -8  ? B GLY 13 
36 1 Y 1 B LEU -7  ? B LEU 14 
37 1 Y 1 B VAL -6  ? B VAL 15 
38 1 Y 1 B PRO -5  ? B PRO 16 
39 1 Y 1 B ASP 36  ? B ASP 57 
40 1 Y 1 B SER 69  ? B SER 90 
41 1 Y 1 B ARG 70  ? B ARG 91 
42 1 Y 1 B ASN 71  ? B ASN 92 
43 1 Y 1 B GLY 72  ? B GLY 93 
44 1 Y 1 C MET -20 ? C MET 1  
45 1 Y 1 C GLY -19 ? C GLY 2  
46 1 Y 1 C SER -18 ? C SER 3  
47 1 Y 1 C SER -17 ? C SER 4  
48 1 Y 1 C HIS -16 ? C HIS 5  
49 1 Y 1 C HIS -15 ? C HIS 6  
50 1 Y 1 C HIS -14 ? C HIS 7  
51 1 Y 1 C HIS -13 ? C HIS 8  
52 1 Y 1 C HIS -12 ? C HIS 9  
53 1 Y 1 C HIS -11 ? C HIS 10 
54 1 Y 1 C SER -10 ? C SER 11 
55 1 Y 1 C SER -9  ? C SER 12 
56 1 Y 1 C GLY -8  ? C GLY 13 
57 1 Y 1 C LEU -7  ? C LEU 14 
58 1 Y 1 C THR 35  ? C THR 56 
59 1 Y 1 C ASP 36  ? C ASP 57 
60 1 Y 1 C ARG 70  ? C ARG 91 
61 1 Y 1 C ASN 71  ? C ASN 92 
62 1 Y 1 C GLY 72  ? C GLY 93 
# 
loop_
_chem_comp_atom.comp_id 
_chem_comp_atom.atom_id 
_chem_comp_atom.type_symbol 
_chem_comp_atom.pdbx_aromatic_flag 
_chem_comp_atom.pdbx_stereo_config 
_chem_comp_atom.pdbx_ordinal 
ALA N    N N N 1   
ALA CA   C N S 2   
ALA C    C N N 3   
ALA O    O N N 4   
ALA CB   C N N 5   
ALA OXT  O N N 6   
ALA H    H N N 7   
ALA H2   H N N 8   
ALA HA   H N N 9   
ALA HB1  H N N 10  
ALA HB2  H N N 11  
ALA HB3  H N N 12  
ALA HXT  H N N 13  
ARG N    N N N 14  
ARG CA   C N S 15  
ARG C    C N N 16  
ARG O    O N N 17  
ARG CB   C N N 18  
ARG CG   C N N 19  
ARG CD   C N N 20  
ARG NE   N N N 21  
ARG CZ   C N N 22  
ARG NH1  N N N 23  
ARG NH2  N N N 24  
ARG OXT  O N N 25  
ARG H    H N N 26  
ARG H2   H N N 27  
ARG HA   H N N 28  
ARG HB2  H N N 29  
ARG HB3  H N N 30  
ARG HG2  H N N 31  
ARG HG3  H N N 32  
ARG HD2  H N N 33  
ARG HD3  H N N 34  
ARG HE   H N N 35  
ARG HH11 H N N 36  
ARG HH12 H N N 37  
ARG HH21 H N N 38  
ARG HH22 H N N 39  
ARG HXT  H N N 40  
ASN N    N N N 41  
ASN CA   C N S 42  
ASN C    C N N 43  
ASN O    O N N 44  
ASN CB   C N N 45  
ASN CG   C N N 46  
ASN OD1  O N N 47  
ASN ND2  N N N 48  
ASN OXT  O N N 49  
ASN H    H N N 50  
ASN H2   H N N 51  
ASN HA   H N N 52  
ASN HB2  H N N 53  
ASN HB3  H N N 54  
ASN HD21 H N N 55  
ASN HD22 H N N 56  
ASN HXT  H N N 57  
ASP N    N N N 58  
ASP CA   C N S 59  
ASP C    C N N 60  
ASP O    O N N 61  
ASP CB   C N N 62  
ASP CG   C N N 63  
ASP OD1  O N N 64  
ASP OD2  O N N 65  
ASP OXT  O N N 66  
ASP H    H N N 67  
ASP H2   H N N 68  
ASP HA   H N N 69  
ASP HB2  H N N 70  
ASP HB3  H N N 71  
ASP HD2  H N N 72  
ASP HXT  H N N 73  
GLN N    N N N 74  
GLN CA   C N S 75  
GLN C    C N N 76  
GLN O    O N N 77  
GLN CB   C N N 78  
GLN CG   C N N 79  
GLN CD   C N N 80  
GLN OE1  O N N 81  
GLN NE2  N N N 82  
GLN OXT  O N N 83  
GLN H    H N N 84  
GLN H2   H N N 85  
GLN HA   H N N 86  
GLN HB2  H N N 87  
GLN HB3  H N N 88  
GLN HG2  H N N 89  
GLN HG3  H N N 90  
GLN HE21 H N N 91  
GLN HE22 H N N 92  
GLN HXT  H N N 93  
GLU N    N N N 94  
GLU CA   C N S 95  
GLU C    C N N 96  
GLU O    O N N 97  
GLU CB   C N N 98  
GLU CG   C N N 99  
GLU CD   C N N 100 
GLU OE1  O N N 101 
GLU OE2  O N N 102 
GLU OXT  O N N 103 
GLU H    H N N 104 
GLU H2   H N N 105 
GLU HA   H N N 106 
GLU HB2  H N N 107 
GLU HB3  H N N 108 
GLU HG2  H N N 109 
GLU HG3  H N N 110 
GLU HE2  H N N 111 
GLU HXT  H N N 112 
GLY N    N N N 113 
GLY CA   C N N 114 
GLY C    C N N 115 
GLY O    O N N 116 
GLY OXT  O N N 117 
GLY H    H N N 118 
GLY H2   H N N 119 
GLY HA2  H N N 120 
GLY HA3  H N N 121 
GLY HXT  H N N 122 
HIS N    N N N 123 
HIS CA   C N S 124 
HIS C    C N N 125 
HIS O    O N N 126 
HIS CB   C N N 127 
HIS CG   C Y N 128 
HIS ND1  N Y N 129 
HIS CD2  C Y N 130 
HIS CE1  C Y N 131 
HIS NE2  N Y N 132 
HIS OXT  O N N 133 
HIS H    H N N 134 
HIS H2   H N N 135 
HIS HA   H N N 136 
HIS HB2  H N N 137 
HIS HB3  H N N 138 
HIS HD1  H N N 139 
HIS HD2  H N N 140 
HIS HE1  H N N 141 
HIS HE2  H N N 142 
HIS HXT  H N N 143 
HOH O    O N N 144 
HOH H1   H N N 145 
HOH H2   H N N 146 
ILE N    N N N 147 
ILE CA   C N S 148 
ILE C    C N N 149 
ILE O    O N N 150 
ILE CB   C N S 151 
ILE CG1  C N N 152 
ILE CG2  C N N 153 
ILE CD1  C N N 154 
ILE OXT  O N N 155 
ILE H    H N N 156 
ILE H2   H N N 157 
ILE HA   H N N 158 
ILE HB   H N N 159 
ILE HG12 H N N 160 
ILE HG13 H N N 161 
ILE HG21 H N N 162 
ILE HG22 H N N 163 
ILE HG23 H N N 164 
ILE HD11 H N N 165 
ILE HD12 H N N 166 
ILE HD13 H N N 167 
ILE HXT  H N N 168 
LEU N    N N N 169 
LEU CA   C N S 170 
LEU C    C N N 171 
LEU O    O N N 172 
LEU CB   C N N 173 
LEU CG   C N N 174 
LEU CD1  C N N 175 
LEU CD2  C N N 176 
LEU OXT  O N N 177 
LEU H    H N N 178 
LEU H2   H N N 179 
LEU HA   H N N 180 
LEU HB2  H N N 181 
LEU HB3  H N N 182 
LEU HG   H N N 183 
LEU HD11 H N N 184 
LEU HD12 H N N 185 
LEU HD13 H N N 186 
LEU HD21 H N N 187 
LEU HD22 H N N 188 
LEU HD23 H N N 189 
LEU HXT  H N N 190 
LYS N    N N N 191 
LYS CA   C N S 192 
LYS C    C N N 193 
LYS O    O N N 194 
LYS CB   C N N 195 
LYS CG   C N N 196 
LYS CD   C N N 197 
LYS CE   C N N 198 
LYS NZ   N N N 199 
LYS OXT  O N N 200 
LYS H    H N N 201 
LYS H2   H N N 202 
LYS HA   H N N 203 
LYS HB2  H N N 204 
LYS HB3  H N N 205 
LYS HG2  H N N 206 
LYS HG3  H N N 207 
LYS HD2  H N N 208 
LYS HD3  H N N 209 
LYS HE2  H N N 210 
LYS HE3  H N N 211 
LYS HZ1  H N N 212 
LYS HZ2  H N N 213 
LYS HZ3  H N N 214 
LYS HXT  H N N 215 
MET N    N N N 216 
MET CA   C N S 217 
MET C    C N N 218 
MET O    O N N 219 
MET CB   C N N 220 
MET CG   C N N 221 
MET SD   S N N 222 
MET CE   C N N 223 
MET OXT  O N N 224 
MET H    H N N 225 
MET H2   H N N 226 
MET HA   H N N 227 
MET HB2  H N N 228 
MET HB3  H N N 229 
MET HG2  H N N 230 
MET HG3  H N N 231 
MET HE1  H N N 232 
MET HE2  H N N 233 
MET HE3  H N N 234 
MET HXT  H N N 235 
PRO N    N N N 236 
PRO CA   C N S 237 
PRO C    C N N 238 
PRO O    O N N 239 
PRO CB   C N N 240 
PRO CG   C N N 241 
PRO CD   C N N 242 
PRO OXT  O N N 243 
PRO H    H N N 244 
PRO HA   H N N 245 
PRO HB2  H N N 246 
PRO HB3  H N N 247 
PRO HG2  H N N 248 
PRO HG3  H N N 249 
PRO HD2  H N N 250 
PRO HD3  H N N 251 
PRO HXT  H N N 252 
SER N    N N N 253 
SER CA   C N S 254 
SER C    C N N 255 
SER O    O N N 256 
SER CB   C N N 257 
SER OG   O N N 258 
SER OXT  O N N 259 
SER H    H N N 260 
SER H2   H N N 261 
SER HA   H N N 262 
SER HB2  H N N 263 
SER HB3  H N N 264 
SER HG   H N N 265 
SER HXT  H N N 266 
THR N    N N N 267 
THR CA   C N S 268 
THR C    C N N 269 
THR O    O N N 270 
THR CB   C N R 271 
THR OG1  O N N 272 
THR CG2  C N N 273 
THR OXT  O N N 274 
THR H    H N N 275 
THR H2   H N N 276 
THR HA   H N N 277 
THR HB   H N N 278 
THR HG1  H N N 279 
THR HG21 H N N 280 
THR HG22 H N N 281 
THR HG23 H N N 282 
THR HXT  H N N 283 
TYR N    N N N 284 
TYR CA   C N S 285 
TYR C    C N N 286 
TYR O    O N N 287 
TYR CB   C N N 288 
TYR CG   C Y N 289 
TYR CD1  C Y N 290 
TYR CD2  C Y N 291 
TYR CE1  C Y N 292 
TYR CE2  C Y N 293 
TYR CZ   C Y N 294 
TYR OH   O N N 295 
TYR OXT  O N N 296 
TYR H    H N N 297 
TYR H2   H N N 298 
TYR HA   H N N 299 
TYR HB2  H N N 300 
TYR HB3  H N N 301 
TYR HD1  H N N 302 
TYR HD2  H N N 303 
TYR HE1  H N N 304 
TYR HE2  H N N 305 
TYR HH   H N N 306 
TYR HXT  H N N 307 
VAL N    N N N 308 
VAL CA   C N S 309 
VAL C    C N N 310 
VAL O    O N N 311 
VAL CB   C N N 312 
VAL CG1  C N N 313 
VAL CG2  C N N 314 
VAL OXT  O N N 315 
VAL H    H N N 316 
VAL H2   H N N 317 
VAL HA   H N N 318 
VAL HB   H N N 319 
VAL HG11 H N N 320 
VAL HG12 H N N 321 
VAL HG13 H N N 322 
VAL HG21 H N N 323 
VAL HG22 H N N 324 
VAL HG23 H N N 325 
VAL HXT  H N N 326 
# 
loop_
_chem_comp_bond.comp_id 
_chem_comp_bond.atom_id_1 
_chem_comp_bond.atom_id_2 
_chem_comp_bond.value_order 
_chem_comp_bond.pdbx_aromatic_flag 
_chem_comp_bond.pdbx_stereo_config 
_chem_comp_bond.pdbx_ordinal 
ALA N   CA   sing N N 1   
ALA N   H    sing N N 2   
ALA N   H2   sing N N 3   
ALA CA  C    sing N N 4   
ALA CA  CB   sing N N 5   
ALA CA  HA   sing N N 6   
ALA C   O    doub N N 7   
ALA C   OXT  sing N N 8   
ALA CB  HB1  sing N N 9   
ALA CB  HB2  sing N N 10  
ALA CB  HB3  sing N N 11  
ALA OXT HXT  sing N N 12  
ARG N   CA   sing N N 13  
ARG N   H    sing N N 14  
ARG N   H2   sing N N 15  
ARG CA  C    sing N N 16  
ARG CA  CB   sing N N 17  
ARG CA  HA   sing N N 18  
ARG C   O    doub N N 19  
ARG C   OXT  sing N N 20  
ARG CB  CG   sing N N 21  
ARG CB  HB2  sing N N 22  
ARG CB  HB3  sing N N 23  
ARG CG  CD   sing N N 24  
ARG CG  HG2  sing N N 25  
ARG CG  HG3  sing N N 26  
ARG CD  NE   sing N N 27  
ARG CD  HD2  sing N N 28  
ARG CD  HD3  sing N N 29  
ARG NE  CZ   sing N N 30  
ARG NE  HE   sing N N 31  
ARG CZ  NH1  sing N N 32  
ARG CZ  NH2  doub N N 33  
ARG NH1 HH11 sing N N 34  
ARG NH1 HH12 sing N N 35  
ARG NH2 HH21 sing N N 36  
ARG NH2 HH22 sing N N 37  
ARG OXT HXT  sing N N 38  
ASN N   CA   sing N N 39  
ASN N   H    sing N N 40  
ASN N   H2   sing N N 41  
ASN CA  C    sing N N 42  
ASN CA  CB   sing N N 43  
ASN CA  HA   sing N N 44  
ASN C   O    doub N N 45  
ASN C   OXT  sing N N 46  
ASN CB  CG   sing N N 47  
ASN CB  HB2  sing N N 48  
ASN CB  HB3  sing N N 49  
ASN CG  OD1  doub N N 50  
ASN CG  ND2  sing N N 51  
ASN ND2 HD21 sing N N 52  
ASN ND2 HD22 sing N N 53  
ASN OXT HXT  sing N N 54  
ASP N   CA   sing N N 55  
ASP N   H    sing N N 56  
ASP N   H2   sing N N 57  
ASP CA  C    sing N N 58  
ASP CA  CB   sing N N 59  
ASP CA  HA   sing N N 60  
ASP C   O    doub N N 61  
ASP C   OXT  sing N N 62  
ASP CB  CG   sing N N 63  
ASP CB  HB2  sing N N 64  
ASP CB  HB3  sing N N 65  
ASP CG  OD1  doub N N 66  
ASP CG  OD2  sing N N 67  
ASP OD2 HD2  sing N N 68  
ASP OXT HXT  sing N N 69  
GLN N   CA   sing N N 70  
GLN N   H    sing N N 71  
GLN N   H2   sing N N 72  
GLN CA  C    sing N N 73  
GLN CA  CB   sing N N 74  
GLN CA  HA   sing N N 75  
GLN C   O    doub N N 76  
GLN C   OXT  sing N N 77  
GLN CB  CG   sing N N 78  
GLN CB  HB2  sing N N 79  
GLN CB  HB3  sing N N 80  
GLN CG  CD   sing N N 81  
GLN CG  HG2  sing N N 82  
GLN CG  HG3  sing N N 83  
GLN CD  OE1  doub N N 84  
GLN CD  NE2  sing N N 85  
GLN NE2 HE21 sing N N 86  
GLN NE2 HE22 sing N N 87  
GLN OXT HXT  sing N N 88  
GLU N   CA   sing N N 89  
GLU N   H    sing N N 90  
GLU N   H2   sing N N 91  
GLU CA  C    sing N N 92  
GLU CA  CB   sing N N 93  
GLU CA  HA   sing N N 94  
GLU C   O    doub N N 95  
GLU C   OXT  sing N N 96  
GLU CB  CG   sing N N 97  
GLU CB  HB2  sing N N 98  
GLU CB  HB3  sing N N 99  
GLU CG  CD   sing N N 100 
GLU CG  HG2  sing N N 101 
GLU CG  HG3  sing N N 102 
GLU CD  OE1  doub N N 103 
GLU CD  OE2  sing N N 104 
GLU OE2 HE2  sing N N 105 
GLU OXT HXT  sing N N 106 
GLY N   CA   sing N N 107 
GLY N   H    sing N N 108 
GLY N   H2   sing N N 109 
GLY CA  C    sing N N 110 
GLY CA  HA2  sing N N 111 
GLY CA  HA3  sing N N 112 
GLY C   O    doub N N 113 
GLY C   OXT  sing N N 114 
GLY OXT HXT  sing N N 115 
HIS N   CA   sing N N 116 
HIS N   H    sing N N 117 
HIS N   H2   sing N N 118 
HIS CA  C    sing N N 119 
HIS CA  CB   sing N N 120 
HIS CA  HA   sing N N 121 
HIS C   O    doub N N 122 
HIS C   OXT  sing N N 123 
HIS CB  CG   sing N N 124 
HIS CB  HB2  sing N N 125 
HIS CB  HB3  sing N N 126 
HIS CG  ND1  sing Y N 127 
HIS CG  CD2  doub Y N 128 
HIS ND1 CE1  doub Y N 129 
HIS ND1 HD1  sing N N 130 
HIS CD2 NE2  sing Y N 131 
HIS CD2 HD2  sing N N 132 
HIS CE1 NE2  sing Y N 133 
HIS CE1 HE1  sing N N 134 
HIS NE2 HE2  sing N N 135 
HIS OXT HXT  sing N N 136 
HOH O   H1   sing N N 137 
HOH O   H2   sing N N 138 
ILE N   CA   sing N N 139 
ILE N   H    sing N N 140 
ILE N   H2   sing N N 141 
ILE CA  C    sing N N 142 
ILE CA  CB   sing N N 143 
ILE CA  HA   sing N N 144 
ILE C   O    doub N N 145 
ILE C   OXT  sing N N 146 
ILE CB  CG1  sing N N 147 
ILE CB  CG2  sing N N 148 
ILE CB  HB   sing N N 149 
ILE CG1 CD1  sing N N 150 
ILE CG1 HG12 sing N N 151 
ILE CG1 HG13 sing N N 152 
ILE CG2 HG21 sing N N 153 
ILE CG2 HG22 sing N N 154 
ILE CG2 HG23 sing N N 155 
ILE CD1 HD11 sing N N 156 
ILE CD1 HD12 sing N N 157 
ILE CD1 HD13 sing N N 158 
ILE OXT HXT  sing N N 159 
LEU N   CA   sing N N 160 
LEU N   H    sing N N 161 
LEU N   H2   sing N N 162 
LEU CA  C    sing N N 163 
LEU CA  CB   sing N N 164 
LEU CA  HA   sing N N 165 
LEU C   O    doub N N 166 
LEU C   OXT  sing N N 167 
LEU CB  CG   sing N N 168 
LEU CB  HB2  sing N N 169 
LEU CB  HB3  sing N N 170 
LEU CG  CD1  sing N N 171 
LEU CG  CD2  sing N N 172 
LEU CG  HG   sing N N 173 
LEU CD1 HD11 sing N N 174 
LEU CD1 HD12 sing N N 175 
LEU CD1 HD13 sing N N 176 
LEU CD2 HD21 sing N N 177 
LEU CD2 HD22 sing N N 178 
LEU CD2 HD23 sing N N 179 
LEU OXT HXT  sing N N 180 
LYS N   CA   sing N N 181 
LYS N   H    sing N N 182 
LYS N   H2   sing N N 183 
LYS CA  C    sing N N 184 
LYS CA  CB   sing N N 185 
LYS CA  HA   sing N N 186 
LYS C   O    doub N N 187 
LYS C   OXT  sing N N 188 
LYS CB  CG   sing N N 189 
LYS CB  HB2  sing N N 190 
LYS CB  HB3  sing N N 191 
LYS CG  CD   sing N N 192 
LYS CG  HG2  sing N N 193 
LYS CG  HG3  sing N N 194 
LYS CD  CE   sing N N 195 
LYS CD  HD2  sing N N 196 
LYS CD  HD3  sing N N 197 
LYS CE  NZ   sing N N 198 
LYS CE  HE2  sing N N 199 
LYS CE  HE3  sing N N 200 
LYS NZ  HZ1  sing N N 201 
LYS NZ  HZ2  sing N N 202 
LYS NZ  HZ3  sing N N 203 
LYS OXT HXT  sing N N 204 
MET N   CA   sing N N 205 
MET N   H    sing N N 206 
MET N   H2   sing N N 207 
MET CA  C    sing N N 208 
MET CA  CB   sing N N 209 
MET CA  HA   sing N N 210 
MET C   O    doub N N 211 
MET C   OXT  sing N N 212 
MET CB  CG   sing N N 213 
MET CB  HB2  sing N N 214 
MET CB  HB3  sing N N 215 
MET CG  SD   sing N N 216 
MET CG  HG2  sing N N 217 
MET CG  HG3  sing N N 218 
MET SD  CE   sing N N 219 
MET CE  HE1  sing N N 220 
MET CE  HE2  sing N N 221 
MET CE  HE3  sing N N 222 
MET OXT HXT  sing N N 223 
PRO N   CA   sing N N 224 
PRO N   CD   sing N N 225 
PRO N   H    sing N N 226 
PRO CA  C    sing N N 227 
PRO CA  CB   sing N N 228 
PRO CA  HA   sing N N 229 
PRO C   O    doub N N 230 
PRO C   OXT  sing N N 231 
PRO CB  CG   sing N N 232 
PRO CB  HB2  sing N N 233 
PRO CB  HB3  sing N N 234 
PRO CG  CD   sing N N 235 
PRO CG  HG2  sing N N 236 
PRO CG  HG3  sing N N 237 
PRO CD  HD2  sing N N 238 
PRO CD  HD3  sing N N 239 
PRO OXT HXT  sing N N 240 
SER N   CA   sing N N 241 
SER N   H    sing N N 242 
SER N   H2   sing N N 243 
SER CA  C    sing N N 244 
SER CA  CB   sing N N 245 
SER CA  HA   sing N N 246 
SER C   O    doub N N 247 
SER C   OXT  sing N N 248 
SER CB  OG   sing N N 249 
SER CB  HB2  sing N N 250 
SER CB  HB3  sing N N 251 
SER OG  HG   sing N N 252 
SER OXT HXT  sing N N 253 
THR N   CA   sing N N 254 
THR N   H    sing N N 255 
THR N   H2   sing N N 256 
THR CA  C    sing N N 257 
THR CA  CB   sing N N 258 
THR CA  HA   sing N N 259 
THR C   O    doub N N 260 
THR C   OXT  sing N N 261 
THR CB  OG1  sing N N 262 
THR CB  CG2  sing N N 263 
THR CB  HB   sing N N 264 
THR OG1 HG1  sing N N 265 
THR CG2 HG21 sing N N 266 
THR CG2 HG22 sing N N 267 
THR CG2 HG23 sing N N 268 
THR OXT HXT  sing N N 269 
TYR N   CA   sing N N 270 
TYR N   H    sing N N 271 
TYR N   H2   sing N N 272 
TYR CA  C    sing N N 273 
TYR CA  CB   sing N N 274 
TYR CA  HA   sing N N 275 
TYR C   O    doub N N 276 
TYR C   OXT  sing N N 277 
TYR CB  CG   sing N N 278 
TYR CB  HB2  sing N N 279 
TYR CB  HB3  sing N N 280 
TYR CG  CD1  doub Y N 281 
TYR CG  CD2  sing Y N 282 
TYR CD1 CE1  sing Y N 283 
TYR CD1 HD1  sing N N 284 
TYR CD2 CE2  doub Y N 285 
TYR CD2 HD2  sing N N 286 
TYR CE1 CZ   doub Y N 287 
TYR CE1 HE1  sing N N 288 
TYR CE2 CZ   sing Y N 289 
TYR CE2 HE2  sing N N 290 
TYR CZ  OH   sing N N 291 
TYR OH  HH   sing N N 292 
TYR OXT HXT  sing N N 293 
VAL N   CA   sing N N 294 
VAL N   H    sing N N 295 
VAL N   H2   sing N N 296 
VAL CA  C    sing N N 297 
VAL CA  CB   sing N N 298 
VAL CA  HA   sing N N 299 
VAL C   O    doub N N 300 
VAL C   OXT  sing N N 301 
VAL CB  CG1  sing N N 302 
VAL CB  CG2  sing N N 303 
VAL CB  HB   sing N N 304 
VAL CG1 HG11 sing N N 305 
VAL CG1 HG12 sing N N 306 
VAL CG1 HG13 sing N N 307 
VAL CG2 HG21 sing N N 308 
VAL CG2 HG22 sing N N 309 
VAL CG2 HG23 sing N N 310 
VAL OXT HXT  sing N N 311 
# 
_pdbx_audit_support.funding_organization   'United States Department of Agriculture (USDA)' 
_pdbx_audit_support.country                'United States' 
_pdbx_audit_support.grant_number           FA9550-18-1-0297 
_pdbx_audit_support.ordinal                1 
# 
_pdbx_initial_refinement_model.accession_code   ? 
_pdbx_initial_refinement_model.id               1 
_pdbx_initial_refinement_model.entity_id_list   ? 
_pdbx_initial_refinement_model.type             'in silico model' 
_pdbx_initial_refinement_model.source_name      ? 
_pdbx_initial_refinement_model.details          'Rosetta design model' 
# 
_pdbx_serial_crystallography_sample_delivery.diffrn_id     1 
_pdbx_serial_crystallography_sample_delivery.description   ? 
_pdbx_serial_crystallography_sample_delivery.method        'fixed target' 
# 
_atom_sites.entry_id                    6TJ1 
_atom_sites.Cartn_transf_matrix[1][1]   ? 
_atom_sites.Cartn_transf_matrix[1][2]   ? 
_atom_sites.Cartn_transf_matrix[1][3]   ? 
_atom_sites.Cartn_transf_matrix[2][1]   ? 
_atom_sites.Cartn_transf_matrix[2][2]   ? 
_atom_sites.Cartn_transf_matrix[2][3]   ? 
_atom_sites.Cartn_transf_matrix[3][1]   ? 
_atom_sites.Cartn_transf_matrix[3][2]   ? 
_atom_sites.Cartn_transf_matrix[3][3]   ? 
_atom_sites.Cartn_transf_vector[1]      ? 
_atom_sites.Cartn_transf_vector[2]      ? 
_atom_sites.Cartn_transf_vector[3]      ? 
_atom_sites.fract_transf_matrix[1][1]   -0.01851590 
_atom_sites.fract_transf_matrix[1][2]   -0.01163431 
_atom_sites.fract_transf_matrix[1][3]   0.00043448 
_atom_sites.fract_transf_matrix[2][1]   0.00272094 
_atom_sites.fract_transf_matrix[2][2]   -0.00498684 
_atom_sites.fract_transf_matrix[2][3]   -0.01757887 
_atom_sites.fract_transf_matrix[3][1]   0.00646095 
_atom_sites.fract_transf_matrix[3][2]   -0.01013780 
_atom_sites.fract_transf_matrix[3][3]   0.00387599 
_atom_sites.fract_transf_vector[1]      -0.077142 
_atom_sites.fract_transf_vector[2]      -0.340734 
_atom_sites.fract_transf_vector[3]      0.092902 
_atom_sites.solution_primary            ? 
_atom_sites.solution_secondary          ? 
_atom_sites.solution_hydrogens          ? 
_atom_sites.special_details             ? 
# 
loop_
_atom_type.symbol 
C 
H 
N 
O 
S 
# 
loop_
_atom_site.group_PDB 
_atom_site.id 
_atom_site.type_symbol 
_atom_site.label_atom_id 
_atom_site.label_alt_id 
_atom_site.label_comp_id 
_atom_site.label_asym_id 
_atom_site.label_entity_id 
_atom_site.label_seq_id 
_atom_site.pdbx_PDB_ins_code 
_atom_site.Cartn_x 
_atom_site.Cartn_y 
_atom_site.Cartn_z 
_atom_site.occupancy 
_atom_site.B_iso_or_equiv 
_atom_site.pdbx_formal_charge 
_atom_site.auth_seq_id 
_atom_site.auth_comp_id 
_atom_site.auth_asym_id 
_atom_site.auth_atom_id 
_atom_site.pdbx_PDB_model_num 
ATOM   1    N N   . ARG A 1 17 ? 7.275   -4.474  -27.946 1.00 100.65 ? -4  ARG A N   1 
ATOM   2    C CA  . ARG A 1 17 ? 7.570   -5.325  -26.755 1.00 105.65 ? -4  ARG A CA  1 
ATOM   3    C C   . ARG A 1 17 ? 7.074   -4.678  -25.469 1.00 131.83 ? -4  ARG A C   1 
ATOM   4    O O   . ARG A 1 17 ? 7.769   -3.874  -24.850 1.00 140.76 ? -4  ARG A O   1 
ATOM   5    C CB  . ARG A 1 17 ? 9.070   -5.606  -26.648 1.00 116.11 ? -4  ARG A CB  1 
ATOM   6    N N   . GLY A 1 18 ? 5.863   -5.061  -25.076 1.00 132.01 ? -3  GLY A N   1 
ATOM   7    C CA  . GLY A 1 18 ? 5.214   -4.525  -23.897 1.00 134.18 ? -3  GLY A CA  1 
ATOM   8    C C   . GLY A 1 18 ? 5.744   -5.069  -22.587 1.00 129.80 ? -3  GLY A C   1 
ATOM   9    O O   . GLY A 1 18 ? 6.458   -4.364  -21.866 1.00 130.00 ? -3  GLY A O   1 
ATOM   10   N N   . SER A 1 19 ? 5.403   -6.315  -22.261 1.00 128.53 ? -2  SER A N   1 
ATOM   11   C CA  . SER A 1 19 ? 5.755   -6.894  -20.974 1.00 130.32 ? -2  SER A CA  1 
ATOM   12   C C   . SER A 1 19 ? 6.971   -7.804  -21.090 1.00 123.52 ? -2  SER A C   1 
ATOM   13   O O   . SER A 1 19 ? 7.161   -8.505  -22.089 1.00 115.83 ? -2  SER A O   1 
ATOM   14   C CB  . SER A 1 19 ? 4.579   -7.690  -20.405 1.00 121.31 ? -2  SER A CB  1 
ATOM   15   N N   . HIS A 1 20 ? 7.825   -7.747  -20.061 1.00 125.63 ? -1  HIS A N   1 
ATOM   16   C CA  . HIS A 1 20 ? 9.094   -8.472  -20.023 1.00 129.08 ? -1  HIS A CA  1 
ATOM   17   C C   . HIS A 1 20 ? 9.389   -8.928  -18.586 1.00 129.44 ? -1  HIS A C   1 
ATOM   18   O O   . HIS A 1 20 ? 10.282  -8.411  -17.914 1.00 129.92 ? -1  HIS A O   1 
ATOM   19   C CB  . HIS A 1 20 ? 10.238  -7.613  -20.570 1.00 115.43 ? -1  HIS A CB  1 
ATOM   20   N N   . MET A 1 21 ? 8.654   -9.924  -18.083 1.00 127.01 ? 0   MET A N   1 
ATOM   21   C CA  . MET A 1 21 ? 8.796   -10.348 -16.691 1.00 130.19 ? 0   MET A CA  1 
ATOM   22   C C   . MET A 1 21 ? 9.090   -11.840 -16.602 1.00 136.96 ? 0   MET A C   1 
ATOM   23   O O   . MET A 1 21 ? 8.591   -12.629 -17.409 1.00 140.14 ? 0   MET A O   1 
ATOM   24   C CB  . MET A 1 21 ? 7.528   -10.033 -15.888 1.00 112.80 ? 0   MET A CB  1 
ATOM   25   N N   . THR A 1 22 ? 9.918   -12.213 -15.625 1.00 128.54 ? 1   THR A N   1 
ATOM   26   C CA  . THR A 1 22 ? 10.255  -13.615 -15.402 1.00 128.20 ? 1   THR A CA  1 
ATOM   27   C C   . THR A 1 22 ? 9.038   -14.382 -14.889 1.00 108.25 ? 1   THR A C   1 
ATOM   28   O O   . THR A 1 22 ? 8.313   -13.909 -14.010 1.00 101.97 ? 1   THR A O   1 
ATOM   29   C CB  . THR A 1 22 ? 11.409  -13.740 -14.407 1.00 110.71 ? 1   THR A CB  1 
ATOM   30   N N   . GLU A 1 23 ? 8.825   -15.586 -15.429 1.00 112.30 ? 2   GLU A N   1 
ATOM   31   C CA  . GLU A 1 23 ? 7.691   -16.399 -14.997 1.00 112.32 ? 2   GLU A CA  1 
ATOM   32   C C   . GLU A 1 23 ? 7.750   -16.713 -13.505 1.00 101.36 ? 2   GLU A C   1 
ATOM   33   O O   . GLU A 1 23 ? 6.719   -16.696 -12.819 1.00 100.79 ? 2   GLU A O   1 
ATOM   34   C CB  . GLU A 1 23 ? 7.648   -17.692 -15.809 1.00 112.72 ? 2   GLU A CB  1 
ATOM   35   N N   . ASP A 1 24 ? 8.950   -16.978 -12.979 1.00 116.12 ? 3   ASP A N   1 
ATOM   36   C CA  . ASP A 1 24 ? 9.082   -17.294 -11.558 1.00 110.82 ? 3   ASP A CA  1 
ATOM   37   C C   . ASP A 1 24 ? 8.730   -16.095 -10.687 1.00 97.19  ? 3   ASP A C   1 
ATOM   38   O O   . ASP A 1 24 ? 8.099   -16.246 -9.633  1.00 76.71  ? 3   ASP A O   1 
ATOM   39   C CB  . ASP A 1 24 ? 10.506  -17.769 -11.258 1.00 123.27 ? 3   ASP A CB  1 
ATOM   40   N N   . GLU A 1 25 ? 9.123   -14.897 -11.114 1.00 103.99 ? 4   GLU A N   1 
ATOM   41   C CA  . GLU A 1 25 ? 8.796   -13.696 -10.355 1.00 99.14  ? 4   GLU A CA  1 
ATOM   42   C C   . GLU A 1 25 ? 7.289   -13.476 -10.300 1.00 93.90  ? 4   GLU A C   1 
ATOM   43   O O   . GLU A 1 25 ? 6.729   -13.201 -9.232  1.00 86.86  ? 4   GLU A O   1 
ATOM   44   C CB  . GLU A 1 25 ? 9.507   -12.492 -10.974 1.00 97.83  ? 4   GLU A CB  1 
ATOM   45   C CG  . GLU A 1 25 ? 10.984  -12.406 -10.606 1.00 113.87 ? 4   GLU A CG  1 
ATOM   46   C CD  . GLU A 1 25 ? 11.847  -11.878 -11.737 1.00 124.80 ? 4   GLU A CD  1 
ATOM   47   O OE1 . GLU A 1 25 ? 11.323  -11.139 -12.597 1.00 124.79 ? 4   GLU A OE1 1 
ATOM   48   O OE2 . GLU A 1 25 ? 13.051  -12.212 -11.768 1.00 116.70 ? 4   GLU A OE2 1 
ATOM   49   N N   . ILE A 1 26 ? 6.611   -13.607 -11.443 1.00 84.82  ? 5   ILE A N   1 
ATOM   50   C CA  . ILE A 1 26 ? 5.161   -13.447 -11.459 1.00 81.17  ? 5   ILE A CA  1 
ATOM   51   C C   . ILE A 1 26 ? 4.496   -14.519 -10.603 1.00 80.49  ? 5   ILE A C   1 
ATOM   52   O O   . ILE A 1 26 ? 3.507   -14.248 -9.904  1.00 91.38  ? 5   ILE A O   1 
ATOM   53   C CB  . ILE A 1 26 ? 4.654   -13.482 -12.915 1.00 96.57  ? 5   ILE A CB  1 
ATOM   54   C CG1 . ILE A 1 26 ? 5.322   -12.385 -13.758 1.00 103.74 ? 5   ILE A CG1 1 
ATOM   55   C CG2 . ILE A 1 26 ? 3.137   -13.343 -12.964 1.00 97.62  ? 5   ILE A CG2 1 
ATOM   56   C CD1 . ILE A 1 26 ? 5.155   -10.971 -13.227 1.00 90.04  ? 5   ILE A CD1 1 
ATOM   57   N N   . ARG A 1 27 ? 5.073   -15.724 -10.572 1.00 82.92  ? 6   ARG A N   1 
ATOM   58   C CA  . ARG A 1 27 ? 4.537   -16.769 -9.708  1.00 82.25  ? 6   ARG A CA  1 
ATOM   59   C C   . ARG A 1 27 ? 4.710   -16.416 -8.237  1.00 75.18  ? 6   ARG A C   1 
ATOM   60   O O   . ARG A 1 27 ? 3.848   -16.751 -7.417  1.00 75.63  ? 6   ARG A O   1 
ATOM   61   C CB  . ARG A 1 27 ? 5.190   -18.110 -10.032 1.00 98.24  ? 6   ARG A CB  1 
ATOM   62   C CG  . ARG A 1 27 ? 4.518   -18.831 -11.197 1.00 100.81 ? 6   ARG A CG  1 
ATOM   63   C CD  . ARG A 1 27 ? 5.222   -20.124 -11.552 1.00 107.60 ? 6   ARG A CD  1 
ATOM   64   N NE  . ARG A 1 27 ? 6.638   -19.906 -11.826 1.00 118.93 ? 6   ARG A NE  1 
ATOM   65   C CZ  . ARG A 1 27 ? 7.548   -20.871 -11.900 1.00 118.25 ? 6   ARG A CZ  1 
ATOM   66   N NH1 . ARG A 1 27 ? 8.810   -20.566 -12.147 1.00 112.95 ? 6   ARG A NH1 1 
ATOM   67   N NH2 . ARG A 1 27 ? 7.204   -22.139 -11.719 1.00 131.10 ? 6   ARG A NH2 1 
ATOM   68   N N   . LYS A 1 28 ? 5.805   -15.741 -7.881  1.00 75.48  ? 7   LYS A N   1 
ATOM   69   C CA  . LYS A 1 28 ? 6.017   -15.379 -6.483  1.00 83.77  ? 7   LYS A CA  1 
ATOM   70   C C   . LYS A 1 28 ? 5.150   -14.190 -6.082  1.00 79.80  ? 7   LYS A C   1 
ATOM   71   O O   . LYS A 1 28 ? 4.737   -14.086 -4.916  1.00 65.86  ? 7   LYS A O   1 
ATOM   72   C CB  . LYS A 1 28 ? 7.491   -15.054 -6.235  1.00 84.00  ? 7   LYS A CB  1 
ATOM   73   N N   . LEU A 1 29 ? 4.821   -13.320 -7.042  1.00 81.83  ? 8   LEU A N   1 
ATOM   74   C CA  . LEU A 1 29 ? 3.889   -12.233 -6.761  1.00 66.72  ? 8   LEU A CA  1 
ATOM   75   C C   . LEU A 1 29 ? 2.488   -12.777 -6.527  1.00 67.99  ? 8   LEU A C   1 
ATOM   76   O O   . LEU A 1 29 ? 1.770   -12.306 -5.632  1.00 65.08  ? 8   LEU A O   1 
ATOM   77   C CB  . LEU A 1 29 ? 3.871   -11.232 -7.921  1.00 60.81  ? 8   LEU A CB  1 
ATOM   78   C CG  . LEU A 1 29 ? 5.067   -10.300 -8.153  1.00 58.70  ? 8   LEU A CG  1 
ATOM   79   C CD1 . LEU A 1 29 ? 4.749   -9.305  -9.268  1.00 53.62  ? 8   LEU A CD1 1 
ATOM   80   C CD2 . LEU A 1 29 ? 5.491   -9.567  -6.894  1.00 55.44  ? 8   LEU A CD2 1 
ATOM   81   N N   . ARG A 1 30 ? 2.093   -13.796 -7.296  1.00 77.35  ? 9   ARG A N   1 
ATOM   82   C CA  . ARG A 1 30 ? 0.819   -14.457 -7.023  1.00 68.96  ? 9   ARG A CA  1 
ATOM   83   C C   . ARG A 1 30 ? 0.793   -15.056 -5.621  1.00 62.31  ? 9   ARG A C   1 
ATOM   84   O O   . ARG A 1 30 ? -0.223  -14.968 -4.918  1.00 70.20  ? 9   ARG A O   1 
ATOM   85   C CB  . ARG A 1 30 ? 0.556   -15.539 -8.070  1.00 63.87  ? 9   ARG A CB  1 
ATOM   86   N N   . LYS A 1 31 ? 1.910   -15.644 -5.181  1.00 72.20  ? 10  LYS A N   1 
ATOM   87   C CA  . LYS A 1 31 ? 1.971   -16.159 -3.817  1.00 79.28  ? 10  LYS A CA  1 
ATOM   88   C C   . LYS A 1 31 ? 1.781   -15.041 -2.803  1.00 70.36  ? 10  LYS A C   1 
ATOM   89   O O   . LYS A 1 31 ? 1.000   -15.177 -1.857  1.00 65.49  ? 10  LYS A O   1 
ATOM   90   C CB  . LYS A 1 31 ? 3.285   -16.891 -3.547  1.00 85.31  ? 10  LYS A CB  1 
ATOM   91   C CG  . LYS A 1 31 ? 3.227   -17.660 -2.221  1.00 92.32  ? 10  LYS A CG  1 
ATOM   92   C CD  . LYS A 1 31 ? 4.520   -18.363 -1.855  1.00 85.63  ? 10  LYS A CD  1 
ATOM   93   C CE  . LYS A 1 31 ? 4.264   -19.420 -0.786  1.00 83.58  ? 10  LYS A CE  1 
ATOM   94   N NZ  . LYS A 1 31 ? 5.489   -19.795 -0.027  1.00 95.28  ? 10  LYS A NZ  1 
ATOM   95   N N   . LEU A 1 32 ? 2.494   -13.924 -2.982  1.00 70.42  ? 11  LEU A N   1 
ATOM   96   C CA  . LEU A 1 32 ? 2.399   -12.857 -1.993  1.00 67.61  ? 11  LEU A CA  1 
ATOM   97   C C   . LEU A 1 32 ? 0.971   -12.336 -1.919  1.00 67.92  ? 11  LEU A C   1 
ATOM   98   O O   . LEU A 1 32 ? 0.457   -12.046 -0.829  1.00 64.27  ? 11  LEU A O   1 
ATOM   99   C CB  . LEU A 1 32 ? 3.360   -11.720 -2.348  1.00 71.21  ? 11  LEU A CB  1 
ATOM   100  C CG  . LEU A 1 32 ? 3.736   -10.719 -1.248  1.00 84.16  ? 11  LEU A CG  1 
ATOM   101  C CD1 . LEU A 1 32 ? 4.306   -11.439 -0.029  1.00 88.26  ? 11  LEU A CD1 1 
ATOM   102  C CD2 . LEU A 1 32 ? 4.718   -9.673  -1.757  1.00 83.22  ? 11  LEU A CD2 1 
ATOM   103  N N   . LEU A 1 33 ? 0.299   -12.251 -3.069  1.00 61.17  ? 12  LEU A N   1 
ATOM   104  C CA  . LEU A 1 33 ? -1.101  -11.846 -3.073  1.00 55.74  ? 12  LEU A CA  1 
ATOM   105  C C   . LEU A 1 33 ? -1.958  -12.848 -2.304  1.00 69.50  ? 12  LEU A C   1 
ATOM   106  O O   . LEU A 1 33 ? -2.838  -12.456 -1.525  1.00 67.49  ? 12  LEU A O   1 
ATOM   107  C CB  . LEU A 1 33 ? -1.592  -11.706 -4.514  1.00 61.58  ? 12  LEU A CB  1 
ATOM   108  C CG  . LEU A 1 33 ? -1.130  -10.433 -5.238  1.00 52.39  ? 12  LEU A CG  1 
ATOM   109  C CD1 . LEU A 1 33 ? -1.532  -10.478 -6.709  1.00 57.35  ? 12  LEU A CD1 1 
ATOM   110  C CD2 . LEU A 1 33 ? -1.619  -9.144  -4.582  1.00 49.92  ? 12  LEU A CD2 1 
ATOM   111  N N   . GLU A 1 34 ? -1.706  -14.150 -2.494  1.00 82.33  ? 13  GLU A N   1 
ATOM   112  C CA  . GLU A 1 34 ? -2.458  -15.175 -1.771  1.00 72.39  ? 13  GLU A CA  1 
ATOM   113  C C   . GLU A 1 34 ? -2.282  -15.041 -0.261  1.00 52.22  ? 13  GLU A C   1 
ATOM   114  O O   . GLU A 1 34 ? -3.262  -15.028 0.498   1.00 65.08  ? 13  GLU A O   1 
ATOM   115  C CB  . GLU A 1 34 ? -2.006  -16.564 -2.229  1.00 74.99  ? 13  GLU A CB  1 
ATOM   116  C CG  . GLU A 1 34 ? -2.393  -16.925 -3.662  1.00 85.78  ? 13  GLU A CG  1 
ATOM   117  C CD  . GLU A 1 34 ? -1.674  -18.168 -4.164  1.00 98.20  ? 13  GLU A CD  1 
ATOM   118  O OE1 . GLU A 1 34 ? -1.081  -18.891 -3.335  1.00 98.18  ? 13  GLU A OE1 1 
ATOM   119  O OE2 . GLU A 1 34 ? -1.700  -18.418 -5.387  1.00 99.20  ? 13  GLU A OE2 1 
ATOM   120  N N   . GLU A 1 35 ? -1.033  -14.920 0.193   1.00 49.38  ? 14  GLU A N   1 
ATOM   121  C CA  . GLU A 1 35 ? -0.770  -14.740 1.617   1.00 57.88  ? 14  GLU A CA  1 
ATOM   122  C C   . GLU A 1 35 ? -1.469  -13.498 2.156   1.00 62.87  ? 14  GLU A C   1 
ATOM   123  O O   . GLU A 1 35 ? -2.017  -13.514 3.267   1.00 57.30  ? 14  GLU A O   1 
ATOM   124  C CB  . GLU A 1 35 ? 0.738   -14.687 1.856   1.00 68.27  ? 14  GLU A CB  1 
ATOM   125  C CG  . GLU A 1 35 ? 1.388   -16.067 1.866   1.00 88.88  ? 14  GLU A CG  1 
ATOM   126  C CD  . GLU A 1 35 ? 2.854   -16.043 1.478   1.00 89.54  ? 14  GLU A CD  1 
ATOM   127  O OE1 . GLU A 1 35 ? 3.459   -14.951 1.475   1.00 85.24  ? 14  GLU A OE1 1 
ATOM   128  O OE2 . GLU A 1 35 ? 3.402   -17.127 1.182   1.00 96.68  ? 14  GLU A OE2 1 
ATOM   129  N N   . ALA A 1 36 ? -1.502  -12.423 1.364   1.00 59.97  ? 15  ALA A N   1 
ATOM   130  C CA  . ALA A 1 36 ? -2.168  -11.214 1.833   1.00 56.34  ? 15  ALA A CA  1 
ATOM   131  C C   . ALA A 1 36 ? -3.676  -11.411 1.901   1.00 43.27  ? 15  ALA A C   1 
ATOM   132  O O   . ALA A 1 36 ? -4.343  -10.809 2.751   1.00 31.24  ? 15  ALA A O   1 
ATOM   133  C CB  . ALA A 1 36 ? -1.826  -10.033 0.927   1.00 46.38  ? 15  ALA A CB  1 
ATOM   134  N N   . GLU A 1 37 ? -4.232  -12.257 1.029   1.00 46.97  ? 16  GLU A N   1 
ATOM   135  C CA  . GLU A 1 37 ? -5.654  -12.570 1.122   1.00 55.99  ? 16  GLU A CA  1 
ATOM   136  C C   . GLU A 1 37 ? -5.958  -13.368 2.381   1.00 54.68  ? 16  GLU A C   1 
ATOM   137  O O   . GLU A 1 37 ? -6.948  -13.094 3.069   1.00 48.15  ? 16  GLU A O   1 
ATOM   138  C CB  . GLU A 1 37 ? -6.111  -13.334 -0.119  1.00 59.60  ? 16  GLU A CB  1 
ATOM   139  C CG  . GLU A 1 37 ? -6.910  -12.482 -1.083  1.00 79.29  ? 16  GLU A CG  1 
ATOM   140  C CD  . GLU A 1 37 ? -6.923  -13.031 -2.494  1.00 99.53  ? 16  GLU A CD  1 
ATOM   141  O OE1 . GLU A 1 37 ? -6.254  -14.054 -2.748  1.00 104.62 ? 16  GLU A OE1 1 
ATOM   142  O OE2 . GLU A 1 37 ? -7.599  -12.427 -3.353  1.00 91.58  ? 16  GLU A OE2 1 
ATOM   143  N N   . LYS A 1 38 ? -5.118  -14.352 2.711   1.00 55.39  ? 17  LYS A N   1 
ATOM   144  C CA  . LYS A 1 38 ? -5.300  -15.067 3.971   1.00 47.15  ? 17  LYS A CA  1 
ATOM   145  C C   . LYS A 1 38 ? -5.270  -14.099 5.149   1.00 37.70  ? 17  LYS A C   1 
ATOM   146  O O   . LYS A 1 38 ? -6.181  -14.093 5.990   1.00 39.90  ? 17  LYS A O   1 
ATOM   147  C CB  . LYS A 1 38 ? -4.232  -16.148 4.126   1.00 60.24  ? 17  LYS A CB  1 
ATOM   148  C CG  . LYS A 1 38 ? -4.281  -17.210 3.037   1.00 53.16  ? 17  LYS A CG  1 
ATOM   149  C CD  . LYS A 1 38 ? -3.059  -18.110 3.074   1.00 84.20  ? 17  LYS A CD  1 
ATOM   150  C CE  . LYS A 1 38 ? -2.501  -18.354 1.679   1.00 91.96  ? 17  LYS A CE  1 
ATOM   151  N NZ  . LYS A 1 38 ? -1.046  -18.656 1.721   1.00 76.94  ? 17  LYS A NZ  1 
ATOM   152  N N   . LYS A 1 39 ? -4.236  -13.251 5.213   1.00 33.05  ? 18  LYS A N   1 
ATOM   153  C CA  . LYS A 1 39 ? -4.189  -12.230 6.259   1.00 40.54  ? 18  LYS A CA  1 
ATOM   154  C C   . LYS A 1 39 ? -5.490  -11.440 6.302   1.00 40.72  ? 18  LYS A C   1 
ATOM   155  O O   . LYS A 1 39 ? -6.029  -11.160 7.380   1.00 36.33  ? 18  LYS A O   1 
ATOM   156  C CB  . LYS A 1 39 ? -3.006  -11.283 6.041   1.00 51.00  ? 18  LYS A CB  1 
ATOM   157  C CG  . LYS A 1 39 ? -1.645  -11.875 6.387   1.00 57.26  ? 18  LYS A CG  1 
ATOM   158  C CD  . LYS A 1 39 ? -0.579  -10.789 6.555   1.00 67.43  ? 18  LYS A CD  1 
ATOM   159  C CE  . LYS A 1 39 ? 0.115   -10.447 5.244   1.00 64.48  ? 18  LYS A CE  1 
ATOM   160  N NZ  . LYS A 1 39 ? 1.350   -9.639  5.479   1.00 54.23  ? 18  LYS A NZ  1 
ATOM   161  N N   . LEU A 1 40 ? -5.998  -11.053 5.132   1.00 35.52  ? 19  LEU A N   1 
ATOM   162  C CA  . LEU A 1 40 ? -7.237  -10.290 5.088   1.00 47.12  ? 19  LEU A CA  1 
ATOM   163  C C   . LEU A 1 40 ? -8.375  -11.066 5.740   1.00 35.69  ? 19  LEU A C   1 
ATOM   164  O O   . LEU A 1 40 ? -9.085  -10.540 6.598   1.00 32.34  ? 19  LEU A O   1 
ATOM   165  C CB  . LEU A 1 40 ? -7.583  -9.940  3.643   1.00 38.73  ? 19  LEU A CB  1 
ATOM   166  C CG  . LEU A 1 40 ? -8.770  -8.996  3.428   1.00 40.98  ? 19  LEU A CG  1 
ATOM   167  C CD1 . LEU A 1 40 ? -8.657  -7.736  4.279   1.00 43.98  ? 19  LEU A CD1 1 
ATOM   168  C CD2 . LEU A 1 40 ? -8.882  -8.633  1.962   1.00 50.13  ? 19  LEU A CD2 1 
ATOM   169  N N   . TYR A 1 41 ? -8.555  -12.330 5.351   1.00 38.80  ? 20  TYR A N   1 
ATOM   170  C CA  . TYR A 1 41 ? -9.636  -13.136 5.917   1.00 49.87  ? 20  TYR A CA  1 
ATOM   171  C C   . TYR A 1 41 ? -9.529  -13.212 7.436   1.00 40.11  ? 20  TYR A C   1 
ATOM   172  O O   . TYR A 1 41 ? -10.519 -13.010 8.151   1.00 29.80  ? 20  TYR A O   1 
ATOM   173  C CB  . TYR A 1 41 ? -9.621  -14.538 5.311   1.00 50.04  ? 20  TYR A CB  1 
ATOM   174  C CG  . TYR A 1 41 ? -9.922  -14.564 3.829   1.00 54.87  ? 20  TYR A CG  1 
ATOM   175  C CD1 . TYR A 1 41 ? -10.727 -13.595 3.242   1.00 56.75  ? 20  TYR A CD1 1 
ATOM   176  C CD2 . TYR A 1 41 ? -9.394  -15.557 3.013   1.00 49.06  ? 20  TYR A CD2 1 
ATOM   177  C CE1 . TYR A 1 41 ? -10.998 -13.614 1.890   1.00 70.52  ? 20  TYR A CE1 1 
ATOM   178  C CE2 . TYR A 1 41 ? -9.661  -15.586 1.660   1.00 73.64  ? 20  TYR A CE2 1 
ATOM   179  C CZ  . TYR A 1 41 ? -10.463 -14.612 1.104   1.00 85.79  ? 20  TYR A CZ  1 
ATOM   180  O OH  . TYR A 1 41 ? -10.731 -14.635 -0.246  1.00 103.14 ? 20  TYR A OH  1 
ATOM   181  N N   . LYS A 1 42 ? -8.328  -13.488 7.955   1.00 31.08  ? 21  LYS A N   1 
ATOM   182  C CA  . LYS A 1 42 ? -8.165  -13.521 9.404   1.00 37.56  ? 21  LYS A CA  1 
ATOM   183  C C   . LYS A 1 42 ? -8.508  -12.174 10.019  1.00 35.64  ? 21  LYS A C   1 
ATOM   184  O O   . LYS A 1 42 ? -9.015  -12.108 11.145  1.00 38.31  ? 21  LYS A O   1 
ATOM   185  C CB  . LYS A 1 42 ? -6.733  -13.900 9.772   1.00 52.52  ? 21  LYS A CB  1 
ATOM   186  C CG  . LYS A 1 42 ? -6.236  -15.195 9.163   1.00 51.53  ? 21  LYS A CG  1 
ATOM   187  C CD  . LYS A 1 42 ? -4.740  -15.340 9.392   1.00 68.23  ? 21  LYS A CD  1 
ATOM   188  C CE  . LYS A 1 42 ? -4.156  -16.490 8.596   1.00 63.92  ? 21  LYS A CE  1 
ATOM   189  N NZ  . LYS A 1 42 ? -2.679  -16.565 8.766   1.00 87.75  ? 21  LYS A NZ  1 
ATOM   190  N N   . LEU A 1 43 ? -8.232  -11.095 9.289   1.00 50.54  ? 22  LEU A N   1 
ATOM   191  C CA  . LEU A 1 43 ? -8.521  -9.757  9.781   1.00 37.04  ? 22  LEU A CA  1 
ATOM   192  C C   . LEU A 1 43 ? -10.027 -9.515  9.836   1.00 25.11  ? 22  LEU A C   1 
ATOM   193  O O   . LEU A 1 43 ? -10.539 -8.936  10.802  1.00 25.77  ? 22  LEU A O   1 
ATOM   194  C CB  . LEU A 1 43 ? -7.798  -8.752  8.881   1.00 45.76  ? 22  LEU A CB  1 
ATOM   195  C CG  . LEU A 1 43 ? -7.652  -7.282  9.263   1.00 37.39  ? 22  LEU A CG  1 
ATOM   196  C CD1 . LEU A 1 43 ? -7.290  -7.094  10.729  1.00 44.42  ? 22  LEU A CD1 1 
ATOM   197  C CD2 . LEU A 1 43 ? -6.582  -6.663  8.378   1.00 32.93  ? 22  LEU A CD2 1 
ATOM   198  N N   . GLU A 1 44 ? -10.747 -9.970  8.807   1.00 26.40  ? 23  GLU A N   1 
ATOM   199  C CA  . GLU A 1 44 ? -12.198 -9.837  8.752   1.00 32.05  ? 23  GLU A CA  1 
ATOM   200  C C   . GLU A 1 44 ? -12.882 -10.681 9.821   1.00 46.49  ? 23  GLU A C   1 
ATOM   201  O O   . GLU A 1 44 ? -13.911 -10.275 10.374  1.00 49.53  ? 23  GLU A O   1 
ATOM   202  C CB  . GLU A 1 44 ? -12.683 -10.253 7.363   1.00 41.15  ? 23  GLU A CB  1 
ATOM   203  C CG  . GLU A 1 44 ? -12.208 -9.326  6.260   1.00 39.57  ? 23  GLU A CG  1 
ATOM   204  C CD  . GLU A 1 44 ? -12.756 -9.699  4.898   1.00 55.83  ? 23  GLU A CD  1 
ATOM   205  O OE1 . GLU A 1 44 ? -12.775 -8.824  4.011   1.00 51.43  ? 23  GLU A OE1 1 
ATOM   206  O OE2 . GLU A 1 44 ? -13.149 -10.870 4.712   1.00 63.27  ? 23  GLU A OE2 1 
ATOM   207  N N   . ASP A 1 45 ? -12.329 -11.858 10.123  1.00 42.07  ? 24  ASP A N   1 
ATOM   208  C CA  . ASP A 1 45 ? -12.860 -12.656 11.225  1.00 40.75  ? 24  ASP A CA  1 
ATOM   209  C C   . ASP A 1 45 ? -12.580 -11.981 12.560  1.00 29.67  ? 24  ASP A C   1 
ATOM   210  O O   . ASP A 1 45 ? -13.459 -11.907 13.431  1.00 34.16  ? 24  ASP A O   1 
ATOM   211  C CB  . ASP A 1 45 ? -12.272 -14.067 11.174  1.00 53.78  ? 24  ASP A CB  1 
ATOM   212  C CG  . ASP A 1 45 ? -12.690 -14.822 9.926   1.00 62.10  ? 24  ASP A CG  1 
ATOM   213  O OD1 . ASP A 1 45 ? -11.904 -15.665 9.441   1.00 55.94  ? 24  ASP A OD1 1 
ATOM   214  O OD2 . ASP A 1 45 ? -13.792 -14.539 9.404   1.00 62.91  ? 24  ASP A OD2 1 
ATOM   215  N N   . LYS A 1 46 ? -11.365 -11.471 12.732  1.00 28.97  ? 25  LYS A N   1 
ATOM   216  C CA  . LYS A 1 46 ? -11.037 -10.726 13.939  1.00 36.49  ? 25  LYS A CA  1 
ATOM   217  C C   . LYS A 1 46 ? -12.015 -9.581  14.163  1.00 54.48  ? 25  LYS A C   1 
ATOM   218  O O   . LYS A 1 46 ? -12.493 -9.365  15.283  1.00 54.72  ? 25  LYS A O   1 
ATOM   219  C CB  . LYS A 1 46 ? -9.622  -10.171 13.806  1.00 40.77  ? 25  LYS A CB  1 
ATOM   220  C CG  . LYS A 1 46 ? -9.094  -9.462  15.033  1.00 40.61  ? 25  LYS A CG  1 
ATOM   221  C CD  . LYS A 1 46 ? -7.592  -9.264  14.951  1.00 38.09  ? 25  LYS A CD  1 
ATOM   222  C CE  . LYS A 1 46 ? -7.067  -8.572  16.194  1.00 48.86  ? 25  LYS A CE  1 
ATOM   223  N NZ  . LYS A 1 46 ? -5.589  -8.650  16.297  1.00 73.64  ? 25  LYS A NZ  1 
ATOM   224  N N   . THR A 1 47 ? -12.337 -8.854  13.091  1.00 46.35  ? 26  THR A N   1 
ATOM   225  C CA  . THR A 1 47 ? -13.256 -7.726  13.173  1.00 51.54  ? 26  THR A CA  1 
ATOM   226  C C   . THR A 1 47 ? -14.686 -8.174  13.416  1.00 58.34  ? 26  THR A C   1 
ATOM   227  O O   . THR A 1 47 ? -15.429 -7.511  14.141  1.00 62.64  ? 26  THR A O   1 
ATOM   228  C CB  . THR A 1 47 ? -13.133 -6.911  11.903  1.00 51.90  ? 26  THR A CB  1 
ATOM   229  O OG1 . THR A 1 47 ? -11.754 -6.577  11.756  1.00 47.96  ? 26  THR A OG1 1 
ATOM   230  C CG2 . THR A 1 47 ? -13.937 -5.643  11.973  1.00 47.36  ? 26  THR A CG2 1 
ATOM   231  N N   . ARG A 1 48 ? -15.126 -9.241  12.759  1.00 57.22  ? 27  ARG A N   1 
ATOM   232  C CA  . ARG A 1 48 ? -16.441 -9.788  13.068  1.00 57.01  ? 27  ARG A CA  1 
ATOM   233  C C   . ARG A 1 48 ? -16.561 -10.086 14.557  1.00 59.37  ? 27  ARG A C   1 
ATOM   234  O O   . ARG A 1 48 ? -17.537 -9.698  15.205  1.00 67.08  ? 27  ARG A O   1 
ATOM   235  C CB  . ARG A 1 48 ? -16.670 -11.030 12.219  1.00 61.27  ? 27  ARG A CB  1 
ATOM   236  C CG  . ARG A 1 48 ? -18.085 -11.579 12.150  1.00 77.08  ? 27  ARG A CG  1 
ATOM   237  C CD  . ARG A 1 48 ? -18.045 -12.900 11.356  1.00 113.61 ? 27  ARG A CD  1 
ATOM   238  N NE  . ARG A 1 48 ? -17.355 -13.952 12.066  1.00 111.32 ? 27  ARG A NE  1 
ATOM   239  C CZ  . ARG A 1 48 ? -17.300 -15.219 11.683  1.00 116.33 ? 27  ARG A CZ  1 
ATOM   240  N NH1 . ARG A 1 48 ? -17.944 -15.617 10.625  1.00 133.59 ? 27  ARG A NH1 1 
ATOM   241  N NH2 . ARG A 1 48 ? -16.640 -16.125 12.411  1.00 115.80 ? 27  ARG A NH2 1 
ATOM   242  N N   . ARG A 1 49 ? -15.555 -10.743 15.125  1.00 53.76  ? 28  ARG A N   1 
ATOM   243  C CA  . ARG A 1 49 ? -15.591 -11.062 16.546  1.00 70.13  ? 28  ARG A CA  1 
ATOM   244  C C   . ARG A 1 49 ? -15.621 -9.796  17.391  1.00 80.00  ? 28  ARG A C   1 
ATOM   245  O O   . ARG A 1 49 ? -16.545 -9.587  18.191  1.00 94.27  ? 28  ARG A O   1 
ATOM   246  C CB  . ARG A 1 49 ? -14.381 -11.926 16.884  1.00 71.58  ? 28  ARG A CB  1 
ATOM   247  C CG  . ARG A 1 49 ? -14.643 -13.083 17.860  1.00 68.91  ? 28  ARG A CG  1 
ATOM   248  C CD  . ARG A 1 49 ? -13.484 -14.074 17.850  1.00 61.90  ? 28  ARG A CD  1 
ATOM   249  N NE  . ARG A 1 49 ? -13.723 -15.206 16.955  1.00 57.13  ? 28  ARG A NE  1 
ATOM   250  C CZ  . ARG A 1 49 ? -14.477 -16.259 17.262  1.00 59.04  ? 28  ARG A CZ  1 
ATOM   251  N NH1 . ARG A 1 49 ? -14.635 -17.247 16.390  1.00 56.87  ? 28  ARG A NH1 1 
ATOM   252  N NH2 . ARG A 1 49 ? -15.081 -16.325 18.441  1.00 64.00  ? 28  ARG A NH2 1 
ATOM   253  N N   . SER A 1 50 ? -14.642 -8.907  17.186  1.00 83.62  ? 29  SER A N   1 
ATOM   254  C CA  . SER A 1 50 ? -14.511 -7.729  18.037  1.00 82.44  ? 29  SER A CA  1 
ATOM   255  C C   . SER A 1 50 ? -15.724 -6.816  17.911  1.00 86.52  ? 29  SER A C   1 
ATOM   256  O O   . SER A 1 50 ? -16.176 -6.225  18.898  1.00 90.80  ? 29  SER A O   1 
ATOM   257  C CB  . SER A 1 50 ? -13.233 -6.976  17.666  1.00 77.75  ? 29  SER A CB  1 
ATOM   258  O OG  . SER A 1 50 ? -12.873 -6.040  18.664  1.00 77.87  ? 29  SER A OG  1 
ATOM   259  N N   . GLU A 1 51 ? -16.259 -6.691  16.698  1.00 72.17  ? 30  GLU A N   1 
ATOM   260  C CA  . GLU A 1 51 ? -17.478 -5.927  16.467  1.00 77.47  ? 30  GLU A CA  1 
ATOM   261  C C   . GLU A 1 51 ? -18.659 -6.576  17.170  1.00 94.03  ? 30  GLU A C   1 
ATOM   262  O O   . GLU A 1 51 ? -19.527 -5.885  17.716  1.00 90.54  ? 30  GLU A O   1 
ATOM   263  C CB  . GLU A 1 51 ? -17.747 -5.802  14.968  1.00 80.76  ? 30  GLU A CB  1 
ATOM   264  N N   . GLU A 1 52 ? -18.701 -7.909  17.171  1.00 91.26  ? 31  GLU A N   1 
ATOM   265  C CA  . GLU A 1 52 ? -19.822 -8.634  17.745  1.00 96.13  ? 31  GLU A CA  1 
ATOM   266  C C   . GLU A 1 52 ? -19.792 -8.619  19.264  1.00 102.71 ? 31  GLU A C   1 
ATOM   267  O O   . GLU A 1 52 ? -20.821 -8.901  19.890  1.00 110.63 ? 31  GLU A O   1 
ATOM   268  C CB  . GLU A 1 52 ? -19.825 -10.079 17.241  1.00 82.21  ? 31  GLU A CB  1 
ATOM   269  N N   . ILE A 1 53 ? -18.647 -8.282  19.871  1.00 98.90  ? 32  ILE A N   1 
ATOM   270  C CA  . ILE A 1 53 ? -18.601 -8.189  21.326  1.00 106.22 ? 32  ILE A CA  1 
ATOM   271  C C   . ILE A 1 53 ? -19.285 -6.911  21.804  1.00 111.37 ? 32  ILE A C   1 
ATOM   272  O O   . ILE A 1 53 ? -19.681 -6.816  22.973  1.00 117.41 ? 32  ILE A O   1 
ATOM   273  C CB  . ILE A 1 53 ? -17.147 -8.224  21.844  1.00 101.95 ? 32  ILE A CB  1 
ATOM   274  C CG1 . ILE A 1 53 ? -16.535 -9.600  21.605  1.00 91.98  ? 32  ILE A CG1 1 
ATOM   275  C CG2 . ILE A 1 53 ? -17.085 -7.856  23.338  1.00 102.02 ? 32  ILE A CG2 1 
ATOM   276  C CD1 . ILE A 1 53 ? -15.042 -9.656  21.879  1.00 99.78  ? 32  ILE A CD1 1 
ATOM   277  N N   . SER A 1 54 ? -19.449 -5.930  20.922  1.00 123.56 ? 33  SER A N   1 
ATOM   278  C CA  . SER A 1 54 ? -20.068 -4.657  21.276  1.00 120.03 ? 33  SER A CA  1 
ATOM   279  C C   . SER A 1 54 ? -21.442 -4.526  20.627  1.00 97.67  ? 33  SER A C   1 
ATOM   280  O O   . SER A 1 54 ? -22.464 -4.515  21.307  1.00 114.97 ? 33  SER A O   1 
ATOM   281  C CB  . SER A 1 54 ? -19.170 -3.498  20.846  1.00 123.60 ? 33  SER A CB  1 
ATOM   282  O OG  . SER A 1 54 ? -18.570 -3.773  19.590  1.00 117.79 ? 33  SER A OG  1 
ATOM   283  N N   . ASP A 1 58 ? -22.898 2.097   23.396  1.00 99.38  ? 37  ASP A N   1 
ATOM   284  C CA  . ASP A 1 58 ? -23.668 3.061   22.621  1.00 101.89 ? 37  ASP A CA  1 
ATOM   285  C C   . ASP A 1 58 ? -22.883 4.352   22.423  1.00 102.89 ? 37  ASP A C   1 
ATOM   286  O O   . ASP A 1 58 ? -23.033 5.305   23.191  1.00 101.46 ? 37  ASP A O   1 
ATOM   287  C CB  . ASP A 1 58 ? -25.000 3.361   23.309  1.00 102.51 ? 37  ASP A CB  1 
ATOM   288  N N   . ASP A 1 59 ? -22.038 4.373   21.390  1.00 93.15  ? 38  ASP A N   1 
ATOM   289  C CA  . ASP A 1 59 ? -21.186 5.516   21.098  1.00 83.16  ? 38  ASP A CA  1 
ATOM   290  C C   . ASP A 1 59 ? -21.193 5.702   19.582  1.00 76.17  ? 38  ASP A C   1 
ATOM   291  O O   . ASP A 1 59 ? -20.893 4.746   18.845  1.00 75.12  ? 38  ASP A O   1 
ATOM   292  C CB  . ASP A 1 59 ? -19.759 5.288   21.606  1.00 78.81  ? 38  ASP A CB  1 
ATOM   293  C CG  . ASP A 1 59 ? -18.999 6.583   21.838  1.00 87.62  ? 38  ASP A CG  1 
ATOM   294  O OD1 . ASP A 1 59 ? -19.597 7.670   21.696  1.00 82.02  ? 38  ASP A OD1 1 
ATOM   295  O OD2 . ASP A 1 59 ? -17.796 6.511   22.166  1.00 88.70  ? 38  ASP A OD2 1 
ATOM   296  N N   . PRO A 1 60 ? -21.525 6.896   19.080  1.00 84.83  ? 39  PRO A N   1 
ATOM   297  C CA  . PRO A 1 60 ? -21.428 7.104   17.628  1.00 80.94  ? 39  PRO A CA  1 
ATOM   298  C C   . PRO A 1 60 ? -19.998 7.135   17.120  1.00 68.33  ? 39  PRO A C   1 
ATOM   299  O O   . PRO A 1 60 ? -19.755 6.727   15.978  1.00 57.71  ? 39  PRO A O   1 
ATOM   300  C CB  . PRO A 1 60 ? -22.142 8.447   17.411  1.00 85.98  ? 39  PRO A CB  1 
ATOM   301  C CG  . PRO A 1 60 ? -22.048 9.147   18.705  1.00 88.31  ? 39  PRO A CG  1 
ATOM   302  C CD  . PRO A 1 60 ? -22.037 8.090   19.773  1.00 84.50  ? 39  PRO A CD  1 
ATOM   303  N N   . LYS A 1 61 ? -19.041 7.624   17.914  1.00 70.28  ? 40  LYS A N   1 
ATOM   304  C CA  . LYS A 1 61 ? -17.647 7.570   17.487  1.00 60.51  ? 40  LYS A CA  1 
ATOM   305  C C   . LYS A 1 61 ? -17.145 6.140   17.374  1.00 59.45  ? 40  LYS A C   1 
ATOM   306  O O   . LYS A 1 61 ? -16.564 5.761   16.356  1.00 57.30  ? 40  LYS A O   1 
ATOM   307  C CB  . LYS A 1 61 ? -16.738 8.325   18.444  1.00 68.15  ? 40  LYS A CB  1 
ATOM   308  C CG  . LYS A 1 61 ? -16.883 9.813   18.535  1.00 61.81  ? 40  LYS A CG  1 
ATOM   309  C CD  . LYS A 1 61 ? -15.808 10.231  19.510  1.00 66.44  ? 40  LYS A CD  1 
ATOM   310  C CE  . LYS A 1 61 ? -15.490 11.699  19.514  1.00 70.17  ? 40  LYS A CE  1 
ATOM   311  N NZ  . LYS A 1 61 ? -14.146 11.852  20.145  1.00 100.01 ? 40  LYS A NZ  1 
ATOM   312  N N   . ALA A 1 62 ? -17.339 5.332   18.419  1.00 54.97  ? 41  ALA A N   1 
ATOM   313  C CA  . ALA A 1 62 ? -16.840 3.961   18.374  1.00 48.61  ? 41  ALA A CA  1 
ATOM   314  C C   . ALA A 1 62 ? -17.480 3.196   17.226  1.00 55.06  ? 41  ALA A C   1 
ATOM   315  O O   . ALA A 1 62 ? -16.793 2.494   16.471  1.00 55.78  ? 41  ALA A O   1 
ATOM   316  C CB  . ALA A 1 62 ? -17.094 3.262   19.708  1.00 67.46  ? 41  ALA A CB  1 
ATOM   317  N N   . GLN A 1 63 ? -18.796 3.341   17.065  1.00 53.11  ? 42  GLN A N   1 
ATOM   318  C CA  . GLN A 1 63 ? -19.469 2.737   15.922  1.00 59.98  ? 42  GLN A CA  1 
ATOM   319  C C   . GLN A 1 63 ? -18.862 3.236   14.619  1.00 55.74  ? 42  GLN A C   1 
ATOM   320  O O   . GLN A 1 63 ? -18.646 2.456   13.686  1.00 59.75  ? 42  GLN A O   1 
ATOM   321  C CB  . GLN A 1 63 ? -20.965 3.041   15.973  1.00 62.73  ? 42  GLN A CB  1 
ATOM   322  N N   . SER A 1 64 ? -18.551 4.533   14.548  1.00 46.20  ? 43  SER A N   1 
ATOM   323  C CA  . SER A 1 64 ? -17.979 5.099   13.329  1.00 45.55  ? 43  SER A CA  1 
ATOM   324  C C   . SER A 1 64 ? -16.619 4.489   13.022  1.00 45.61  ? 43  SER A C   1 
ATOM   325  O O   . SER A 1 64 ? -16.330 4.144   11.874  1.00 41.47  ? 43  SER A O   1 
ATOM   326  C CB  . SER A 1 64 ? -17.859 6.616   13.461  1.00 46.80  ? 43  SER A CB  1 
ATOM   327  O OG  . SER A 1 64 ? -19.100 7.256   13.215  1.00 41.52  ? 43  SER A OG  1 
ATOM   328  N N   . LEU A 1 65 ? -15.758 4.368   14.033  1.00 40.72  ? 44  LEU A N   1 
ATOM   329  C CA  . LEU A 1 65 ? -14.461 3.740   13.817  1.00 40.78  ? 44  LEU A CA  1 
ATOM   330  C C   . LEU A 1 65 ? -14.643 2.310   13.338  1.00 35.78  ? 44  LEU A C   1 
ATOM   331  O O   . LEU A 1 65 ? -13.943 1.854   12.427  1.00 33.33  ? 44  LEU A O   1 
ATOM   332  C CB  . LEU A 1 65 ? -13.619 3.788   15.093  1.00 34.78  ? 44  LEU A CB  1 
ATOM   333  C CG  . LEU A 1 65 ? -13.100 5.182   15.483  1.00 33.46  ? 44  LEU A CG  1 
ATOM   334  C CD1 . LEU A 1 65 ? -12.482 5.170   16.877  1.00 43.98  ? 44  LEU A CD1 1 
ATOM   335  C CD2 . LEU A 1 65 ? -12.119 5.747   14.455  1.00 37.90  ? 44  LEU A CD2 1 
ATOM   336  N N   . GLN A 1 66 ? -15.604 1.591   13.924  1.00 29.88  ? 45  GLN A N   1 
ATOM   337  C CA  . GLN A 1 66 ? -15.872 0.233   13.468  1.00 34.67  ? 45  GLN A CA  1 
ATOM   338  C C   . GLN A 1 66 ? -16.274 0.217   11.995  1.00 33.90  ? 45  GLN A C   1 
ATOM   339  O O   . GLN A 1 66 ? -15.766 -0.599  11.212  1.00 39.95  ? 45  GLN A O   1 
ATOM   340  C CB  . GLN A 1 66 ? -16.958 -0.396  14.340  1.00 40.80  ? 45  GLN A CB  1 
ATOM   341  C CG  . GLN A 1 66 ? -16.420 -1.024  15.616  1.00 57.88  ? 45  GLN A CG  1 
ATOM   342  C CD  . GLN A 1 66 ? -17.517 -1.415  16.582  1.00 73.22  ? 45  GLN A CD  1 
ATOM   343  O OE1 . GLN A 1 66 ? -18.638 -1.732  16.177  1.00 57.91  ? 45  GLN A OE1 1 
ATOM   344  N NE2 . GLN A 1 66 ? -17.202 -1.389  17.871  1.00 86.00  ? 45  GLN A NE2 1 
ATOM   345  N N   . LEU A 1 67 ? -17.148 1.142   11.585  1.00 35.67  ? 46  LEU A N   1 
ATOM   346  C CA  . LEU A 1 67 ? -17.540 1.202   10.179  1.00 34.67  ? 46  LEU A CA  1 
ATOM   347  C C   . LEU A 1 67 ? -16.346 1.540   9.297   1.00 38.07  ? 46  LEU A C   1 
ATOM   348  O O   . LEU A 1 67 ? -16.215 1.016   8.185   1.00 35.54  ? 46  LEU A O   1 
ATOM   349  C CB  . LEU A 1 67 ? -18.649 2.237   9.964   1.00 48.77  ? 46  LEU A CB  1 
ATOM   350  C CG  . LEU A 1 67 ? -19.926 2.145   10.807  1.00 50.67  ? 46  LEU A CG  1 
ATOM   351  C CD1 . LEU A 1 67 ? -20.869 3.304   10.485  1.00 55.29  ? 46  LEU A CD1 1 
ATOM   352  C CD2 . LEU A 1 67 ? -20.619 0.806   10.685  1.00 58.28  ? 46  LEU A CD2 1 
ATOM   353  N N   . ILE A 1 68 ? -15.460 2.412   9.783   1.00 22.69  ? 47  ILE A N   1 
ATOM   354  C CA  . ILE A 1 68 ? -14.265 2.778   9.030   1.00 30.42  ? 47  ILE A CA  1 
ATOM   355  C C   . ILE A 1 68 ? -13.389 1.552   8.806   1.00 29.29  ? 47  ILE A C   1 
ATOM   356  O O   . ILE A 1 68 ? -12.892 1.316   7.697   1.00 19.67  ? 47  ILE A O   1 
ATOM   357  C CB  . ILE A 1 68 ? -13.512 3.905   9.762   1.00 36.55  ? 47  ILE A CB  1 
ATOM   358  C CG1 . ILE A 1 68 ? -14.307 5.212   9.667   1.00 25.22  ? 47  ILE A CG1 1 
ATOM   359  C CG2 . ILE A 1 68 ? -12.101 4.082   9.202   1.00 37.00  ? 47  ILE A CG2 1 
ATOM   360  C CD1 . ILE A 1 68 ? -13.816 6.314   10.595  1.00 34.18  ? 47  ILE A CD1 1 
ATOM   361  N N   . ALA A 1 69 ? -13.195 0.745   9.850   1.00 19.03  ? 48  ALA A N   1 
ATOM   362  C CA  . ALA A 1 69 ? -12.400 -0.469  9.699   1.00 36.08  ? 48  ALA A CA  1 
ATOM   363  C C   . ALA A 1 69 ? -13.047 -1.416  8.696   1.00 25.94  ? 48  ALA A C   1 
ATOM   364  O O   . ALA A 1 69 ? -12.376 -1.948  7.803   1.00 18.80  ? 48  ALA A O   1 
ATOM   365  C CB  . ALA A 1 69 ? -12.224 -1.153  11.054  1.00 38.11  ? 48  ALA A CB  1 
ATOM   366  N N   . GLU A 1 70 ? -14.361 -1.633  8.817   1.00 26.15  ? 49  GLU A N   1 
ATOM   367  C CA  . GLU A 1 70 ? -15.047 -2.506  7.868   1.00 24.17  ? 49  GLU A CA  1 
ATOM   368  C C   . GLU A 1 70 ? -14.869 -2.012  6.433   1.00 29.34  ? 49  GLU A C   1 
ATOM   369  O O   . GLU A 1 70 ? -14.574 -2.800  5.518   1.00 40.56  ? 49  GLU A O   1 
ATOM   370  C CB  . GLU A 1 70 ? -16.529 -2.588  8.231   1.00 36.84  ? 49  GLU A CB  1 
ATOM   371  C CG  . GLU A 1 70 ? -17.217 -3.875  7.796   1.00 68.86  ? 49  GLU A CG  1 
ATOM   372  C CD  . GLU A 1 70 ? -18.518 -4.126  8.541   1.00 91.47  ? 49  GLU A CD  1 
ATOM   373  O OE1 . GLU A 1 70 ? -18.621 -3.729  9.720   1.00 70.85  ? 49  GLU A OE1 1 
ATOM   374  O OE2 . GLU A 1 70 ? -19.431 -4.744  7.951   1.00 93.33  ? 49  GLU A OE2 1 
ATOM   375  N N   . SER A 1 71 ? -14.965 -0.696  6.231   1.00 25.36  ? 50  SER A N   1 
ATOM   376  C CA  . SER A 1 71 ? -14.738 -0.138  4.904   1.00 30.43  ? 50  SER A CA  1 
ATOM   377  C C   . SER A 1 71 ? -13.332 -0.444  4.429   1.00 14.63  ? 50  SER A C   1 
ATOM   378  O O   . SER A 1 71 ? -13.133 -0.888  3.295   1.00 22.36  ? 50  SER A O   1 
ATOM   379  C CB  . SER A 1 71 ? -14.951 1.374   4.913   1.00 35.50  ? 50  SER A CB  1 
ATOM   380  O OG  . SER A 1 71 ? -16.314 1.709   5.023   1.00 36.76  ? 50  SER A OG  1 
ATOM   381  N N   . LEU A 1 72 ? -12.340 -0.236  5.293   1.00 20.79  ? 51  LEU A N   1 
ATOM   382  C CA  . LEU A 1 72 ? -10.968 -0.461  4.861   1.00 21.80  ? 51  LEU A CA  1 
ATOM   383  C C   . LEU A 1 72 ? -10.744 -1.915  4.508   1.00 19.33  ? 51  LEU A C   1 
ATOM   384  O O   . LEU A 1 72 ? -9.969  -2.220  3.595   1.00 25.41  ? 51  LEU A O   1 
ATOM   385  C CB  . LEU A 1 72 ? -9.996  -0.013  5.948   1.00 19.74  ? 51  LEU A CB  1 
ATOM   386  C CG  . LEU A 1 72 ? -9.966  1.508   6.107   1.00 24.24  ? 51  LEU A CG  1 
ATOM   387  C CD1 . LEU A 1 72 ? -9.294  1.886   7.402   1.00 38.23  ? 51  LEU A CD1 1 
ATOM   388  C CD2 . LEU A 1 72 ? -9.254  2.159   4.932   1.00 24.59  ? 51  LEU A CD2 1 
ATOM   389  N N   . MET A 1 73 ? -11.425 -2.829  5.199   1.00 15.25  ? 52  MET A N   1 
ATOM   390  C CA  . MET A 1 73 ? -11.321 -4.233  4.830   1.00 25.30  ? 52  MET A CA  1 
ATOM   391  C C   . MET A 1 73 ? -11.881 -4.464  3.441   1.00 29.51  ? 52  MET A C   1 
ATOM   392  O O   . MET A 1 73 ? -11.306 -5.208  2.636   1.00 29.19  ? 52  MET A O   1 
ATOM   393  C CB  . MET A 1 73 ? -12.058 -5.090  5.844   1.00 42.90  ? 52  MET A CB  1 
ATOM   394  C CG  . MET A 1 73 ? -11.370 -5.021  7.147   1.00 28.83  ? 52  MET A CG  1 
ATOM   395  S SD  . MET A 1 73 ? -10.937 -6.588  7.848   1.00 69.04  ? 52  MET A SD  1 
ATOM   396  C CE  . MET A 1 73 ? -10.739 -5.967  9.476   1.00 48.61  ? 52  MET A CE  1 
ATOM   397  N N   . LEU A 1 74 ? -12.991 -3.798  3.130   1.00 30.18  ? 53  LEU A N   1 
ATOM   398  C CA  . LEU A 1 74 ? -13.572 -3.922  1.800   1.00 17.07  ? 53  LEU A CA  1 
ATOM   399  C C   . LEU A 1 74 ? -12.638 -3.351  0.738   1.00 21.89  ? 53  LEU A C   1 
ATOM   400  O O   . LEU A 1 74 ? -12.437 -3.955  -0.326  1.00 25.12  ? 53  LEU A O   1 
ATOM   401  C CB  . LEU A 1 74 ? -14.905 -3.192  1.795   1.00 44.41  ? 53  LEU A CB  1 
ATOM   402  C CG  . LEU A 1 74 ? -16.051 -3.724  0.962   1.00 49.35  ? 53  LEU A CG  1 
ATOM   403  C CD1 . LEU A 1 74 ? -17.239 -2.891  1.339   1.00 46.30  ? 53  LEU A CD1 1 
ATOM   404  C CD2 . LEU A 1 74 ? -15.743 -3.628  -0.523  1.00 64.26  ? 53  LEU A CD2 1 
ATOM   405  N N   . ILE A 1 75 ? -12.031 -2.203  1.039   1.00 23.45  ? 54  ILE A N   1 
ATOM   406  C CA  . ILE A 1 75 ? -11.076 -1.576  0.132   1.00 26.36  ? 54  ILE A CA  1 
ATOM   407  C C   . ILE A 1 75 ? -9.913  -2.520  -0.134  1.00 16.74  ? 54  ILE A C   1 
ATOM   408  O O   . ILE A 1 75 ? -9.470  -2.688  -1.279  1.00 15.92  ? 54  ILE A O   1 
ATOM   409  C CB  . ILE A 1 75 ? -10.606 -0.233  0.725   1.00 10.60  ? 54  ILE A CB  1 
ATOM   410  C CG1 . ILE A 1 75 ? -11.773 0.762   0.758   1.00 24.91  ? 54  ILE A CG1 1 
ATOM   411  C CG2 . ILE A 1 75 ? -9.427  0.337   -0.061  1.00 14.91  ? 54  ILE A CG2 1 
ATOM   412  C CD1 . ILE A 1 75 ? -11.538 1.958   1.660   1.00 22.09  ? 54  ILE A CD1 1 
ATOM   413  N N   . ALA A 1 76 ? -9.388  -3.142  0.923   1.00 18.62  ? 55  ALA A N   1 
ATOM   414  C CA  . ALA A 1 76 ? -8.304  -4.104  0.763   1.00 30.47  ? 55  ALA A CA  1 
ATOM   415  C C   . ALA A 1 76 ? -8.738  -5.288  -0.096  1.00 22.99  ? 55  ALA A C   1 
ATOM   416  O O   . ALA A 1 76 ? -7.955  -5.793  -0.910  1.00 25.55  ? 55  ALA A O   1 
ATOM   417  C CB  . ALA A 1 76 ? -7.822  -4.578  2.130   1.00 25.09  ? 55  ALA A CB  1 
ATOM   418  N N   . GLU A 1 77 ? -9.980  -5.751  0.071   1.00 27.51  ? 56  GLU A N   1 
ATOM   419  C CA  . GLU A 1 77 ? -10.473 -6.836  -0.776  1.00 27.85  ? 56  GLU A CA  1 
ATOM   420  C C   . GLU A 1 77 ? -10.434 -6.436  -2.245  1.00 20.54  ? 56  GLU A C   1 
ATOM   421  O O   . GLU A 1 77 ? -9.880  -7.157  -3.092  1.00 41.65  ? 56  GLU A O   1 
ATOM   422  C CB  . GLU A 1 77 ? -11.901 -7.211  -0.379  1.00 34.95  ? 56  GLU A CB  1 
ATOM   423  C CG  . GLU A 1 77 ? -12.024 -8.061  0.872   1.00 46.00  ? 56  GLU A CG  1 
ATOM   424  C CD  . GLU A 1 77 ? -13.457 -8.483  1.147   1.00 56.60  ? 56  GLU A CD  1 
ATOM   425  O OE1 . GLU A 1 77 ? -13.985 -9.330  0.397   1.00 71.85  ? 56  GLU A OE1 1 
ATOM   426  O OE2 . GLU A 1 77 ? -14.058 -7.955  2.107   1.00 57.62  ? 56  GLU A OE2 1 
ATOM   427  N N   . SER A 1 78 ? -10.972 -5.257  -2.561  1.00 25.70  ? 57  SER A N   1 
ATOM   428  C CA  . SER A 1 78 ? -11.009 -4.834  -3.955  1.00 29.31  ? 57  SER A CA  1 
ATOM   429  C C   . SER A 1 78 ? -9.606  -4.622  -4.509  1.00 26.83  ? 57  SER A C   1 
ATOM   430  O O   . SER A 1 78 ? -9.344  -4.941  -5.672  1.00 31.67  ? 57  SER A O   1 
ATOM   431  C CB  . SER A 1 78 ? -11.842 -3.560  -4.101  1.00 36.10  ? 57  SER A CB  1 
ATOM   432  O OG  . SER A 1 78 ? -13.103 -3.697  -3.471  1.00 52.08  ? 57  SER A OG  1 
ATOM   433  N N   . LEU A 1 79 ? -8.683  -4.103  -3.694  1.00 28.18  ? 58  LEU A N   1 
ATOM   434  C CA  . LEU A 1 79 ? -7.327  -3.881  -4.191  1.00 37.45  ? 58  LEU A CA  1 
ATOM   435  C C   . LEU A 1 79 ? -6.572  -5.187  -4.376  1.00 34.71  ? 58  LEU A C   1 
ATOM   436  O O   . LEU A 1 79 ? -5.691  -5.271  -5.235  1.00 39.31  ? 58  LEU A O   1 
ATOM   437  C CB  . LEU A 1 79 ? -6.560  -2.944  -3.258  1.00 22.13  ? 58  LEU A CB  1 
ATOM   438  C CG  . LEU A 1 79 ? -7.022  -1.487  -3.330  1.00 23.98  ? 58  LEU A CG  1 
ATOM   439  C CD1 . LEU A 1 79 ? -6.424  -0.681  -2.206  1.00 30.44  ? 58  LEU A CD1 1 
ATOM   440  C CD2 . LEU A 1 79 ? -6.636  -0.871  -4.674  1.00 28.94  ? 58  LEU A CD2 1 
ATOM   441  N N   . LEU A 1 80 ? -6.879  -6.206  -3.577  1.00 30.36  ? 59  LEU A N   1 
ATOM   442  C CA  . LEU A 1 80 ? -6.288  -7.517  -3.817  1.00 34.52  ? 59  LEU A CA  1 
ATOM   443  C C   . LEU A 1 80 ? -6.808  -8.126  -5.112  1.00 26.80  ? 59  LEU A C   1 
ATOM   444  O O   . LEU A 1 80 ? -6.036  -8.705  -5.889  1.00 36.42  ? 59  LEU A O   1 
ATOM   445  C CB  . LEU A 1 80 ? -6.558  -8.423  -2.616  1.00 33.99  ? 59  LEU A CB  1 
ATOM   446  C CG  . LEU A 1 80 ? -5.444  -8.322  -1.571  1.00 41.96  ? 59  LEU A CG  1 
ATOM   447  C CD1 . LEU A 1 80 ? -5.845  -8.846  -0.213  1.00 50.26  ? 59  LEU A CD1 1 
ATOM   448  C CD2 . LEU A 1 80 ? -4.259  -9.127  -2.087  1.00 47.34  ? 59  LEU A CD2 1 
ATOM   449  N N   . ILE A 1 81 ? -8.103  -7.964  -5.388  1.00 33.00  ? 60  ILE A N   1 
ATOM   450  C CA  . ILE A 1 81 ? -8.648  -8.460  -6.649  1.00 29.62  ? 60  ILE A CA  1 
ATOM   451  C C   . ILE A 1 81 ? -8.069  -7.683  -7.833  1.00 39.65  ? 60  ILE A C   1 
ATOM   452  O O   . ILE A 1 81 ? -7.742  -8.264  -8.879  1.00 44.86  ? 60  ILE A O   1 
ATOM   453  C CB  . ILE A 1 81 ? -10.186 -8.398  -6.584  1.00 38.76  ? 60  ILE A CB  1 
ATOM   454  C CG1 . ILE A 1 81 ? -10.673 -9.464  -5.594  1.00 48.91  ? 60  ILE A CG1 1 
ATOM   455  C CG2 . ILE A 1 81 ? -10.814 -8.577  -7.966  1.00 50.87  ? 60  ILE A CG2 1 
ATOM   456  C CD1 . ILE A 1 81 ? -12.049 -9.232  -5.030  1.00 61.60  ? 60  ILE A CD1 1 
ATOM   457  N N   . ILE A 1 82 ? -7.905  -6.368  -7.677  1.00 38.01  ? 61  ILE A N   1 
ATOM   458  C CA  . ILE A 1 82 ? -7.282  -5.555  -8.720  1.00 35.27  ? 61  ILE A CA  1 
ATOM   459  C C   . ILE A 1 82 ? -5.839  -5.983  -8.937  1.00 34.22  ? 61  ILE A C   1 
ATOM   460  O O   . ILE A 1 82 ? -5.361  -6.053  -10.075 1.00 40.05  ? 61  ILE A O   1 
ATOM   461  C CB  . ILE A 1 82 ? -7.373  -4.062  -8.352  1.00 35.13  ? 61  ILE A CB  1 
ATOM   462  C CG1 . ILE A 1 82 ? -8.818  -3.574  -8.445  1.00 23.17  ? 61  ILE A CG1 1 
ATOM   463  C CG2 . ILE A 1 82 ? -6.467  -3.220  -9.250  1.00 32.16  ? 61  ILE A CG2 1 
ATOM   464  C CD1 . ILE A 1 82 ? -9.100  -2.344  -7.608  1.00 25.09  ? 61  ILE A CD1 1 
ATOM   465  N N   . ALA A 1 83 ? -5.117  -6.259  -7.852  1.00 46.16  ? 62  ALA A N   1 
ATOM   466  C CA  . ALA A 1 83 ? -3.714  -6.635  -7.971  1.00 34.58  ? 62  ALA A CA  1 
ATOM   467  C C   . ALA A 1 83 ? -3.567  -7.982  -8.658  1.00 43.90  ? 62  ALA A C   1 
ATOM   468  O O   . ALA A 1 83 ? -2.637  -8.188  -9.448  1.00 58.71  ? 62  ALA A O   1 
ATOM   469  C CB  . ALA A 1 83 ? -3.064  -6.670  -6.589  1.00 36.47  ? 62  ALA A CB  1 
ATOM   470  N N   . ILE A 1 84 ? -4.493  -8.903  -8.393  1.00 43.63  ? 63  ILE A N   1 
ATOM   471  C CA  . ILE A 1 84 ? -4.459  -10.188 -9.077  1.00 41.19  ? 63  ILE A CA  1 
ATOM   472  C C   . ILE A 1 84 ? -4.746  -9.996  -10.563 1.00 50.22  ? 63  ILE A C   1 
ATOM   473  O O   . ILE A 1 84 ? -4.036  -10.528 -11.423 1.00 57.41  ? 63  ILE A O   1 
ATOM   474  C CB  . ILE A 1 84 ? -5.445  -11.172 -8.421  1.00 54.09  ? 63  ILE A CB  1 
ATOM   475  C CG1 . ILE A 1 84 ? -4.916  -11.602 -7.054  1.00 50.52  ? 63  ILE A CG1 1 
ATOM   476  C CG2 . ILE A 1 84 ? -5.625  -12.412 -9.291  1.00 63.48  ? 63  ILE A CG2 1 
ATOM   477  C CD1 . ILE A 1 84 ? -5.935  -12.291 -6.183  1.00 57.07  ? 63  ILE A CD1 1 
ATOM   478  N N   . SER A 1 85 ? -5.787  -9.222  -10.886 1.00 50.20  ? 64  SER A N   1 
ATOM   479  C CA  . SER A 1 85 ? -6.133  -9.022  -12.291 1.00 51.47  ? 64  SER A CA  1 
ATOM   480  C C   . SER A 1 85 ? -4.998  -8.351  -13.057 1.00 57.67  ? 64  SER A C   1 
ATOM   481  O O   . SER A 1 85 ? -4.643  -8.788  -14.158 1.00 68.66  ? 64  SER A O   1 
ATOM   482  C CB  . SER A 1 85 ? -7.411  -8.193  -12.403 1.00 45.51  ? 64  SER A CB  1 
ATOM   483  O OG  . SER A 1 85 ? -8.432  -8.707  -11.566 1.00 61.41  ? 64  SER A OG  1 
ATOM   484  N N   . LEU A 1 86 ? -4.403  -7.299  -12.487 1.00 53.38  ? 65  LEU A N   1 
ATOM   485  C CA  . LEU A 1 86 ? -3.293  -6.626  -13.157 1.00 52.50  ? 65  LEU A CA  1 
ATOM   486  C C   . LEU A 1 86 ? -2.078  -7.535  -13.265 1.00 59.72  ? 65  LEU A C   1 
ATOM   487  O O   . LEU A 1 86 ? -1.342  -7.469  -14.256 1.00 75.27  ? 65  LEU A O   1 
ATOM   488  C CB  . LEU A 1 86 ? -2.919  -5.341  -12.419 1.00 51.27  ? 65  LEU A CB  1 
ATOM   489  C CG  . LEU A 1 86 ? -3.961  -4.220  -12.410 1.00 55.42  ? 65  LEU A CG  1 
ATOM   490  C CD1 . LEU A 1 86 ? -3.433  -3.027  -11.633 1.00 54.08  ? 65  LEU A CD1 1 
ATOM   491  C CD2 . LEU A 1 86 ? -4.366  -3.803  -13.821 1.00 52.54  ? 65  LEU A CD2 1 
ATOM   492  N N   . LEU A 1 87 ? -1.852  -8.384  -12.263 1.00 68.15  ? 66  LEU A N   1 
ATOM   493  C CA  . LEU A 1 87 ? -0.694  -9.268  -12.299 1.00 58.17  ? 66  LEU A CA  1 
ATOM   494  C C   . LEU A 1 87 ? -0.838  -10.343 -13.366 1.00 63.61  ? 66  LEU A C   1 
ATOM   495  O O   . LEU A 1 87 ? 0.107   -10.603 -14.121 1.00 76.92  ? 66  LEU A O   1 
ATOM   496  C CB  . LEU A 1 87 ? -0.484  -9.911  -10.931 1.00 58.04  ? 66  LEU A CB  1 
ATOM   497  C CG  . LEU A 1 87 ? 0.747   -10.810 -10.799 1.00 73.49  ? 66  LEU A CG  1 
ATOM   498  C CD1 . LEU A 1 87 ? 2.034   -10.042 -11.007 1.00 66.23  ? 66  LEU A CD1 1 
ATOM   499  C CD2 . LEU A 1 87 ? 0.740   -11.483 -9.434  1.00 67.46  ? 66  LEU A CD2 1 
ATOM   500  N N   . LEU A 1 88 ? -2.010  -10.967 -13.461 1.00 62.04  ? 67  LEU A N   1 
ATOM   501  C CA  . LEU A 1 88 ? -2.199  -12.063 -14.395 1.00 67.99  ? 67  LEU A CA  1 
ATOM   502  C C   . LEU A 1 88 ? -2.586  -11.589 -15.793 1.00 79.67  ? 67  LEU A C   1 
ATOM   503  O O   . LEU A 1 88 ? -3.107  -12.380 -16.585 1.00 99.37  ? 67  LEU A O   1 
ATOM   504  C CB  . LEU A 1 88 ? -3.246  -13.034 -13.848 1.00 62.59  ? 67  LEU A CB  1 
ATOM   505  C CG  . LEU A 1 88 ? -3.000  -13.532 -12.421 1.00 58.81  ? 67  LEU A CG  1 
ATOM   506  C CD1 . LEU A 1 88 ? -4.034  -14.575 -12.051 1.00 73.63  ? 67  LEU A CD1 1 
ATOM   507  C CD2 . LEU A 1 88 ? -1.589  -14.090 -12.270 1.00 79.54  ? 67  LEU A CD2 1 
ATOM   508  N N   . SER A 1 89 ? -2.352  -10.317 -16.111 1.00 80.26  ? 68  SER A N   1 
ATOM   509  C CA  . SER A 1 89 ? -2.497  -9.826  -17.475 1.00 84.12  ? 68  SER A CA  1 
ATOM   510  C C   . SER A 1 89 ? -1.222  -9.122  -17.920 1.00 95.75  ? 68  SER A C   1 
ATOM   511  O O   . SER A 1 89 ? -1.243  -8.354  -18.887 1.00 93.62  ? 68  SER A O   1 
ATOM   512  C CB  . SER A 1 89 ? -3.716  -8.911  -17.586 1.00 94.57  ? 68  SER A CB  1 
ATOM   513  O OG  . SER A 1 89 ? -4.912  -9.636  -17.303 1.00 118.54 ? 68  SER A OG  1 
ATOM   514  N N   . SER A 1 90 ? -0.112  -9.388  -17.239 1.00 103.21 ? 69  SER A N   1 
ATOM   515  C CA  . SER A 1 90 ? 1.155   -8.729  -17.509 1.00 109.65 ? 69  SER A CA  1 
ATOM   516  C C   . SER A 1 90 ? 2.096   -9.662  -18.266 1.00 106.54 ? 69  SER A C   1 
ATOM   517  O O   . SER A 1 90 ? 1.666   -10.689 -18.797 1.00 94.21  ? 69  SER A O   1 
ATOM   518  C CB  . SER A 1 90 ? 1.784   -8.277  -16.194 1.00 103.33 ? 69  SER A CB  1 
ATOM   519  O OG  . SER A 1 90 ? 3.161   -8.005  -16.346 1.00 108.06 ? 69  SER A OG  1 
ATOM   520  N N   . ARG B 1 17 ? 14.918  12.383  -30.649 1.00 153.23 ? -4  ARG B N   1 
ATOM   521  C CA  . ARG B 1 17 ? 14.368  11.049  -30.410 1.00 143.90 ? -4  ARG B CA  1 
ATOM   522  C C   . ARG B 1 17 ? 14.161  10.770  -28.924 1.00 142.41 ? -4  ARG B C   1 
ATOM   523  O O   . ARG B 1 17 ? 14.800  11.408  -28.087 1.00 140.23 ? -4  ARG B O   1 
ATOM   524  C CB  . ARG B 1 17 ? 15.284  9.983   -31.016 1.00 30.00  ? -4  ARG B CB  1 
ATOM   525  N N   . GLY B 1 18 ? 13.280  9.827   -28.601 1.00 144.20 ? -3  GLY B N   1 
ATOM   526  C CA  . GLY B 1 18 ? 13.004  9.516   -27.213 1.00 140.06 ? -3  GLY B CA  1 
ATOM   527  C C   . GLY B 1 18 ? 12.430  8.123   -27.076 1.00 124.15 ? -3  GLY B C   1 
ATOM   528  O O   . GLY B 1 18 ? 12.281  7.385   -28.052 1.00 113.34 ? -3  GLY B O   1 
ATOM   529  N N   . SER B 1 19 ? 12.104  7.773   -25.834 1.00 111.94 ? -2  SER B N   1 
ATOM   530  C CA  . SER B 1 19 ? 11.592  6.448   -25.522 1.00 113.01 ? -2  SER B CA  1 
ATOM   531  C C   . SER B 1 19 ? 10.774  6.528   -24.243 1.00 113.29 ? -2  SER B C   1 
ATOM   532  O O   . SER B 1 19 ? 11.073  7.328   -23.351 1.00 115.21 ? -2  SER B O   1 
ATOM   533  C CB  . SER B 1 19 ? 12.724  5.428   -25.367 1.00 115.60 ? -2  SER B CB  1 
ATOM   534  O OG  . SER B 1 19 ? 12.211  4.122   -25.173 1.00 113.01 ? -2  SER B OG  1 
ATOM   535  N N   . HIS B 1 20 ? 9.723   5.710   -24.182 1.00 115.70 ? -1  HIS B N   1 
ATOM   536  C CA  . HIS B 1 20 ? 8.792   5.734   -23.060 1.00 111.73 ? -1  HIS B CA  1 
ATOM   537  C C   . HIS B 1 20 ? 9.565   5.762   -21.749 1.00 120.25 ? -1  HIS B C   1 
ATOM   538  O O   . HIS B 1 20 ? 9.682   6.815   -21.115 1.00 113.97 ? -1  HIS B O   1 
ATOM   539  C CB  . HIS B 1 20 ? 7.859   4.521   -23.109 1.00 105.50 ? -1  HIS B CB  1 
ATOM   540  N N   . MET B 1 21 ? 10.089  4.613   -21.334 1.00 122.67 ? 0   MET B N   1 
ATOM   541  C CA  . MET B 1 21 ? 10.790  4.490   -20.064 1.00 111.27 ? 0   MET B CA  1 
ATOM   542  C C   . MET B 1 21 ? 12.163  3.888   -20.313 1.00 113.89 ? 0   MET B C   1 
ATOM   543  O O   . MET B 1 21 ? 12.266  2.743   -20.765 1.00 124.63 ? 0   MET B O   1 
ATOM   544  C CB  . MET B 1 21 ? 9.995   3.625   -19.083 1.00 98.47  ? 0   MET B CB  1 
ATOM   545  N N   . THR B 1 22 ? 13.213  4.656   -20.026 1.00 111.51 ? 1   THR B N   1 
ATOM   546  C CA  . THR B 1 22 ? 14.563  4.132   -20.187 1.00 121.33 ? 1   THR B CA  1 
ATOM   547  C C   . THR B 1 22 ? 14.742  2.971   -19.216 1.00 120.05 ? 1   THR B C   1 
ATOM   548  O O   . THR B 1 22 ? 14.290  3.028   -18.068 1.00 119.25 ? 1   THR B O   1 
ATOM   549  C CB  . THR B 1 22 ? 15.644  5.209   -19.963 1.00 129.58 ? 1   THR B CB  1 
ATOM   550  O OG1 . THR B 1 22 ? 16.814  4.604   -19.398 1.00 125.01 ? 1   THR B OG1 1 
ATOM   551  C CG2 . THR B 1 22 ? 15.186  6.359   -19.056 1.00 119.58 ? 1   THR B CG2 1 
ATOM   552  N N   . GLU B 1 23 ? 15.407  1.909   -19.681 1.00 133.87 ? 2   GLU B N   1 
ATOM   553  C CA  . GLU B 1 23 ? 15.548  0.711   -18.857 1.00 129.91 ? 2   GLU B CA  1 
ATOM   554  C C   . GLU B 1 23 ? 16.103  1.053   -17.484 1.00 112.59 ? 2   GLU B C   1 
ATOM   555  O O   . GLU B 1 23 ? 15.691  0.469   -16.473 1.00 109.37 ? 2   GLU B O   1 
ATOM   556  C CB  . GLU B 1 23 ? 16.452  -0.301  -19.562 1.00 113.34 ? 2   GLU B CB  1 
ATOM   557  N N   . ASP B 1 24 ? 17.025  2.010   -17.422 1.00 117.99 ? 3   ASP B N   1 
ATOM   558  C CA  . ASP B 1 24 ? 17.522  2.456   -16.129 1.00 115.25 ? 3   ASP B CA  1 
ATOM   559  C C   . ASP B 1 24 ? 16.431  3.163   -15.331 1.00 113.95 ? 3   ASP B C   1 
ATOM   560  O O   . ASP B 1 24 ? 16.455  3.121   -14.100 1.00 99.59  ? 3   ASP B O   1 
ATOM   561  C CB  . ASP B 1 24 ? 18.748  3.350   -16.297 1.00 123.99 ? 3   ASP B CB  1 
ATOM   562  C CG  . ASP B 1 24 ? 20.031  2.549   -16.440 1.00 125.03 ? 3   ASP B CG  1 
ATOM   563  O OD1 . ASP B 1 24 ? 19.955  1.299   -16.462 1.00 115.18 ? 3   ASP B OD1 1 
ATOM   564  O OD2 . ASP B 1 24 ? 21.118  3.158   -16.524 1.00 122.30 ? 3   ASP B OD2 1 
ATOM   565  N N   . GLU B 1 25 ? 15.513  3.873   -15.997 1.00 122.67 ? 4   GLU B N   1 
ATOM   566  C CA  . GLU B 1 25 ? 14.419  4.517   -15.272 1.00 107.43 ? 4   GLU B CA  1 
ATOM   567  C C   . GLU B 1 25 ? 13.498  3.489   -14.617 1.00 95.59  ? 4   GLU B C   1 
ATOM   568  O O   . GLU B 1 25 ? 13.179  3.601   -13.428 1.00 93.18  ? 4   GLU B O   1 
ATOM   569  C CB  . GLU B 1 25 ? 13.615  5.415   -16.208 1.00 98.76  ? 4   GLU B CB  1 
ATOM   570  N N   . ILE B 1 26 ? 13.057  2.478   -15.376 1.00 85.35  ? 5   ILE B N   1 
ATOM   571  C CA  . ILE B 1 26 ? 12.236  1.423   -14.783 1.00 91.22  ? 5   ILE B CA  1 
ATOM   572  C C   . ILE B 1 26 ? 13.023  0.693   -13.707 1.00 93.75  ? 5   ILE B C   1 
ATOM   573  O O   . ILE B 1 26 ? 12.454  0.221   -12.713 1.00 99.34  ? 5   ILE B O   1 
ATOM   574  C CB  . ILE B 1 26 ? 11.723  0.447   -15.868 1.00 103.67 ? 5   ILE B CB  1 
ATOM   575  C CG1 . ILE B 1 26 ? 10.838  1.152   -16.907 1.00 107.39 ? 5   ILE B CG1 1 
ATOM   576  C CG2 . ILE B 1 26 ? 10.954  -0.717  -15.237 1.00 103.23 ? 5   ILE B CG2 1 
ATOM   577  C CD1 . ILE B 1 26 ? 9.610   1.842   -16.327 1.00 108.53 ? 5   ILE B CD1 1 
ATOM   578  N N   . ARG B 1 27 ? 14.345  0.603   -13.873 1.00 95.82  ? 6   ARG B N   1 
ATOM   579  C CA  . ARG B 1 27 ? 15.184  0.009   -12.838 1.00 96.67  ? 6   ARG B CA  1 
ATOM   580  C C   . ARG B 1 27 ? 15.218  0.880   -11.586 1.00 92.22  ? 6   ARG B C   1 
ATOM   581  O O   . ARG B 1 27 ? 15.250  0.363   -10.463 1.00 88.01  ? 6   ARG B O   1 
ATOM   582  C CB  . ARG B 1 27 ? 16.594  -0.217  -13.378 1.00 93.95  ? 6   ARG B CB  1 
ATOM   583  N N   . LYS B 1 28 ? 15.205  2.203   -11.757 1.00 86.46  ? 7   LYS B N   1 
ATOM   584  C CA  . LYS B 1 28 ? 15.317  3.107   -10.619 1.00 92.26  ? 7   LYS B CA  1 
ATOM   585  C C   . LYS B 1 28 ? 13.997  3.229   -9.879  1.00 95.31  ? 7   LYS B C   1 
ATOM   586  O O   . LYS B 1 28 ? 13.988  3.473   -8.667  1.00 88.53  ? 7   LYS B O   1 
ATOM   587  C CB  . LYS B 1 28 ? 15.790  4.484   -11.086 1.00 108.64 ? 7   LYS B CB  1 
ATOM   588  N N   . LEU B 1 29 ? 12.880  3.071   -10.590 1.00 92.84  ? 8   LEU B N   1 
ATOM   589  C CA  . LEU B 1 29 ? 11.588  2.970   -9.928  1.00 78.38  ? 8   LEU B CA  1 
ATOM   590  C C   . LEU B 1 29 ? 11.465  1.631   -9.217  1.00 71.34  ? 8   LEU B C   1 
ATOM   591  O O   . LEU B 1 29 ? 10.899  1.547   -8.120  1.00 71.71  ? 8   LEU B O   1 
ATOM   592  C CB  . LEU B 1 29 ? 10.466  3.151   -10.949 1.00 73.60  ? 8   LEU B CB  1 
ATOM   593  C CG  . LEU B 1 29 ? 10.232  4.564   -11.487 1.00 76.99  ? 8   LEU B CG  1 
ATOM   594  C CD1 . LEU B 1 29 ? 9.041   4.553   -12.414 1.00 79.97  ? 8   LEU B CD1 1 
ATOM   595  C CD2 . LEU B 1 29 ? 10.004  5.566   -10.356 1.00 79.05  ? 8   LEU B CD2 1 
ATOM   596  N N   . ARG B 1 30 ? 12.004  0.573   -9.830  1.00 75.49  ? 9   ARG B N   1 
ATOM   597  C CA  . ARG B 1 30 ? 12.089  -0.714  -9.147  1.00 82.15  ? 9   ARG B CA  1 
ATOM   598  C C   . ARG B 1 30 ? 12.904  -0.604  -7.864  1.00 72.81  ? 9   ARG B C   1 
ATOM   599  O O   . ARG B 1 30 ? 12.602  -1.274  -6.869  1.00 69.71  ? 9   ARG B O   1 
ATOM   600  C CB  . ARG B 1 30 ? 12.695  -1.764  -10.076 1.00 74.60  ? 9   ARG B CB  1 
ATOM   601  N N   . LYS B 1 31 ? 13.947  0.230   -7.865  1.00 67.15  ? 10  LYS B N   1 
ATOM   602  C CA  . LYS B 1 31 ? 14.719  0.443   -6.647  1.00 82.85  ? 10  LYS B CA  1 
ATOM   603  C C   . LYS B 1 31 ? 13.833  0.989   -5.534  1.00 74.00  ? 10  LYS B C   1 
ATOM   604  O O   . LYS B 1 31 ? 13.796  0.443   -4.421  1.00 75.65  ? 10  LYS B O   1 
ATOM   605  C CB  . LYS B 1 31 ? 15.881  1.397   -6.930  1.00 84.89  ? 10  LYS B CB  1 
ATOM   606  N N   . LEU B 1 32 ? 13.082  2.051   -5.828  1.00 77.15  ? 11  LEU B N   1 
ATOM   607  C CA  . LEU B 1 32 ? 12.255  2.668   -4.801  1.00 78.40  ? 11  LEU B CA  1 
ATOM   608  C C   . LEU B 1 32 ? 11.178  1.691   -4.347  1.00 70.65  ? 11  LEU B C   1 
ATOM   609  O O   . LEU B 1 32 ? 10.843  1.628   -3.157  1.00 71.91  ? 11  LEU B O   1 
ATOM   610  C CB  . LEU B 1 32 ? 11.642  3.966   -5.338  1.00 86.14  ? 11  LEU B CB  1 
ATOM   611  C CG  . LEU B 1 32 ? 11.188  5.032   -4.327  1.00 92.18  ? 11  LEU B CG  1 
ATOM   612  C CD1 . LEU B 1 32 ? 10.790  6.313   -5.058  1.00 80.97  ? 11  LEU B CD1 1 
ATOM   613  C CD2 . LEU B 1 32 ? 10.073  4.597   -3.399  1.00 85.22  ? 11  LEU B CD2 1 
ATOM   614  N N   . LEU B 1 33 ? 10.651  0.895   -5.280  1.00 68.14  ? 12  LEU B N   1 
ATOM   615  C CA  . LEU B 1 33 ? 9.686   -0.135  -4.911  1.00 68.90  ? 12  LEU B CA  1 
ATOM   616  C C   . LEU B 1 33 ? 10.301  -1.134  -3.938  1.00 73.33  ? 12  LEU B C   1 
ATOM   617  O O   . LEU B 1 33 ? 9.651   -1.552  -2.974  1.00 72.29  ? 12  LEU B O   1 
ATOM   618  C CB  . LEU B 1 33 ? 9.176   -0.857  -6.158  1.00 68.88  ? 12  LEU B CB  1 
ATOM   619  C CG  . LEU B 1 33 ? 8.076   -0.136  -6.941  1.00 66.97  ? 12  LEU B CG  1 
ATOM   620  C CD1 . LEU B 1 33 ? 7.771   -0.872  -8.238  1.00 64.94  ? 12  LEU B CD1 1 
ATOM   621  C CD2 . LEU B 1 33 ? 6.807   0.060   -6.115  1.00 61.80  ? 12  LEU B CD2 1 
ATOM   622  N N   . GLU B 1 34 ? 11.552  -1.535  -4.178  1.00 81.26  ? 13  GLU B N   1 
ATOM   623  C CA  . GLU B 1 34 ? 12.228  -2.437  -3.250  1.00 77.85  ? 13  GLU B CA  1 
ATOM   624  C C   . GLU B 1 34 ? 12.337  -1.805  -1.867  1.00 64.44  ? 13  GLU B C   1 
ATOM   625  O O   . GLU B 1 34 ? 12.000  -2.432  -0.852  1.00 61.11  ? 13  GLU B O   1 
ATOM   626  C CB  . GLU B 1 34 ? 13.614  -2.796  -3.785  1.00 72.20  ? 13  GLU B CB  1 
ATOM   627  N N   . GLU B 1 35 ? 12.763  -0.541  -1.813  1.00 63.12  ? 14  GLU B N   1 
ATOM   628  C CA  . GLU B 1 35 ? 12.862  0.145   -0.528  1.00 64.32  ? 14  GLU B CA  1 
ATOM   629  C C   . GLU B 1 35 ? 11.520  0.153   0.192   1.00 72.32  ? 14  GLU B C   1 
ATOM   630  O O   . GLU B 1 35 ? 11.449  -0.075  1.408   1.00 70.74  ? 14  GLU B O   1 
ATOM   631  C CB  . GLU B 1 35 ? 13.325  1.583   -0.749  1.00 67.12  ? 14  GLU B CB  1 
ATOM   632  C CG  . GLU B 1 35 ? 14.791  1.749   -1.120  1.00 90.53  ? 14  GLU B CG  1 
ATOM   633  C CD  . GLU B 1 35 ? 15.061  3.055   -1.853  1.00 107.78 ? 14  GLU B CD  1 
ATOM   634  O OE1 . GLU B 1 35 ? 14.202  3.961   -1.801  1.00 87.70  ? 14  GLU B OE1 1 
ATOM   635  O OE2 . GLU B 1 35 ? 16.132  3.170   -2.486  1.00 110.54 ? 14  GLU B OE2 1 
ATOM   636  N N   . ALA B 1 36 ? 10.438  0.377   -0.557  1.00 71.82  ? 15  ALA B N   1 
ATOM   637  C CA  . ALA B 1 36 ? 9.114   0.463   0.042   1.00 62.20  ? 15  ALA B CA  1 
ATOM   638  C C   . ALA B 1 36 ? 8.609   -0.893  0.506   1.00 46.77  ? 15  ALA B C   1 
ATOM   639  O O   . ALA B 1 36 ? 7.879   -0.972  1.500   1.00 37.65  ? 15  ALA B O   1 
ATOM   640  C CB  . ALA B 1 36 ? 8.134   1.070   -0.956  1.00 62.47  ? 15  ALA B CB  1 
ATOM   641  N N   . GLU B 1 37 ? 8.977   -1.969  -0.193  1.00 47.18  ? 16  GLU B N   1 
ATOM   642  C CA  . GLU B 1 37 ? 8.588   -3.298  0.267   1.00 53.33  ? 16  GLU B CA  1 
ATOM   643  C C   . GLU B 1 37 ? 9.321   -3.665  1.550   1.00 62.83  ? 16  GLU B C   1 
ATOM   644  O O   . GLU B 1 37 ? 8.708   -4.163  2.507   1.00 44.86  ? 16  GLU B O   1 
ATOM   645  C CB  . GLU B 1 37 ? 8.865   -4.332  -0.826  1.00 52.78  ? 16  GLU B CB  1 
ATOM   646  N N   . LYS B 1 38 ? 10.627  -3.392  1.607   1.00 60.21  ? 17  LYS B N   1 
ATOM   647  C CA  . LYS B 1 38 ? 11.370  -3.642  2.841   1.00 61.63  ? 17  LYS B CA  1 
ATOM   648  C C   . LYS B 1 38 ? 10.763  -2.870  4.010   1.00 46.09  ? 17  LYS B C   1 
ATOM   649  O O   . LYS B 1 38 ? 10.440  -3.455  5.059   1.00 38.91  ? 17  LYS B O   1 
ATOM   650  C CB  . LYS B 1 38 ? 12.842  -3.267  2.645   1.00 64.20  ? 17  LYS B CB  1 
ATOM   651  N N   . LYS B 1 39 ? 10.584  -1.556  3.841   1.00 39.86  ? 18  LYS B N   1 
ATOM   652  C CA  . LYS B 1 39 ? 9.923   -0.761  4.875   1.00 51.41  ? 18  LYS B CA  1 
ATOM   653  C C   . LYS B 1 39 ? 8.571   -1.340  5.261   1.00 39.52  ? 18  LYS B C   1 
ATOM   654  O O   . LYS B 1 39 ? 8.234   -1.394  6.449   1.00 37.88  ? 18  LYS B O   1 
ATOM   655  C CB  . LYS B 1 39 ? 9.794   0.691   4.419   1.00 51.02  ? 18  LYS B CB  1 
ATOM   656  C CG  . LYS B 1 39 ? 11.092  1.424   4.595   1.00 74.84  ? 18  LYS B CG  1 
ATOM   657  C CD  . LYS B 1 39 ? 10.894  2.912   4.439   1.00 79.99  ? 18  LYS B CD  1 
ATOM   658  C CE  . LYS B 1 39 ? 12.226  3.634   4.378   1.00 93.87  ? 18  LYS B CE  1 
ATOM   659  N NZ  . LYS B 1 39 ? 13.020  3.210   3.202   1.00 91.82  ? 18  LYS B NZ  1 
ATOM   660  N N   . LEU B 1 40 ? 7.762   -1.741  4.277   1.00 37.31  ? 19  LEU B N   1 
ATOM   661  C CA  . LEU B 1 40 ? 6.463   -2.310  4.610   1.00 43.42  ? 19  LEU B CA  1 
ATOM   662  C C   . LEU B 1 40 ? 6.640   -3.500  5.547   1.00 33.57  ? 19  LEU B C   1 
ATOM   663  O O   . LEU B 1 40 ? 5.930   -3.632  6.548   1.00 31.10  ? 19  LEU B O   1 
ATOM   664  C CB  . LEU B 1 40 ? 5.702   -2.727  3.347   1.00 38.05  ? 19  LEU B CB  1 
ATOM   665  C CG  . LEU B 1 40 ? 4.285   -3.251  3.636   1.00 28.42  ? 19  LEU B CG  1 
ATOM   666  C CD1 . LEU B 1 40 ? 3.459   -2.301  4.515   1.00 41.61  ? 19  LEU B CD1 1 
ATOM   667  C CD2 . LEU B 1 40 ? 3.545   -3.584  2.352   1.00 44.00  ? 19  LEU B CD2 1 
ATOM   668  N N   . TYR B 1 41 ? 7.571   -4.395  5.218   1.00 34.60  ? 20  TYR B N   1 
ATOM   669  C CA  . TYR B 1 41 ? 7.835   -5.532  6.099   1.00 46.02  ? 20  TYR B CA  1 
ATOM   670  C C   . TYR B 1 41 ? 8.165   -5.064  7.514   1.00 33.36  ? 20  TYR B C   1 
ATOM   671  O O   . TYR B 1 41 ? 7.595   -5.565  8.497   1.00 28.80  ? 20  TYR B O   1 
ATOM   672  C CB  . TYR B 1 41 ? 8.974   -6.375  5.520   1.00 38.56  ? 20  TYR B CB  1 
ATOM   673  C CG  . TYR B 1 41 ? 8.610   -7.126  4.247   1.00 46.32  ? 20  TYR B CG  1 
ATOM   674  C CD1 . TYR B 1 41 ? 7.309   -7.569  4.026   1.00 60.54  ? 20  TYR B CD1 1 
ATOM   675  C CD2 . TYR B 1 41 ? 9.563   -7.384  3.265   1.00 63.77  ? 20  TYR B CD2 1 
ATOM   676  C CE1 . TYR B 1 41 ? 6.969   -8.254  2.874   1.00 76.17  ? 20  TYR B CE1 1 
ATOM   677  C CE2 . TYR B 1 41 ? 9.227   -8.070  2.104   1.00 75.25  ? 20  TYR B CE2 1 
ATOM   678  C CZ  . TYR B 1 41 ? 7.927   -8.501  1.917   1.00 89.66  ? 20  TYR B CZ  1 
ATOM   679  O OH  . TYR B 1 41 ? 7.579   -9.181  0.771   1.00 102.94 ? 20  TYR B OH  1 
ATOM   680  N N   . LYS B 1 42 ? 9.048   -4.068  7.645   1.00 26.00  ? 21  LYS B N   1 
ATOM   681  C CA  . LYS B 1 42 ? 9.373   -3.585  8.988   1.00 27.72  ? 21  LYS B CA  1 
ATOM   682  C C   . LYS B 1 42 ? 8.144   -3.013  9.688   1.00 29.38  ? 21  LYS B C   1 
ATOM   683  O O   . LYS B 1 42 ? 7.989   -3.169  10.907  1.00 32.47  ? 21  LYS B O   1 
ATOM   684  C CB  . LYS B 1 42 ? 10.487  -2.540  8.923   1.00 40.85  ? 21  LYS B CB  1 
ATOM   685  C CG  . LYS B 1 42 ? 11.697  -2.969  8.092   1.00 53.36  ? 21  LYS B CG  1 
ATOM   686  C CD  . LYS B 1 42 ? 13.026  -2.691  8.796   1.00 71.80  ? 21  LYS B CD  1 
ATOM   687  C CE  . LYS B 1 42 ? 13.283  -3.671  9.940   1.00 95.14  ? 21  LYS B CE  1 
ATOM   688  N NZ  . LYS B 1 42 ? 14.740  -3.849  10.225  1.00 70.18  ? 21  LYS B NZ  1 
ATOM   689  N N   . LEU B 1 43 ? 7.243   -2.383  8.933   1.00 53.11  ? 22  LEU B N   1 
ATOM   690  C CA  . LEU B 1 43 ? 6.046   -1.799  9.529   1.00 38.74  ? 22  LEU B CA  1 
ATOM   691  C C   . LEU B 1 43 ? 5.082   -2.874  10.002  1.00 22.61  ? 22  LEU B C   1 
ATOM   692  O O   . LEU B 1 43 ? 4.476   -2.743  11.069  1.00 29.66  ? 22  LEU B O   1 
ATOM   693  C CB  . LEU B 1 43 ? 5.334   -0.893  8.531   1.00 37.41  ? 22  LEU B CB  1 
ATOM   694  C CG  . LEU B 1 43 ? 4.210   -0.028  9.123   1.00 32.15  ? 22  LEU B CG  1 
ATOM   695  C CD1 . LEU B 1 43 ? 4.644   0.712   10.399  1.00 52.76  ? 22  LEU B CD1 1 
ATOM   696  C CD2 . LEU B 1 43 ? 3.638   0.925   8.089   1.00 42.71  ? 22  LEU B CD2 1 
ATOM   697  N N   . GLU B 1 44 ? 4.893   -3.922  9.202   1.00 30.39  ? 23  GLU B N   1 
ATOM   698  C CA  . GLU B 1 44 ? 4.018   -5.011  9.612   1.00 39.30  ? 23  GLU B CA  1 
ATOM   699  C C   . GLU B 1 44 ? 4.579   -5.763  10.815  1.00 44.15  ? 23  GLU B C   1 
ATOM   700  O O   . GLU B 1 44 ? 3.805   -6.234  11.657  1.00 50.93  ? 23  GLU B O   1 
ATOM   701  C CB  . GLU B 1 44 ? 3.775   -5.947  8.429   1.00 39.00  ? 23  GLU B CB  1 
ATOM   702  C CG  . GLU B 1 44 ? 2.942   -5.283  7.321   1.00 48.22  ? 23  GLU B CG  1 
ATOM   703  C CD  . GLU B 1 44 ? 2.590   -6.216  6.172   1.00 68.53  ? 23  GLU B CD  1 
ATOM   704  O OE1 . GLU B 1 44 ? 3.305   -7.219  5.970   1.00 74.36  ? 23  GLU B OE1 1 
ATOM   705  O OE2 . GLU B 1 44 ? 1.592   -5.940  5.472   1.00 55.35  ? 23  GLU B OE2 1 
ATOM   706  N N   . ASP B 1 45 ? 5.907   -5.868  10.934  1.00 40.95  ? 24  ASP B N   1 
ATOM   707  C CA  . ASP B 1 45 ? 6.474   -6.449  12.152  1.00 48.12  ? 24  ASP B CA  1 
ATOM   708  C C   . ASP B 1 45 ? 6.228   -5.542  13.356  1.00 41.21  ? 24  ASP B C   1 
ATOM   709  O O   . ASP B 1 45 ? 5.820   -6.011  14.430  1.00 47.44  ? 24  ASP B O   1 
ATOM   710  C CB  . ASP B 1 45 ? 7.969   -6.713  11.968  1.00 45.67  ? 24  ASP B CB  1 
ATOM   711  C CG  . ASP B 1 45 ? 8.250   -7.756  10.901  1.00 38.64  ? 24  ASP B CG  1 
ATOM   712  O OD1 . ASP B 1 45 ? 7.383   -8.625  10.677  1.00 59.91  ? 24  ASP B OD1 1 
ATOM   713  O OD2 . ASP B 1 45 ? 9.341   -7.713  10.292  1.00 52.98  ? 24  ASP B OD2 1 
ATOM   714  N N   . LYS B 1 46 ? 6.441   -4.233  13.184  1.00 32.88  ? 25  LYS B N   1 
ATOM   715  C CA  . LYS B 1 46 ? 6.146   -3.275  14.248  1.00 43.95  ? 25  LYS B CA  1 
ATOM   716  C C   . LYS B 1 46 ? 4.692   -3.369  14.698  1.00 52.70  ? 25  LYS B C   1 
ATOM   717  O O   . LYS B 1 46 ? 4.396   -3.409  15.904  1.00 57.14  ? 25  LYS B O   1 
ATOM   718  C CB  . LYS B 1 46 ? 6.460   -1.869  13.740  1.00 49.09  ? 25  LYS B CB  1 
ATOM   719  C CG  . LYS B 1 46 ? 6.243   -0.761  14.738  1.00 49.87  ? 25  LYS B CG  1 
ATOM   720  C CD  . LYS B 1 46 ? 6.999   0.489   14.343  1.00 69.43  ? 25  LYS B CD  1 
ATOM   721  C CE  . LYS B 1 46 ? 6.777   1.590   15.357  1.00 86.51  ? 25  LYS B CE  1 
ATOM   722  N NZ  . LYS B 1 46 ? 7.778   2.674   15.227  1.00 95.43  ? 25  LYS B NZ  1 
ATOM   723  N N   . THR B 1 47 ? 3.778   -3.469  13.734  1.00 55.45  ? 26  THR B N   1 
ATOM   724  C CA  . THR B 1 47 ? 2.365   -3.593  14.060  1.00 55.08  ? 26  THR B CA  1 
ATOM   725  C C   . THR B 1 47 ? 2.108   -4.906  14.773  1.00 50.71  ? 26  THR B C   1 
ATOM   726  O O   . THR B 1 47 ? 1.228   -4.985  15.632  1.00 52.87  ? 26  THR B O   1 
ATOM   727  C CB  . THR B 1 47 ? 1.513   -3.484  12.795  1.00 57.08  ? 26  THR B CB  1 
ATOM   728  O OG1 . THR B 1 47 ? 1.843   -2.274  12.103  1.00 60.29  ? 26  THR B OG1 1 
ATOM   729  C CG2 . THR B 1 47 ? 0.034   -3.468  13.152  1.00 58.05  ? 26  THR B CG2 1 
ATOM   730  N N   . ARG B 1 48 ? 2.803   -5.968  14.370  1.00 53.27  ? 27  ARG B N   1 
ATOM   731  C CA  . ARG B 1 48 ? 2.695   -7.236  15.080  1.00 51.05  ? 27  ARG B CA  1 
ATOM   732  C C   . ARG B 1 48 ? 3.018   -7.063  16.564  1.00 57.73  ? 27  ARG B C   1 
ATOM   733  O O   . ARG B 1 48 ? 2.240   -7.459  17.437  1.00 59.34  ? 27  ARG B O   1 
ATOM   734  C CB  . ARG B 1 48 ? 3.628   -8.268  14.460  1.00 48.52  ? 27  ARG B CB  1 
ATOM   735  C CG  . ARG B 1 48 ? 2.934   -9.591  14.215  1.00 57.26  ? 27  ARG B CG  1 
ATOM   736  C CD  . ARG B 1 48 ? 3.857   -10.784 14.370  1.00 103.51 ? 27  ARG B CD  1 
ATOM   737  N NE  . ARG B 1 48 ? 4.110   -11.121 15.775  1.00 112.43 ? 27  ARG B NE  1 
ATOM   738  C CZ  . ARG B 1 48 ? 4.670   -12.260 16.176  1.00 120.13 ? 27  ARG B CZ  1 
ATOM   739  N NH1 . ARG B 1 48 ? 4.867   -12.528 17.466  1.00 111.00 ? 27  ARG B NH1 1 
ATOM   740  N NH2 . ARG B 1 48 ? 5.038   -13.150 15.282  1.00 114.20 ? 27  ARG B NH2 1 
ATOM   741  N N   . ARG B 1 49 ? 4.176   -6.473  16.860  1.00 61.23  ? 28  ARG B N   1 
ATOM   742  C CA  A ARG B 1 49 ? 4.551   -6.295  18.267  0.51 59.02  ? 28  ARG B CA  1 
ATOM   743  C CA  B ARG B 1 49 ? 4.543   -6.308  18.269  0.49 59.01  ? 28  ARG B CA  1 
ATOM   744  C C   . ARG B 1 49 ? 3.494   -5.490  19.009  1.00 56.53  ? 28  ARG B C   1 
ATOM   745  O O   . ARG B 1 49 ? 3.082   -5.863  20.126  1.00 70.71  ? 28  ARG B O   1 
ATOM   746  C CB  A ARG B 1 49 ? 5.921   -5.621  18.351  0.51 54.61  ? 28  ARG B CB  1 
ATOM   747  C CB  B ARG B 1 49 ? 5.929   -5.670  18.373  0.49 54.68  ? 28  ARG B CB  1 
ATOM   748  C CG  A ARG B 1 49 ? 7.051   -6.499  17.817  0.51 50.16  ? 28  ARG B CG  1 
ATOM   749  C CG  B ARG B 1 49 ? 7.023   -6.579  17.823  0.49 49.78  ? 28  ARG B CG  1 
ATOM   750  C CD  A ARG B 1 49 ? 8.383   -5.769  17.767  0.51 49.95  ? 28  ARG B CD  1 
ATOM   751  C CD  B ARG B 1 49 ? 8.403   -6.247  18.366  0.49 50.17  ? 28  ARG B CD  1 
ATOM   752  N NE  A ARG B 1 49 ? 8.894   -5.673  16.397  0.51 48.22  ? 28  ARG B NE  1 
ATOM   753  N NE  B ARG B 1 49 ? 9.229   -7.449  18.490  0.49 50.78  ? 28  ARG B NE  1 
ATOM   754  C CZ  A ARG B 1 49 ? 9.329   -4.557  15.813  0.51 37.31  ? 28  ARG B CZ  1 
ATOM   755  C CZ  B ARG B 1 49 ? 9.309   -8.204  19.585  0.49 48.60  ? 28  ARG B CZ  1 
ATOM   756  N NH1 A ARG B 1 49 ? 9.760   -4.601  14.561  0.51 28.11  ? 28  ARG B NH1 1 
ATOM   757  N NH1 B ARG B 1 49 ? 10.087  -9.277  19.589  0.49 56.90  ? 28  ARG B NH1 1 
ATOM   758  N NH2 A ARG B 1 49 ? 9.352   -3.402  16.468  0.51 37.46  ? 28  ARG B NH2 1 
ATOM   759  N NH2 B ARG B 1 49 ? 8.621   -7.892  20.677  0.49 45.39  ? 28  ARG B NH2 1 
ATOM   760  N N   . SER B 1 50 ? 3.017   -4.398  18.409  1.00 68.86  ? 29  SER B N   1 
ATOM   761  C CA  . SER B 1 50 ? 1.896   -3.680  19.009  1.00 68.39  ? 29  SER B CA  1 
ATOM   762  C C   . SER B 1 50 ? 0.684   -4.596  19.169  1.00 69.21  ? 29  SER B C   1 
ATOM   763  O O   . SER B 1 50 ? -0.108  -4.426  20.103  1.00 74.19  ? 29  SER B O   1 
ATOM   764  C CB  . SER B 1 50 ? 1.531   -2.456  18.169  1.00 75.56  ? 29  SER B CB  1 
ATOM   765  O OG  . SER B 1 50 ? 0.701   -1.567  18.897  1.00 66.82  ? 29  SER B OG  1 
ATOM   766  N N   . GLU B 1 51 ? 0.525   -5.562  18.260  1.00 73.67  ? 30  GLU B N   1 
ATOM   767  C CA  . GLU B 1 51 ? -0.584  -6.509  18.332  1.00 84.51  ? 30  GLU B CA  1 
ATOM   768  C C   . GLU B 1 51 ? -0.506  -7.341  19.602  1.00 95.87  ? 30  GLU B C   1 
ATOM   769  O O   . GLU B 1 51 ? -1.531  -7.596  20.246  1.00 105.61 ? 30  GLU B O   1 
ATOM   770  C CB  . GLU B 1 51 ? -0.590  -7.417  17.095  1.00 81.22  ? 30  GLU B CB  1 
ATOM   771  C CG  . GLU B 1 51 ? -1.721  -8.436  17.026  1.00 87.98  ? 30  GLU B CG  1 
ATOM   772  C CD  . GLU B 1 51 ? -1.209  -9.841  16.752  1.00 100.26 ? 30  GLU B CD  1 
ATOM   773  O OE1 . GLU B 1 51 ? -1.706  -10.796 17.387  1.00 108.22 ? 30  GLU B OE1 1 
ATOM   774  O OE2 . GLU B 1 51 ? -0.299  -9.990  15.908  1.00 90.85  ? 30  GLU B OE2 1 
ATOM   775  N N   . GLU B 1 52 ? 0.696   -7.781  19.981  1.00 87.98  ? 31  GLU B N   1 
ATOM   776  C CA  . GLU B 1 52 ? 0.766   -8.631  21.164  1.00 97.63  ? 31  GLU B CA  1 
ATOM   777  C C   . GLU B 1 52 ? 0.782   -7.824  22.454  1.00 94.39  ? 31  GLU B C   1 
ATOM   778  O O   . GLU B 1 52 ? 0.349   -8.331  23.495  1.00 100.93 ? 31  GLU B O   1 
ATOM   779  C CB  . GLU B 1 52 ? 2.008   -9.516  21.111  1.00 99.10  ? 31  GLU B CB  1 
ATOM   780  C CG  . GLU B 1 52 ? 1.895   -10.671 20.140  1.00 105.83 ? 31  GLU B CG  1 
ATOM   781  C CD  . GLU B 1 52 ? 3.008   -10.689 19.121  1.00 106.08 ? 31  GLU B CD  1 
ATOM   782  O OE1 . GLU B 1 52 ? 2.799   -11.271 18.037  1.00 94.29  ? 31  GLU B OE1 1 
ATOM   783  O OE2 . GLU B 1 52 ? 4.095   -10.134 19.394  1.00 99.23  ? 31  GLU B OE2 1 
ATOM   784  N N   . ILE B 1 53 ? 1.261   -6.577  22.418  1.00 89.13  ? 32  ILE B N   1 
ATOM   785  C CA  . ILE B 1 53 ? 1.227   -5.746  23.621  1.00 97.67  ? 32  ILE B CA  1 
ATOM   786  C C   . ILE B 1 53 ? -0.115  -5.036  23.779  1.00 114.76 ? 32  ILE B C   1 
ATOM   787  O O   . ILE B 1 53 ? -0.405  -4.516  24.867  1.00 118.58 ? 32  ILE B O   1 
ATOM   788  C CB  . ILE B 1 53 ? 2.440   -4.793  23.627  1.00 93.12  ? 32  ILE B CB  1 
ATOM   789  C CG1 . ILE B 1 53 ? 3.734   -5.613  23.547  1.00 81.36  ? 32  ILE B CG1 1 
ATOM   790  C CG2 . ILE B 1 53 ? 2.473   -3.946  24.895  1.00 101.01 ? 32  ILE B CG2 1 
ATOM   791  C CD1 . ILE B 1 53 ? 3.859   -6.732  24.606  1.00 75.44  ? 32  ILE B CD1 1 
ATOM   792  N N   . SER B 1 54 ? -0.936  -4.991  22.723  1.00 113.78 ? 33  SER B N   1 
ATOM   793  C CA  . SER B 1 54 ? -2.237  -4.325  22.714  1.00 102.88 ? 33  SER B CA  1 
ATOM   794  C C   . SER B 1 54 ? -3.042  -4.470  24.004  1.00 116.90 ? 33  SER B C   1 
ATOM   795  O O   . SER B 1 54 ? -2.776  -5.350  24.829  1.00 112.30 ? 33  SER B O   1 
ATOM   796  C CB  . SER B 1 54 ? -3.073  -4.859  21.545  1.00 98.20  ? 33  SER B CB  1 
ATOM   797  O OG  . SER B 1 54 ? -3.128  -6.276  21.571  1.00 92.95  ? 33  SER B OG  1 
ATOM   798  N N   . LYS B 1 55 ? -4.044  -3.604  24.160  1.00 125.05 ? 34  LYS B N   1 
ATOM   799  C CA  . LYS B 1 55 ? -4.930  -3.562  25.315  1.00 110.89 ? 34  LYS B CA  1 
ATOM   800  C C   . LYS B 1 55 ? -6.353  -3.886  24.872  1.00 121.96 ? 34  LYS B C   1 
ATOM   801  O O   . LYS B 1 55 ? -6.725  -3.657  23.717  1.00 115.96 ? 34  LYS B O   1 
ATOM   802  C CB  . LYS B 1 55 ? -4.867  -2.172  25.977  1.00 114.18 ? 34  LYS B CB  1 
ATOM   803  C CG  . LYS B 1 55 ? -5.820  -1.934  27.153  1.00 122.41 ? 34  LYS B CG  1 
ATOM   804  C CD  . LYS B 1 55 ? -6.135  -0.452  27.340  1.00 119.00 ? 34  LYS B CD  1 
ATOM   805  C CE  . LYS B 1 55 ? -6.882  0.126   26.139  1.00 121.40 ? 34  LYS B CE  1 
ATOM   806  N NZ  . LYS B 1 55 ? -7.570  1.411   26.441  1.00 110.45 ? 34  LYS B NZ  1 
ATOM   807  N N   . THR B 1 56 ? -7.151  -4.422  25.802  1.00 136.21 ? 35  THR B N   1 
ATOM   808  C CA  . THR B 1 56 ? -8.510  -4.865  25.515  1.00 132.48 ? 35  THR B CA  1 
ATOM   809  C C   . THR B 1 56 ? -9.559  -4.058  26.279  1.00 131.59 ? 35  THR B C   1 
ATOM   810  O O   . THR B 1 56 ? -10.638 -4.571  26.587  1.00 138.89 ? 35  THR B O   1 
ATOM   811  C CB  . THR B 1 56 ? -8.659  -6.351  25.840  1.00 101.67 ? 35  THR B CB  1 
ATOM   812  N N   . ASP B 1 58 ? -9.271  -2.790  26.574  1.00 125.06 ? 37  ASP B N   1 
ATOM   813  C CA  . ASP B 1 58 ? -10.135 -2.002  27.442  1.00 125.22 ? 37  ASP B CA  1 
ATOM   814  C C   . ASP B 1 58 ? -11.137 -1.140  26.689  1.00 121.72 ? 37  ASP B C   1 
ATOM   815  O O   . ASP B 1 58 ? -12.159 -0.760  27.272  1.00 130.57 ? 37  ASP B O   1 
ATOM   816  C CB  . ASP B 1 58 ? -9.286  -1.105  28.348  1.00 109.96 ? 37  ASP B CB  1 
ATOM   817  N N   . ASP B 1 59 ? -10.881 -0.828  25.415  1.00 109.96 ? 38  ASP B N   1 
ATOM   818  C CA  . ASP B 1 59 ? -11.741 0.068   24.658  1.00 93.04  ? 38  ASP B CA  1 
ATOM   819  C C   . ASP B 1 59 ? -11.908 -0.459  23.237  1.00 82.42  ? 38  ASP B C   1 
ATOM   820  O O   . ASP B 1 59 ? -10.900 -0.726  22.559  1.00 81.88  ? 38  ASP B O   1 
ATOM   821  C CB  . ASP B 1 59 ? -11.130 1.475   24.634  1.00 86.98  ? 38  ASP B CB  1 
ATOM   822  C CG  . ASP B 1 59 ? -12.159 2.568   24.398  1.00 94.54  ? 38  ASP B CG  1 
ATOM   823  O OD1 . ASP B 1 59 ? -13.368 2.269   24.367  1.00 95.97  ? 38  ASP B OD1 1 
ATOM   824  O OD2 . ASP B 1 59 ? -11.751 3.735   24.222  1.00 97.04  ? 38  ASP B OD2 1 
ATOM   825  N N   . PRO B 1 60 ? -13.141 -0.600  22.734  1.00 91.74  ? 39  PRO B N   1 
ATOM   826  C CA  . PRO B 1 60 ? -13.299 -0.983  21.326  1.00 91.42  ? 39  PRO B CA  1 
ATOM   827  C C   . PRO B 1 60 ? -12.770 0.063   20.369  1.00 71.91  ? 39  PRO B C   1 
ATOM   828  O O   . PRO B 1 60 ? -12.464 -0.275  19.222  1.00 59.12  ? 39  PRO B O   1 
ATOM   829  C CB  . PRO B 1 60 ? -14.811 -1.184  21.168  1.00 102.87 ? 39  PRO B CB  1 
ATOM   830  C CG  . PRO B 1 60 ? -15.426 -0.399  22.239  1.00 95.90  ? 39  PRO B CG  1 
ATOM   831  C CD  . PRO B 1 60 ? -14.450 -0.395  23.386  1.00 100.05 ? 39  PRO B CD  1 
ATOM   832  N N   . LYS B 1 61 ? -12.688 1.327   20.785  1.00 51.42  ? 40  LYS B N   1 
ATOM   833  C CA  . LYS B 1 61 ? -12.087 2.342   19.929  1.00 55.84  ? 40  LYS B CA  1 
ATOM   834  C C   . LYS B 1 61 ? -10.639 1.979   19.616  1.00 54.62  ? 40  LYS B C   1 
ATOM   835  O O   . LYS B 1 61 ? -10.208 2.032   18.458  1.00 57.58  ? 40  LYS B O   1 
ATOM   836  C CB  . LYS B 1 61 ? -12.159 3.708   20.613  1.00 66.80  ? 40  LYS B CB  1 
ATOM   837  C CG  . LYS B 1 61 ? -13.579 4.162   20.935  1.00 80.23  ? 40  LYS B CG  1 
ATOM   838  C CD  . LYS B 1 61 ? -13.604 5.544   21.579  1.00 63.53  ? 40  LYS B CD  1 
ATOM   839  C CE  . LYS B 1 61 ? -14.806 5.703   22.500  1.00 85.43  ? 40  LYS B CE  1 
ATOM   840  N NZ  . LYS B 1 61 ? -15.126 7.128   22.791  1.00 83.49  ? 40  LYS B NZ  1 
ATOM   841  N N   . ALA B 1 62 ? -9.875  1.592   20.641  1.00 38.79  ? 41  ALA B N   1 
ATOM   842  C CA  . ALA B 1 62 ? -8.489  1.190   20.423  1.00 42.64  ? 41  ALA B CA  1 
ATOM   843  C C   . ALA B 1 62 ? -8.408  -0.015  19.492  1.00 40.30  ? 41  ALA B C   1 
ATOM   844  O O   . ALA B 1 62 ? -7.589  -0.043  18.564  1.00 47.24  ? 41  ALA B O   1 
ATOM   845  C CB  . ALA B 1 62 ? -7.821  0.880   21.761  1.00 46.08  ? 41  ALA B CB  1 
ATOM   846  N N   . GLN B 1 63 ? -9.262  -1.018  19.718  1.00 34.17  ? 42  GLN B N   1 
ATOM   847  C CA  . GLN B 1 63 ? -9.311  -2.173  18.827  1.00 53.94  ? 42  GLN B CA  1 
ATOM   848  C C   . GLN B 1 63 ? -9.601  -1.749  17.394  1.00 36.72  ? 42  GLN B C   1 
ATOM   849  O O   . GLN B 1 63 ? -8.992  -2.260  16.447  1.00 46.15  ? 42  GLN B O   1 
ATOM   850  C CB  . GLN B 1 63 ? -10.373 -3.162  19.310  1.00 60.91  ? 42  GLN B CB  1 
ATOM   851  C CG  . GLN B 1 63 ? -9.862  -4.230  20.264  1.00 74.44  ? 42  GLN B CG  1 
ATOM   852  C CD  . GLN B 1 63 ? -9.616  -5.565  19.580  1.00 99.30  ? 42  GLN B CD  1 
ATOM   853  O OE1 . GLN B 1 63 ? -9.471  -5.635  18.358  1.00 84.70  ? 42  GLN B OE1 1 
ATOM   854  N NE2 . GLN B 1 63 ? -9.575  -6.634  20.368  1.00 87.24  ? 42  GLN B NE2 1 
ATOM   855  N N   . SER B 1 64 ? -10.528 -0.807  17.217  1.00 42.10  ? 43  SER B N   1 
ATOM   856  C CA  . SER B 1 64 ? -10.872 -0.345  15.881  1.00 41.31  ? 43  SER B CA  1 
ATOM   857  C C   . SER B 1 64 ? -9.681  0.329   15.224  1.00 37.42  ? 43  SER B C   1 
ATOM   858  O O   . SER B 1 64 ? -9.378  0.069   14.058  1.00 33.08  ? 43  SER B O   1 
ATOM   859  C CB  . SER B 1 64 ? -12.060 0.617   15.947  1.00 42.82  ? 43  SER B CB  1 
ATOM   860  O OG  . SER B 1 64 ? -13.285 -0.087  16.072  1.00 34.83  ? 43  SER B OG  1 
ATOM   861  N N   . LEU B 1 65 ? -8.982  1.189   15.964  1.00 35.20  ? 44  LEU B N   1 
ATOM   862  C CA  . LEU B 1 65 ? -7.800  1.845   15.414  1.00 39.74  ? 44  LEU B CA  1 
ATOM   863  C C   . LEU B 1 65 ? -6.757  0.817   14.997  1.00 32.74  ? 44  LEU B C   1 
ATOM   864  O O   . LEU B 1 65 ? -6.161  0.919   13.917  1.00 38.05  ? 44  LEU B O   1 
ATOM   865  C CB  . LEU B 1 65 ? -7.236  2.811   16.455  1.00 25.75  ? 44  LEU B CB  1 
ATOM   866  C CG  . LEU B 1 65 ? -8.094  4.066   16.655  1.00 38.90  ? 44  LEU B CG  1 
ATOM   867  C CD1 . LEU B 1 65 ? -7.710  4.827   17.915  1.00 48.66  ? 44  LEU B CD1 1 
ATOM   868  C CD2 . LEU B 1 65 ? -7.976  4.987   15.452  1.00 27.91  ? 44  LEU B CD2 1 
ATOM   869  N N   . GLN B 1 66 ? -6.549  -0.202  15.829  1.00 34.10  ? 45  GLN B N   1 
ATOM   870  C CA  . GLN B 1 66 ? -5.582  -1.244  15.504  1.00 34.68  ? 45  GLN B CA  1 
ATOM   871  C C   . GLN B 1 66 ? -5.980  -1.986  14.227  1.00 34.48  ? 45  GLN B C   1 
ATOM   872  O O   . GLN B 1 66 ? -5.141  -2.227  13.346  1.00 38.79  ? 45  GLN B O   1 
ATOM   873  C CB  . GLN B 1 66 ? -5.464  -2.177  16.706  1.00 35.90  ? 45  GLN B CB  1 
ATOM   874  C CG  . GLN B 1 66 ? -4.092  -2.770  16.938  1.00 68.52  ? 45  GLN B CG  1 
ATOM   875  C CD  . GLN B 1 66 ? -3.922  -3.202  18.383  1.00 82.79  ? 45  GLN B CD  1 
ATOM   876  O OE1 . GLN B 1 66 ? -4.124  -4.364  18.730  1.00 97.65  ? 45  GLN B OE1 1 
ATOM   877  N NE2 . GLN B 1 66 ? -3.563  -2.248  19.243  1.00 77.26  ? 45  GLN B NE2 1 
ATOM   878  N N   . LEU B 1 67 ? -7.271  -2.320  14.093  1.00 38.49  ? 46  LEU B N   1 
ATOM   879  C CA  . LEU B 1 67 ? -7.767  -2.940  12.865  1.00 28.44  ? 46  LEU B CA  1 
ATOM   880  C C   . LEU B 1 67 ? -7.596  -2.017  11.667  1.00 29.38  ? 46  LEU B C   1 
ATOM   881  O O   . LEU B 1 67 ? -7.317  -2.476  10.553  1.00 24.80  ? 46  LEU B O   1 
ATOM   882  C CB  . LEU B 1 67 ? -9.242  -3.313  13.029  1.00 39.76  ? 46  LEU B CB  1 
ATOM   883  C CG  . LEU B 1 67 ? -9.599  -4.322  14.118  1.00 45.28  ? 46  LEU B CG  1 
ATOM   884  C CD1 . LEU B 1 67 ? -11.096 -4.380  14.327  1.00 46.53  ? 46  LEU B CD1 1 
ATOM   885  C CD2 . LEU B 1 67 ? -9.096  -5.698  13.700  1.00 39.66  ? 46  LEU B CD2 1 
ATOM   886  N N   . ILE B 1 68 ? -7.775  -0.713  11.873  1.00 23.47  ? 47  ILE B N   1 
ATOM   887  C CA  . ILE B 1 68 ? -7.600  0.255   10.796  1.00 27.30  ? 47  ILE B CA  1 
ATOM   888  C C   . ILE B 1 68 ? -6.162  0.229   10.297  1.00 16.53  ? 47  ILE B C   1 
ATOM   889  O O   . ILE B 1 68 ? -5.905  0.183   9.086   1.00 13.47  ? 47  ILE B O   1 
ATOM   890  C CB  . ILE B 1 68 ? -8.018  1.659   11.279  1.00 36.74  ? 47  ILE B CB  1 
ATOM   891  C CG1 . ILE B 1 68 ? -9.542  1.733   11.444  1.00 22.59  ? 47  ILE B CG1 1 
ATOM   892  C CG2 . ILE B 1 68 ? -7.515  2.754   10.330  1.00 26.90  ? 47  ILE B CG2 1 
ATOM   893  C CD1 . ILE B 1 68 ? -10.035 2.960   12.212  1.00 20.52  ? 47  ILE B CD1 1 
ATOM   894  N N   . ALA B 1 69 ? -5.200  0.233   11.222  1.00 21.82  ? 48  ALA B N   1 
ATOM   895  C CA  . ALA B 1 69 ? -3.800  0.192   10.811  1.00 26.56  ? 48  ALA B CA  1 
ATOM   896  C C   . ALA B 1 69 ? -3.483  -1.108  10.080  1.00 28.95  ? 48  ALA B C   1 
ATOM   897  O O   . ALA B 1 69 ? -2.901  -1.095  8.990   1.00 32.88  ? 48  ALA B O   1 
ATOM   898  C CB  . ALA B 1 69 ? -2.894  0.367   12.030  1.00 36.42  ? 48  ALA B CB  1 
ATOM   899  N N   . GLU B 1 70 ? -3.891  -2.243  10.649  1.00 24.89  ? 49  GLU B N   1 
ATOM   900  C CA  . GLU B 1 70 ? -3.613  -3.532  10.015  1.00 34.69  ? 49  GLU B CA  1 
ATOM   901  C C   . GLU B 1 70 ? -4.209  -3.592  8.608   1.00 17.32  ? 49  GLU B C   1 
ATOM   902  O O   . GLU B 1 70 ? -3.548  -4.020  7.642   1.00 32.28  ? 49  GLU B O   1 
ATOM   903  C CB  . GLU B 1 70 ? -4.173  -4.639  10.907  1.00 35.10  ? 49  GLU B CB  1 
ATOM   904  C CG  . GLU B 1 70 ? -3.438  -5.964  10.862  1.00 66.32  ? 49  GLU B CG  1 
ATOM   905  C CD  . GLU B 1 70 ? -3.744  -6.821  12.083  1.00 88.84  ? 49  GLU B CD  1 
ATOM   906  O OE1 . GLU B 1 70 ? -3.857  -8.055  11.939  1.00 101.58 ? 49  GLU B OE1 1 
ATOM   907  O OE2 . GLU B 1 70 ? -3.901  -6.250  13.187  1.00 61.02  ? 49  GLU B OE2 1 
ATOM   908  N N   . SER B 1 71 ? -5.429  -3.075  8.456   1.00 33.82  ? 50  SER B N   1 
ATOM   909  C CA  . SER B 1 71 ? -6.046  -3.005  7.139   1.00 21.02  ? 50  SER B CA  1 
ATOM   910  C C   . SER B 1 71 ? -5.211  -2.151  6.198   1.00 13.00  ? 50  SER B C   1 
ATOM   911  O O   . SER B 1 71 ? -4.979  -2.531  5.045   1.00 17.65  ? 50  SER B O   1 
ATOM   912  C CB  . SER B 1 71 ? -7.464  -2.446  7.257   1.00 30.55  ? 50  SER B CB  1 
ATOM   913  O OG  . SER B 1 71 ? -8.337  -3.386  7.861   1.00 52.58  ? 50  SER B OG  1 
ATOM   914  N N   . LEU B 1 72 ? -4.737  -0.997  6.675   1.00 9.87   ? 51  LEU B N   1 
ATOM   915  C CA  . LEU B 1 72 ? -3.948  -0.135  5.803   1.00 17.27  ? 51  LEU B CA  1 
ATOM   916  C C   . LEU B 1 72 ? -2.638  -0.789  5.398   1.00 24.90  ? 51  LEU B C   1 
ATOM   917  O O   . LEU B 1 72 ? -2.146  -0.538  4.294   1.00 21.44  ? 51  LEU B O   1 
ATOM   918  C CB  . LEU B 1 72 ? -3.691  1.211   6.473   1.00 10.17  ? 51  LEU B CB  1 
ATOM   919  C CG  . LEU B 1 72 ? -4.953  2.074   6.565   1.00 18.15  ? 51  LEU B CG  1 
ATOM   920  C CD1 . LEU B 1 72 ? -4.754  3.204   7.540   1.00 23.46  ? 51  LEU B CD1 1 
ATOM   921  C CD2 . LEU B 1 72 ? -5.323  2.626   5.193   1.00 19.64  ? 51  LEU B CD2 1 
ATOM   922  N N   . MET B 1 73 ? -2.037  -1.611  6.262   1.00 18.18  ? 52  MET B N   1 
ATOM   923  C CA  . MET B 1 73 ? -0.871  -2.367  5.812   1.00 22.48  ? 52  MET B CA  1 
ATOM   924  C C   . MET B 1 73 ? -1.239  -3.313  4.682   1.00 13.86  ? 52  MET B C   1 
ATOM   925  O O   . MET B 1 73 ? -0.476  -3.460  3.719   1.00 29.37  ? 52  MET B O   1 
ATOM   926  C CB  . MET B 1 73 ? -0.209  -3.116  6.967   1.00 27.41  ? 52  MET B CB  1 
ATOM   927  C CG  . MET B 1 73 ? 0.676   -2.212  7.808   1.00 37.87  ? 52  MET B CG  1 
ATOM   928  S SD  . MET B 1 73 ? 0.680   -2.561  9.566   1.00 61.04  ? 52  MET B SD  1 
ATOM   929  C CE  . MET B 1 73 ? 0.105   -0.979  10.171  1.00 47.65  ? 52  MET B CE  1 
ATOM   930  N N   . LEU B 1 74 ? -2.415  -3.945  4.748   1.00 31.82  ? 53  LEU B N   1 
ATOM   931  C CA  . LEU B 1 74 ? -2.794  -4.787  3.612   1.00 19.96  ? 53  LEU B CA  1 
ATOM   932  C C   . LEU B 1 74 ? -3.027  -3.954  2.352   1.00 26.88  ? 53  LEU B C   1 
ATOM   933  O O   . LEU B 1 74 ? -2.637  -4.363  1.249   1.00 20.06  ? 53  LEU B O   1 
ATOM   934  C CB  . LEU B 1 74 ? -4.031  -5.618  3.939   1.00 32.31  ? 53  LEU B CB  1 
ATOM   935  C CG  . LEU B 1 74 ? -3.820  -6.838  4.841   1.00 35.92  ? 53  LEU B CG  1 
ATOM   936  C CD1 . LEU B 1 74 ? -5.106  -7.640  4.921   1.00 40.92  ? 53  LEU B CD1 1 
ATOM   937  C CD2 . LEU B 1 74 ? -2.661  -7.724  4.372   1.00 35.18  ? 53  LEU B CD2 1 
ATOM   938  N N   . ILE B 1 75 ? -3.656  -2.784  2.488   1.00 26.48  ? 54  ILE B N   1 
ATOM   939  C CA  . ILE B 1 75 ? -3.860  -1.909  1.337   1.00 24.36  ? 54  ILE B CA  1 
ATOM   940  C C   . ILE B 1 75 ? -2.520  -1.518  0.712   1.00 19.99  ? 54  ILE B C   1 
ATOM   941  O O   . ILE B 1 75 ? -2.340  -1.581  -0.508  1.00 14.10  ? 54  ILE B O   1 
ATOM   942  C CB  . ILE B 1 75 ? -4.681  -0.673  1.747   1.00 30.46  ? 54  ILE B CB  1 
ATOM   943  C CG1 . ILE B 1 75 ? -6.122  -1.089  2.067   1.00 24.34  ? 54  ILE B CG1 1 
ATOM   944  C CG2 . ILE B 1 75 ? -4.641  0.406   0.663   1.00 19.51  ? 54  ILE B CG2 1 
ATOM   945  C CD1 . ILE B 1 75 ? -6.923  -0.049  2.830   1.00 32.60  ? 54  ILE B CD1 1 
ATOM   946  N N   . ALA B 1 76 ? -1.564  -1.111  1.549   1.00 13.81  ? 55  ALA B N   1 
ATOM   947  C CA  . ALA B 1 76 ? -0.245  -0.746  1.037   1.00 26.79  ? 55  ALA B CA  1 
ATOM   948  C C   . ALA B 1 76 ? 0.424   -1.929  0.352   1.00 21.98  ? 55  ALA B C   1 
ATOM   949  O O   . ALA B 1 76 ? 1.095   -1.768  -0.674  1.00 25.17  ? 55  ALA B O   1 
ATOM   950  C CB  . ALA B 1 76 ? 0.626   -0.227  2.177   1.00 20.26  ? 55  ALA B CB  1 
ATOM   951  N N   . GLU B 1 77 ? 0.261   -3.128  0.910   1.00 24.32  ? 56  GLU B N   1 
ATOM   952  C CA  . GLU B 1 77 ? 0.827   -4.324  0.297   1.00 28.85  ? 56  GLU B CA  1 
ATOM   953  C C   . GLU B 1 77 ? 0.266   -4.533  -1.107  1.00 27.78  ? 56  GLU B C   1 
ATOM   954  O O   . GLU B 1 77 ? 1.018   -4.686  -2.085  1.00 45.07  ? 56  GLU B O   1 
ATOM   955  C CB  . GLU B 1 77 ? 0.529   -5.515  1.206   1.00 30.24  ? 56  GLU B CB  1 
ATOM   956  C CG  . GLU B 1 77 ? 1.238   -6.812  0.865   1.00 56.87  ? 56  GLU B CG  1 
ATOM   957  C CD  . GLU B 1 77 ? 1.146   -7.824  1.999   1.00 80.01  ? 56  GLU B CD  1 
ATOM   958  O OE1 . GLU B 1 77 ? 1.370   -9.026  1.747   1.00 89.04  ? 56  GLU B OE1 1 
ATOM   959  O OE2 . GLU B 1 77 ? 0.845   -7.412  3.140   1.00 68.23  ? 56  GLU B OE2 1 
ATOM   960  N N   . SER B 1 78 ? -1.062  -4.466  -1.237  1.00 21.88  ? 57  SER B N   1 
ATOM   961  C CA  . SER B 1 78 ? -1.688  -4.668  -2.539  1.00 32.35  ? 57  SER B CA  1 
ATOM   962  C C   . SER B 1 78 ? -1.289  -3.573  -3.518  1.00 27.21  ? 57  SER B C   1 
ATOM   963  O O   . SER B 1 78 ? -1.125  -3.833  -4.716  1.00 27.78  ? 57  SER B O   1 
ATOM   964  C CB  . SER B 1 78 ? -3.211  -4.702  -2.391  1.00 42.40  ? 57  SER B CB  1 
ATOM   965  O OG  . SER B 1 78 ? -3.616  -5.592  -1.365  1.00 51.84  ? 57  SER B OG  1 
ATOM   966  N N   . LEU B 1 79 ? -1.136  -2.340  -3.034  1.00 29.89  ? 58  LEU B N   1 
ATOM   967  C CA  . LEU B 1 79 ? -0.769  -1.248  -3.926  1.00 41.77  ? 58  LEU B CA  1 
ATOM   968  C C   . LEU B 1 79 ? 0.684   -1.344  -4.367  1.00 23.46  ? 58  LEU B C   1 
ATOM   969  O O   . LEU B 1 79 ? 1.022   -0.908  -5.473  1.00 39.13  ? 58  LEU B O   1 
ATOM   970  C CB  . LEU B 1 79 ? -1.045  0.095   -3.250  1.00 29.10  ? 58  LEU B CB  1 
ATOM   971  C CG  . LEU B 1 79 ? -2.539  0.397   -3.082  1.00 31.32  ? 58  LEU B CG  1 
ATOM   972  C CD1 . LEU B 1 79 ? -2.755  1.606   -2.189  1.00 25.42  ? 58  LEU B CD1 1 
ATOM   973  C CD2 . LEU B 1 79 ? -3.219  0.608   -4.431  1.00 40.91  ? 58  LEU B CD2 1 
ATOM   974  N N   . LEU B 1 80 ? 1.562   -1.897  -3.529  1.00 34.92  ? 59  LEU B N   1 
ATOM   975  C CA  . LEU B 1 80 ? 2.931   -2.132  -3.976  1.00 30.36  ? 59  LEU B CA  1 
ATOM   976  C C   . LEU B 1 80 ? 2.980   -3.220  -5.041  1.00 21.70  ? 59  LEU B C   1 
ATOM   977  O O   . LEU B 1 80 ? 3.691   -3.080  -6.048  1.00 31.31  ? 59  LEU B O   1 
ATOM   978  C CB  . LEU B 1 80 ? 3.825   -2.480  -2.786  1.00 35.58  ? 59  LEU B CB  1 
ATOM   979  C CG  . LEU B 1 80 ? 4.446   -1.261  -2.097  1.00 38.79  ? 59  LEU B CG  1 
ATOM   980  C CD1 . LEU B 1 80 ? 5.037   -1.608  -0.740  1.00 42.90  ? 59  LEU B CD1 1 
ATOM   981  C CD2 . LEU B 1 80 ? 5.526   -0.656  -2.989  1.00 50.43  ? 59  LEU B CD2 1 
ATOM   982  N N   . ILE B 1 81 ? 2.197   -4.290  -4.875  1.00 27.87  ? 60  ILE B N   1 
ATOM   983  C CA  . ILE B 1 81 ? 2.162   -5.302  -5.931  1.00 25.33  ? 60  ILE B CA  1 
ATOM   984  C C   . ILE B 1 81 ? 1.554   -4.722  -7.206  1.00 38.41  ? 60  ILE B C   1 
ATOM   985  O O   . ILE B 1 81 ? 2.005   -5.023  -8.321  1.00 37.29  ? 60  ILE B O   1 
ATOM   986  C CB  . ILE B 1 81 ? 1.424   -6.562  -5.447  1.00 27.78  ? 60  ILE B CB  1 
ATOM   987  C CG1 . ILE B 1 81 ? 2.282   -7.286  -4.411  1.00 34.15  ? 60  ILE B CG1 1 
ATOM   988  C CG2 . ILE B 1 81 ? 1.115   -7.495  -6.612  1.00 37.74  ? 60  ILE B CG2 1 
ATOM   989  C CD1 . ILE B 1 81 ? 1.517   -8.243  -3.538  1.00 42.47  ? 60  ILE B CD1 1 
ATOM   990  N N   . ILE B 1 82 ? 0.539   -3.865  -7.068  1.00 36.99  ? 61  ILE B N   1 
ATOM   991  C CA  . ILE B 1 82 ? -0.028  -3.203  -8.239  1.00 34.94  ? 61  ILE B CA  1 
ATOM   992  C C   . ILE B 1 82 ? 1.030   -2.353  -8.920  1.00 24.96  ? 61  ILE B C   1 
ATOM   993  O O   . ILE B 1 82 ? 1.122   -2.315  -10.154 1.00 33.68  ? 61  ILE B O   1 
ATOM   994  C CB  . ILE B 1 82 ? -1.253  -2.356  -7.842  1.00 27.00  ? 61  ILE B CB  1 
ATOM   995  C CG1 . ILE B 1 82 ? -2.431  -3.249  -7.464  1.00 25.90  ? 61  ILE B CG1 1 
ATOM   996  C CG2 . ILE B 1 82 ? -1.647  -1.412  -8.973  1.00 35.04  ? 61  ILE B CG2 1 
ATOM   997  C CD1 . ILE B 1 82 ? -3.457  -2.560  -6.576  1.00 27.14  ? 61  ILE B CD1 1 
ATOM   998  N N   . ALA B 1 83 ? 1.850   -1.657  -8.131  1.00 33.48  ? 62  ALA B N   1 
ATOM   999  C CA  . ALA B 1 83 ? 2.874   -0.804  -8.716  1.00 33.91  ? 62  ALA B CA  1 
ATOM   1000 C C   . ALA B 1 83 ? 3.912   -1.629  -9.458  1.00 48.61  ? 62  ALA B C   1 
ATOM   1001 O O   . ALA B 1 83 ? 4.417   -1.198  -10.503 1.00 63.36  ? 62  ALA B O   1 
ATOM   1002 C CB  . ALA B 1 83 ? 3.543   0.036   -7.632  1.00 30.52  ? 62  ALA B CB  1 
ATOM   1003 N N   . ILE B 1 84 ? 4.228   -2.823  -8.953  1.00 34.97  ? 63  ILE B N   1 
ATOM   1004 C CA  . ILE B 1 84 ? 5.155   -3.693  -9.669  1.00 42.82  ? 63  ILE B CA  1 
ATOM   1005 C C   . ILE B 1 84 ? 4.538   -4.150  -10.986 1.00 44.16  ? 63  ILE B C   1 
ATOM   1006 O O   . ILE B 1 84 ? 5.161   -4.052  -12.050 1.00 52.18  ? 63  ILE B O   1 
ATOM   1007 C CB  . ILE B 1 84 ? 5.562   -4.889  -8.790  1.00 42.19  ? 63  ILE B CB  1 
ATOM   1008 C CG1 . ILE B 1 84 ? 6.525   -4.432  -7.698  1.00 41.26  ? 63  ILE B CG1 1 
ATOM   1009 C CG2 . ILE B 1 84 ? 6.215   -5.989  -9.633  1.00 43.55  ? 63  ILE B CG2 1 
ATOM   1010 C CD1 . ILE B 1 84 ? 6.716   -5.441  -6.584  1.00 51.54  ? 63  ILE B CD1 1 
ATOM   1011 N N   . SER B 1 85 ? 3.294   -4.632  -10.943 1.00 47.49  ? 64  SER B N   1 
ATOM   1012 C CA  . SER B 1 85 ? 2.667   -5.132  -12.163 1.00 55.20  ? 64  SER B CA  1 
ATOM   1013 C C   . SER B 1 85 ? 2.553   -4.034  -13.215 1.00 59.81  ? 64  SER B C   1 
ATOM   1014 O O   . SER B 1 85 ? 2.832   -4.268  -14.397 1.00 71.90  ? 64  SER B O   1 
ATOM   1015 C CB  . SER B 1 85 ? 1.294   -5.722  -11.852 1.00 53.32  ? 64  SER B CB  1 
ATOM   1016 O OG  . SER B 1 85 ? 1.359   -6.631  -10.766 1.00 60.33  ? 64  SER B OG  1 
ATOM   1017 N N   . LEU B 1 86 ? 2.143   -2.833  -12.809 1.00 55.05  ? 65  LEU B N   1 
ATOM   1018 C CA  . LEU B 1 86 ? 2.054   -1.728  -13.759 1.00 62.42  ? 65  LEU B CA  1 
ATOM   1019 C C   . LEU B 1 86 ? 3.428   -1.322  -14.276 1.00 65.48  ? 65  LEU B C   1 
ATOM   1020 O O   . LEU B 1 86 ? 3.573   -0.975  -15.453 1.00 77.82  ? 65  LEU B O   1 
ATOM   1021 C CB  . LEU B 1 86 ? 1.367   -0.530  -13.107 1.00 50.95  ? 65  LEU B CB  1 
ATOM   1022 C CG  . LEU B 1 86 ? -0.111  -0.664  -12.736 1.00 50.15  ? 65  LEU B CG  1 
ATOM   1023 C CD1 . LEU B 1 86 ? -0.587  0.607   -12.073 1.00 55.81  ? 65  LEU B CD1 1 
ATOM   1024 C CD2 . LEU B 1 86 ? -0.952  -0.952  -13.966 1.00 42.38  ? 65  LEU B CD2 1 
ATOM   1025 N N   . LEU B 1 87 ? 4.451   -1.363  -13.419 1.00 74.03  ? 66  LEU B N   1 
ATOM   1026 C CA  . LEU B 1 87 ? 5.773   -0.926  -13.854 1.00 74.93  ? 66  LEU B CA  1 
ATOM   1027 C C   . LEU B 1 87 ? 6.403   -1.934  -14.812 1.00 68.23  ? 66  LEU B C   1 
ATOM   1028 O O   . LEU B 1 87 ? 6.968   -1.547  -15.842 1.00 66.76  ? 66  LEU B O   1 
ATOM   1029 C CB  . LEU B 1 87 ? 6.670   -0.671  -12.644 1.00 65.56  ? 66  LEU B CB  1 
ATOM   1030 C CG  . LEU B 1 87 ? 8.000   0.007   -12.978 1.00 76.26  ? 66  LEU B CG  1 
ATOM   1031 C CD1 . LEU B 1 87 ? 7.762   1.398   -13.551 1.00 71.36  ? 66  LEU B CD1 1 
ATOM   1032 C CD2 . LEU B 1 87 ? 8.875   0.102   -11.748 1.00 69.85  ? 66  LEU B CD2 1 
ATOM   1033 N N   . LEU B 1 88 ? 6.304   -3.224  -14.504 1.00 71.16  ? 67  LEU B N   1 
ATOM   1034 C CA  . LEU B 1 88 ? 6.869   -4.277  -15.354 1.00 87.03  ? 67  LEU B CA  1 
ATOM   1035 C C   . LEU B 1 88 ? 5.905   -4.640  -16.480 1.00 89.98  ? 67  LEU B C   1 
ATOM   1036 O O   . LEU B 1 88 ? 5.674   -5.811  -16.793 1.00 79.27  ? 67  LEU B O   1 
ATOM   1037 C CB  . LEU B 1 88 ? 7.228   -5.501  -14.517 1.00 91.27  ? 67  LEU B CB  1 
ATOM   1038 C CG  . LEU B 1 88 ? 8.131   -5.244  -13.306 1.00 89.53  ? 67  LEU B CG  1 
ATOM   1039 C CD1 . LEU B 1 88 ? 8.544   -6.551  -12.639 1.00 90.11  ? 67  LEU B CD1 1 
ATOM   1040 C CD2 . LEU B 1 88 ? 9.356   -4.428  -13.699 1.00 74.75  ? 67  LEU B CD2 1 
ATOM   1041 N N   . SER B 1 89 ? 5.267   -3.615  -17.038 1.00 86.82  ? 68  SER B N   1 
ATOM   1042 C CA  . SER B 1 89 ? 4.380   -3.779  -18.180 1.00 86.29  ? 68  SER B CA  1 
ATOM   1043 C C   . SER B 1 89 ? 4.715   -2.828  -19.334 1.00 91.93  ? 68  SER B C   1 
ATOM   1044 O O   . SER B 1 89 ? 5.846   -2.791  -19.821 1.00 99.64  ? 68  SER B O   1 
ATOM   1045 C CB  . SER B 1 89 ? 2.938   -3.599  -17.707 1.00 91.69  ? 68  SER B CB  1 
ATOM   1046 O OG  . SER B 1 89 ? 2.604   -4.646  -16.808 1.00 90.60  ? 68  SER B OG  1 
ATOM   1047 N N   . VAL C 1 15 ? 7.339   1.394   -21.076 1.00 118.87 ? -6  VAL C N   1 
ATOM   1048 C CA  . VAL C 1 15 ? 6.154   0.689   -21.641 1.00 126.53 ? -6  VAL C CA  1 
ATOM   1049 C C   . VAL C 1 15 ? 5.921   1.120   -23.089 1.00 129.61 ? -6  VAL C C   1 
ATOM   1050 O O   . VAL C 1 15 ? 6.650   1.961   -23.613 1.00 126.41 ? -6  VAL C O   1 
ATOM   1051 C CB  . VAL C 1 15 ? 4.904   0.951   -20.789 1.00 122.58 ? -6  VAL C CB  1 
ATOM   1052 N N   . PRO C 1 16 ? 4.915   0.532   -23.737 1.00 148.90 ? -5  PRO C N   1 
ATOM   1053 C CA  . PRO C 1 16 ? 4.611   0.895   -25.127 1.00 133.04 ? -5  PRO C CA  1 
ATOM   1054 C C   . PRO C 1 16 ? 4.383   2.389   -25.303 1.00 126.45 ? -5  PRO C C   1 
ATOM   1055 O O   . PRO C 1 16 ? 4.270   3.163   -24.350 1.00 121.85 ? -5  PRO C O   1 
ATOM   1056 C CB  . PRO C 1 16 ? 3.339   0.096   -25.424 1.00 115.26 ? -5  PRO C CB  1 
ATOM   1057 C CG  . PRO C 1 16 ? 3.462   -1.107  -24.563 1.00 123.31 ? -5  PRO C CG  1 
ATOM   1058 C CD  . PRO C 1 16 ? 4.124   -0.631  -23.295 1.00 138.47 ? -5  PRO C CD  1 
ATOM   1059 N N   . ARG C 1 17 ? 4.315   2.787   -26.570 1.00 127.37 ? -4  ARG C N   1 
ATOM   1060 C CA  . ARG C 1 17 ? 4.075   4.162   -26.966 1.00 129.61 ? -4  ARG C CA  1 
ATOM   1061 C C   . ARG C 1 17 ? 2.587   4.358   -27.241 1.00 122.33 ? -4  ARG C C   1 
ATOM   1062 O O   . ARG C 1 17 ? 1.755   3.491   -26.951 1.00 118.79 ? -4  ARG C O   1 
ATOM   1063 C CB  . ARG C 1 17 ? 4.919   4.511   -28.193 1.00 114.38 ? -4  ARG C CB  1 
ATOM   1064 C CG  . ARG C 1 17 ? 4.440   3.842   -29.473 1.00 79.95  ? -4  ARG C CG  1 
ATOM   1065 N N   . GLY C 1 18 ? 2.243   5.500   -27.815 1.00 138.02 ? -3  GLY C N   1 
ATOM   1066 C CA  . GLY C 1 18 ? 0.887   5.792   -28.204 1.00 133.34 ? -3  GLY C CA  1 
ATOM   1067 C C   . GLY C 1 18 ? 0.145   6.792   -27.335 1.00 129.66 ? -3  GLY C C   1 
ATOM   1068 O O   . GLY C 1 18 ? -1.094  6.806   -27.368 1.00 125.77 ? -3  GLY C O   1 
ATOM   1069 N N   . SER C 1 19 ? 0.849   7.608   -26.551 1.00 141.36 ? -2  SER C N   1 
ATOM   1070 C CA  . SER C 1 19 ? 0.174   8.579   -25.701 1.00 128.07 ? -2  SER C CA  1 
ATOM   1071 C C   . SER C 1 19 ? -0.762  9.415   -26.563 1.00 138.46 ? -2  SER C C   1 
ATOM   1072 O O   . SER C 1 19 ? -0.470  9.686   -27.731 1.00 155.71 ? -2  SER C O   1 
ATOM   1073 C CB  . SER C 1 19 ? 1.190   9.470   -24.981 1.00 143.81 ? -2  SER C CB  1 
ATOM   1074 O OG  . SER C 1 19 ? 1.969   10.228  -25.891 1.00 117.20 ? -2  SER C OG  1 
ATOM   1075 N N   . HIS C 1 20 ? -1.893  9.826   -25.993 1.00 141.79 ? -1  HIS C N   1 
ATOM   1076 C CA  . HIS C 1 20 ? -2.929  10.474  -26.781 1.00 141.30 ? -1  HIS C CA  1 
ATOM   1077 C C   . HIS C 1 20 ? -3.388  11.793  -26.185 1.00 135.94 ? -1  HIS C C   1 
ATOM   1078 O O   . HIS C 1 20 ? -4.465  12.278  -26.546 1.00 131.03 ? -1  HIS C O   1 
ATOM   1079 C CB  . HIS C 1 20 ? -4.135  9.532   -26.922 1.00 118.72 ? -1  HIS C CB  1 
ATOM   1080 N N   . MET C 1 21 ? -2.573  12.417  -25.345 1.00 131.42 ? 0   MET C N   1 
ATOM   1081 C CA  . MET C 1 21 ? -2.925  13.632  -24.636 1.00 120.58 ? 0   MET C CA  1 
ATOM   1082 C C   . MET C 1 21 ? -1.895  14.711  -24.933 1.00 134.54 ? 0   MET C C   1 
ATOM   1083 O O   . MET C 1 21 ? -0.901  14.488  -25.629 1.00 117.98 ? 0   MET C O   1 
ATOM   1084 C CB  . MET C 1 21 ? -3.010  13.372  -23.135 1.00 133.89 ? 0   MET C CB  1 
ATOM   1085 N N   . THR C 1 22 ? -2.144  15.885  -24.366 1.00 136.32 ? 1   THR C N   1 
ATOM   1086 C CA  . THR C 1 22 ? -1.290  17.038  -24.604 1.00 136.62 ? 1   THR C CA  1 
ATOM   1087 C C   . THR C 1 22 ? 0.105   16.810  -24.042 1.00 131.47 ? 1   THR C C   1 
ATOM   1088 O O   . THR C 1 22 ? 0.262   16.413  -22.884 1.00 125.78 ? 1   THR C O   1 
ATOM   1089 C CB  . THR C 1 22 ? -1.895  18.285  -23.952 1.00 127.87 ? 1   THR C CB  1 
ATOM   1090 O OG1 . THR C 1 22 ? -1.717  18.213  -22.532 1.00 129.81 ? 1   THR C OG1 1 
ATOM   1091 C CG2 . THR C 1 22 ? -3.382  18.408  -24.257 1.00 147.52 ? 1   THR C CG2 1 
ATOM   1092 N N   . GLU C 1 23 ? 1.120   17.087  -24.862 1.00 136.16 ? 2   GLU C N   1 
ATOM   1093 C CA  . GLU C 1 23 ? 2.489   17.080  -24.365 1.00 116.76 ? 2   GLU C CA  1 
ATOM   1094 C C   . GLU C 1 23 ? 2.638   18.100  -23.249 1.00 121.19 ? 2   GLU C C   1 
ATOM   1095 O O   . GLU C 1 23 ? 3.414   17.889  -22.310 1.00 121.70 ? 2   GLU C O   1 
ATOM   1096 C CB  . GLU C 1 23 ? 3.475   17.371  -25.496 1.00 115.30 ? 2   GLU C CB  1 
ATOM   1097 N N   . ASP C 1 24 ? 1.881   19.201  -23.326 1.00 129.59 ? 3   ASP C N   1 
ATOM   1098 C CA  . ASP C 1 24 ? 1.970   20.238  -22.305 1.00 125.87 ? 3   ASP C CA  1 
ATOM   1099 C C   . ASP C 1 24 ? 1.540   19.704  -20.945 1.00 122.47 ? 3   ASP C C   1 
ATOM   1100 O O   . ASP C 1 24 ? 2.213   19.934  -19.924 1.00 116.65 ? 3   ASP C O   1 
ATOM   1101 C CB  . ASP C 1 24 ? 1.104   21.433  -22.712 1.00 112.48 ? 3   ASP C CB  1 
ATOM   1102 N N   . GLU C 1 25 ? 0.463   18.922  -20.923 1.00 120.72 ? 4   GLU C N   1 
ATOM   1103 C CA  . GLU C 1 25 ? 0.052   18.283  -19.683 1.00 123.16 ? 4   GLU C CA  1 
ATOM   1104 C C   . GLU C 1 25 ? 1.111   17.297  -19.222 1.00 111.10 ? 4   GLU C C   1 
ATOM   1105 O O   . GLU C 1 25 ? 1.406   17.212  -18.034 1.00 105.18 ? 4   GLU C O   1 
ATOM   1106 C CB  . GLU C 1 25 ? -1.296  17.585  -19.855 1.00 110.27 ? 4   GLU C CB  1 
ATOM   1107 N N   . ILE C 1 26 ? 1.681   16.525  -20.145 1.00 110.44 ? 5   ILE C N   1 
ATOM   1108 C CA  . ILE C 1 26 ? 2.710   15.568  -19.755 1.00 97.29  ? 5   ILE C CA  1 
ATOM   1109 C C   . ILE C 1 26 ? 3.914   16.281  -19.138 1.00 99.15  ? 5   ILE C C   1 
ATOM   1110 O O   . ILE C 1 26 ? 4.608   15.707  -18.290 1.00 95.82  ? 5   ILE C O   1 
ATOM   1111 C CB  . ILE C 1 26 ? 3.077   14.683  -20.962 1.00 95.57  ? 5   ILE C CB  1 
ATOM   1112 C CG1 . ILE C 1 26 ? 1.795   13.988  -21.445 1.00 109.61 ? 5   ILE C CG1 1 
ATOM   1113 C CG2 . ILE C 1 26 ? 4.134   13.655  -20.575 1.00 105.43 ? 5   ILE C CG2 1 
ATOM   1114 C CD1 . ILE C 1 26 ? 1.969   12.754  -22.310 1.00 118.90 ? 5   ILE C CD1 1 
ATOM   1115 N N   . ARG C 1 27 ? 4.192   17.531  -19.536 1.00 111.24 ? 6   ARG C N   1 
ATOM   1116 C CA  . ARG C 1 27 ? 5.226   18.294  -18.836 1.00 109.30 ? 6   ARG C CA  1 
ATOM   1117 C C   . ARG C 1 27 ? 4.775   18.666  -17.426 1.00 94.28  ? 6   ARG C C   1 
ATOM   1118 O O   . ARG C 1 27 ? 5.508   18.460  -16.444 1.00 91.68  ? 6   ARG C O   1 
ATOM   1119 C CB  . ARG C 1 27 ? 5.553   19.599  -19.578 1.00 122.01 ? 6   ARG C CB  1 
ATOM   1120 C CG  . ARG C 1 27 ? 5.953   19.524  -21.052 1.00 119.00 ? 6   ARG C CG  1 
ATOM   1121 C CD  . ARG C 1 27 ? 5.966   20.929  -21.707 1.00 141.19 ? 6   ARG C CD  1 
ATOM   1122 N NE  . ARG C 1 27 ? 4.702   21.650  -21.524 1.00 140.00 ? 6   ARG C NE  1 
ATOM   1123 C CZ  . ARG C 1 27 ? 4.333   22.740  -22.197 1.00 153.22 ? 6   ARG C CZ  1 
ATOM   1124 N NH1 . ARG C 1 27 ? 3.156   23.302  -21.951 1.00 144.41 ? 6   ARG C NH1 1 
ATOM   1125 N NH2 . ARG C 1 27 ? 5.126   23.267  -23.115 1.00 140.34 ? 6   ARG C NH2 1 
ATOM   1126 N N   . LYS C 1 28 ? 3.527   19.123  -17.301 1.00 89.85  ? 7   LYS C N   1 
ATOM   1127 C CA  . LYS C 1 28 ? 3.060   19.677  -16.032 1.00 90.91  ? 7   LYS C CA  1 
ATOM   1128 C C   . LYS C 1 28 ? 2.693   18.610  -15.005 1.00 88.28  ? 7   LYS C C   1 
ATOM   1129 O O   . LYS C 1 28 ? 2.806   18.856  -13.799 1.00 80.39  ? 7   LYS C O   1 
ATOM   1130 C CB  . LYS C 1 28 ? 1.859   20.582  -16.309 1.00 100.59 ? 7   LYS C CB  1 
ATOM   1131 C CG  . LYS C 1 28 ? 1.180   21.188  -15.094 1.00 98.86  ? 7   LYS C CG  1 
ATOM   1132 C CD  . LYS C 1 28 ? 1.894   22.443  -14.614 1.00 109.54 ? 7   LYS C CD  1 
ATOM   1133 C CE  . LYS C 1 28 ? 1.046   23.236  -13.626 1.00 98.93  ? 7   LYS C CE  1 
ATOM   1134 N NZ  . LYS C 1 28 ? -0.401  23.284  -13.997 1.00 126.51 ? 7   LYS C NZ  1 
ATOM   1135 N N   . LEU C 1 29 ? 2.259   17.436  -15.456 1.00 84.48  ? 8   LEU C N   1 
ATOM   1136 C CA  . LEU C 1 29 ? 1.961   16.327  -14.559 1.00 81.15  ? 8   LEU C CA  1 
ATOM   1137 C C   . LEU C 1 29 ? 3.235   15.745  -13.976 1.00 74.97  ? 8   LEU C C   1 
ATOM   1138 O O   . LEU C 1 29 ? 3.260   15.336  -12.811 1.00 68.68  ? 8   LEU C O   1 
ATOM   1139 C CB  . LEU C 1 29 ? 1.179   15.252  -15.310 1.00 77.25  ? 8   LEU C CB  1 
ATOM   1140 C CG  . LEU C 1 29 ? -0.274  15.564  -15.682 1.00 70.38  ? 8   LEU C CG  1 
ATOM   1141 C CD1 . LEU C 1 29 ? -0.929  14.344  -16.311 1.00 70.49  ? 8   LEU C CD1 1 
ATOM   1142 C CD2 . LEU C 1 29 ? -1.089  16.049  -14.490 1.00 73.85  ? 8   LEU C CD2 1 
ATOM   1143 N N   . ARG C 1 30 ? 4.292   15.656  -14.783 1.00 72.34  ? 9   ARG C N   1 
ATOM   1144 C CA  . ARG C 1 30 ? 5.596   15.331  -14.226 1.00 69.79  ? 9   ARG C CA  1 
ATOM   1145 C C   . ARG C 1 30 ? 6.018   16.400  -13.230 1.00 64.96  ? 9   ARG C C   1 
ATOM   1146 O O   . ARG C 1 30 ? 6.589   16.090  -12.176 1.00 67.33  ? 9   ARG C O   1 
ATOM   1147 C CB  . ARG C 1 30 ? 6.630   15.189  -15.342 1.00 61.93  ? 9   ARG C CB  1 
ATOM   1148 N N   . LYS C 1 31 ? 5.699   17.666  -13.521 1.00 75.13  ? 10  LYS C N   1 
ATOM   1149 C CA  . LYS C 1 31 ? 6.012   18.728  -12.569 1.00 78.54  ? 10  LYS C CA  1 
ATOM   1150 C C   . LYS C 1 31 ? 5.324   18.491  -11.223 1.00 68.15  ? 10  LYS C C   1 
ATOM   1151 O O   . LYS C 1 31 ? 5.980   18.475  -10.173 1.00 63.99  ? 10  LYS C O   1 
ATOM   1152 C CB  . LYS C 1 31 ? 5.606   20.082  -13.150 1.00 82.98  ? 10  LYS C CB  1 
ATOM   1153 N N   . LEU C 1 32 ? 4.002   18.284  -11.232 1.00 79.46  ? 11  LEU C N   1 
ATOM   1154 C CA  . LEU C 1 32 ? 3.279   18.085  -9.976  1.00 91.51  ? 11  LEU C CA  1 
ATOM   1155 C C   . LEU C 1 32 ? 3.656   16.775  -9.294  1.00 74.23  ? 11  LEU C C   1 
ATOM   1156 O O   . LEU C 1 32 ? 3.677   16.707  -8.062  1.00 55.54  ? 11  LEU C O   1 
ATOM   1157 C CB  . LEU C 1 32 ? 1.766   18.163  -10.187 1.00 101.74 ? 11  LEU C CB  1 
ATOM   1158 C CG  . LEU C 1 32 ? 0.953   18.158  -8.877  1.00 107.47 ? 11  LEU C CG  1 
ATOM   1159 C CD1 . LEU C 1 32 ? 1.429   19.182  -7.844  1.00 113.58 ? 11  LEU C CD1 1 
ATOM   1160 C CD2 . LEU C 1 32 ? -0.522  18.376  -9.164  1.00 106.87 ? 11  LEU C CD2 1 
ATOM   1161 N N   . LEU C 1 33 ? 3.913   15.716  -10.060 1.00 68.55  ? 12  LEU C N   1 
ATOM   1162 C CA  . LEU C 1 33 ? 4.385   14.483  -9.437  1.00 62.59  ? 12  LEU C CA  1 
ATOM   1163 C C   . LEU C 1 33 ? 5.693   14.708  -8.697  1.00 59.90  ? 12  LEU C C   1 
ATOM   1164 O O   . LEU C 1 33 ? 5.856   14.253  -7.558  1.00 52.49  ? 12  LEU C O   1 
ATOM   1165 C CB  . LEU C 1 33 ? 4.546   13.375  -10.481 1.00 69.18  ? 12  LEU C CB  1 
ATOM   1166 C CG  . LEU C 1 33 ? 3.356   12.438  -10.676 1.00 68.57  ? 12  LEU C CG  1 
ATOM   1167 C CD1 . LEU C 1 33 ? 3.528   11.542  -11.878 1.00 69.98  ? 12  LEU C CD1 1 
ATOM   1168 C CD2 . LEU C 1 33 ? 3.224   11.593  -9.421  1.00 67.07  ? 12  LEU C CD2 1 
ATOM   1169 N N   . GLU C 1 34 ? 6.630   15.429  -9.311  1.00 68.33  ? 13  GLU C N   1 
ATOM   1170 C CA  . GLU C 1 34 ? 7.878   15.747  -8.627  1.00 65.09  ? 13  GLU C CA  1 
ATOM   1171 C C   . GLU C 1 34 ? 7.619   16.584  -7.377  1.00 49.30  ? 13  GLU C C   1 
ATOM   1172 O O   . GLU C 1 34 ? 8.189   16.319  -6.308  1.00 52.66  ? 13  GLU C O   1 
ATOM   1173 C CB  . GLU C 1 34 ? 8.830   16.442  -9.598  1.00 80.05  ? 13  GLU C CB  1 
ATOM   1174 C CG  . GLU C 1 34 ? 9.286   15.510  -10.727 1.00 71.88  ? 13  GLU C CG  1 
ATOM   1175 C CD  . GLU C 1 34 ? 9.869   16.244  -11.919 1.00 76.04  ? 13  GLU C CD  1 
ATOM   1176 O OE1 . GLU C 1 34 ? 9.854   17.492  -11.920 1.00 74.36  ? 13  GLU C OE1 1 
ATOM   1177 O OE2 . GLU C 1 34 ? 10.337  15.567  -12.858 1.00 76.16  ? 13  GLU C OE2 1 
ATOM   1178 N N   . GLU C 1 35 ? 6.747   17.589  -7.486  1.00 48.15  ? 14  GLU C N   1 
ATOM   1179 C CA  . GLU C 1 35 ? 6.393   18.382  -6.313  1.00 62.52  ? 14  GLU C CA  1 
ATOM   1180 C C   . GLU C 1 35 ? 5.851   17.488  -5.205  1.00 65.23  ? 14  GLU C C   1 
ATOM   1181 O O   . GLU C 1 35 ? 6.170   17.673  -4.022  1.00 67.26  ? 14  GLU C O   1 
ATOM   1182 C CB  . GLU C 1 35 ? 5.350   19.429  -6.698  1.00 74.01  ? 14  GLU C CB  1 
ATOM   1183 C CG  . GLU C 1 35 ? 5.890   20.591  -7.519  1.00 88.24  ? 14  GLU C CG  1 
ATOM   1184 C CD  . GLU C 1 35 ? 4.808   21.274  -8.340  1.00 105.13 ? 14  GLU C CD  1 
ATOM   1185 O OE1 . GLU C 1 35 ? 5.153   21.996  -9.297  1.00 108.94 ? 14  GLU C OE1 1 
ATOM   1186 O OE2 . GLU C 1 35 ? 3.613   21.076  -8.037  1.00 130.54 ? 14  GLU C OE2 1 
ATOM   1187 N N   . ALA C 1 36 ? 5.065   16.476  -5.584  1.00 61.31  ? 15  ALA C N   1 
ATOM   1188 C CA  . ALA C 1 36 ? 4.465   15.568  -4.614  1.00 54.09  ? 15  ALA C CA  1 
ATOM   1189 C C   . ALA C 1 36 ? 5.506   14.649  -3.996  1.00 48.78  ? 15  ALA C C   1 
ATOM   1190 O O   . ALA C 1 36 ? 5.362   14.246  -2.837  1.00 37.06  ? 15  ALA C O   1 
ATOM   1191 C CB  . ALA C 1 36 ? 3.363   14.749  -5.285  1.00 48.04  ? 15  ALA C CB  1 
ATOM   1192 N N   . GLU C 1 37 ? 6.552   14.300  -4.748  1.00 46.36  ? 16  GLU C N   1 
ATOM   1193 C CA  . GLU C 1 37 ? 7.645   13.522  -4.174  1.00 53.88  ? 16  GLU C CA  1 
ATOM   1194 C C   . GLU C 1 37 ? 8.402   14.345  -3.146  1.00 55.36  ? 16  GLU C C   1 
ATOM   1195 O O   . GLU C 1 37 ? 8.784   13.833  -2.086  1.00 51.38  ? 16  GLU C O   1 
ATOM   1196 C CB  . GLU C 1 37 ? 8.598   13.047  -5.268  1.00 56.24  ? 16  GLU C CB  1 
ATOM   1197 C CG  . GLU C 1 37 ? 7.949   12.229  -6.362  1.00 75.16  ? 16  GLU C CG  1 
ATOM   1198 C CD  . GLU C 1 37 ? 8.738   12.272  -7.657  1.00 81.71  ? 16  GLU C CD  1 
ATOM   1199 O OE1 . GLU C 1 37 ? 9.901   12.727  -7.631  1.00 75.97  ? 16  GLU C OE1 1 
ATOM   1200 O OE2 . GLU C 1 37 ? 8.194   11.856  -8.700  1.00 92.99  ? 16  GLU C OE2 1 
ATOM   1201 N N   . LYS C 1 38 ? 8.649   15.621  -3.450  1.00 46.79  ? 17  LYS C N   1 
ATOM   1202 C CA  . LYS C 1 38 ? 9.254   16.500  -2.456  1.00 47.93  ? 17  LYS C CA  1 
ATOM   1203 C C   . LYS C 1 38 ? 8.403   16.547  -1.192  1.00 44.85  ? 17  LYS C C   1 
ATOM   1204 O O   . LYS C 1 38 ? 8.897   16.294  -0.080  1.00 50.98  ? 17  LYS C O   1 
ATOM   1205 C CB  . LYS C 1 38 ? 9.434   17.901  -3.038  1.00 57.80  ? 17  LYS C CB  1 
ATOM   1206 N N   . LYS C 1 39 ? 7.103   16.833  -1.345  1.00 48.48  ? 18  LYS C N   1 
ATOM   1207 C CA  . LYS C 1 39 ? 6.224   16.841  -0.180  1.00 50.83  ? 18  LYS C CA  1 
ATOM   1208 C C   . LYS C 1 39 ? 6.332   15.529  0.584   1.00 46.84  ? 18  LYS C C   1 
ATOM   1209 O O   . LYS C 1 39 ? 6.417   15.522  1.815   1.00 32.57  ? 18  LYS C O   1 
ATOM   1210 C CB  . LYS C 1 39 ? 4.762   17.077  -0.565  1.00 53.91  ? 18  LYS C CB  1 
ATOM   1211 C CG  . LYS C 1 39 ? 4.409   18.471  -1.069  1.00 62.26  ? 18  LYS C CG  1 
ATOM   1212 C CD  . LYS C 1 39 ? 2.922   18.762  -0.823  1.00 60.67  ? 18  LYS C CD  1 
ATOM   1213 C CE  . LYS C 1 39 ? 2.366   19.895  -1.670  1.00 74.72  ? 18  LYS C CE  1 
ATOM   1214 N NZ  . LYS C 1 39 ? 2.046   19.416  -3.044  1.00 53.34  ? 18  LYS C NZ  1 
ATOM   1215 N N   . LEU C 1 40 ? 6.300   14.400  -0.131  1.00 37.97  ? 19  LEU C N   1 
ATOM   1216 C CA  . LEU C 1 40 ? 6.359   13.108  0.544   1.00 39.29  ? 19  LEU C CA  1 
ATOM   1217 C C   . LEU C 1 40 ? 7.630   12.970  1.359   1.00 39.22  ? 19  LEU C C   1 
ATOM   1218 O O   . LEU C 1 40 ? 7.584   12.546  2.514   1.00 30.30  ? 19  LEU C O   1 
ATOM   1219 C CB  . LEU C 1 40 ? 6.242   11.948  -0.448  1.00 46.27  ? 19  LEU C CB  1 
ATOM   1220 C CG  . LEU C 1 40 ? 6.194   10.569  0.238   1.00 40.95  ? 19  LEU C CG  1 
ATOM   1221 C CD1 . LEU C 1 40 ? 5.248   10.499  1.438   1.00 38.22  ? 19  LEU C CD1 1 
ATOM   1222 C CD2 . LEU C 1 40 ? 5.759   9.514   -0.761  1.00 45.58  ? 19  LEU C CD2 1 
ATOM   1223 N N   . TYR C 1 41 ? 8.784   13.282  0.770   1.00 38.33  ? 20  TYR C N   1 
ATOM   1224 C CA  . TYR C 1 41 ? 10.028  13.166  1.524   1.00 45.88  ? 20  TYR C CA  1 
ATOM   1225 C C   . TYR C 1 41 ? 9.979   14.011  2.794   1.00 39.37  ? 20  TYR C C   1 
ATOM   1226 O O   . TYR C 1 41 ? 10.306  13.532  3.888   1.00 46.87  ? 20  TYR C O   1 
ATOM   1227 C CB  . TYR C 1 41 ? 11.225  13.561  0.661   1.00 44.17  ? 20  TYR C CB  1 
ATOM   1228 C CG  . TYR C 1 41 ? 12.552  13.325  1.357   1.00 64.60  ? 20  TYR C CG  1 
ATOM   1229 C CD1 . TYR C 1 41 ? 13.230  12.121  1.215   1.00 76.32  ? 20  TYR C CD1 1 
ATOM   1230 C CD2 . TYR C 1 41 ? 13.119  14.303  2.167   1.00 68.32  ? 20  TYR C CD2 1 
ATOM   1231 C CE1 . TYR C 1 41 ? 14.438  11.899  1.852   1.00 78.86  ? 20  TYR C CE1 1 
ATOM   1232 C CE2 . TYR C 1 41 ? 14.325  14.090  2.810   1.00 64.52  ? 20  TYR C CE2 1 
ATOM   1233 C CZ  . TYR C 1 41 ? 14.980  12.886  2.649   1.00 84.53  ? 20  TYR C CZ  1 
ATOM   1234 O OH  . TYR C 1 41 ? 16.180  12.671  3.288   1.00 81.30  ? 20  TYR C OH  1 
ATOM   1235 N N   . LYS C 1 42 ? 9.543   15.272  2.678   1.00 39.54  ? 21  LYS C N   1 
ATOM   1236 C CA  . LYS C 1 42 ? 9.451   16.101  3.879   1.00 49.50  ? 21  LYS C CA  1 
ATOM   1237 C C   . LYS C 1 42 ? 8.482   15.499  4.887   1.00 50.54  ? 21  LYS C C   1 
ATOM   1238 O O   . LYS C 1 42 ? 8.717   15.566  6.103   1.00 55.62  ? 21  LYS C O   1 
ATOM   1239 C CB  . LYS C 1 42 ? 9.016   17.519  3.505   1.00 43.92  ? 21  LYS C CB  1 
ATOM   1240 N N   . LEU C 1 43 ? 7.420   14.862  4.396   1.00 52.28  ? 22  LEU C N   1 
ATOM   1241 C CA  . LEU C 1 43 ? 6.422   14.263  5.270   1.00 48.25  ? 22  LEU C CA  1 
ATOM   1242 C C   . LEU C 1 43 ? 6.976   13.043  5.993   1.00 39.39  ? 22  LEU C C   1 
ATOM   1243 O O   . LEU C 1 43 ? 6.717   12.854  7.183   1.00 37.87  ? 22  LEU C O   1 
ATOM   1244 C CB  . LEU C 1 43 ? 5.189   13.898  4.451   1.00 40.76  ? 22  LEU C CB  1 
ATOM   1245 C CG  . LEU C 1 43 ? 3.940   13.469  5.221   1.00 48.79  ? 22  LEU C CG  1 
ATOM   1246 C CD1 . LEU C 1 43 ? 3.635   14.370  6.406   1.00 40.22  ? 22  LEU C CD1 1 
ATOM   1247 C CD2 . LEU C 1 43 ? 2.751   13.400  4.275   1.00 49.96  ? 22  LEU C CD2 1 
ATOM   1248 N N   . GLU C 1 44 ? 7.718   12.190  5.285   1.00 44.37  ? 23  GLU C N   1 
ATOM   1249 C CA  . GLU C 1 44 ? 8.345   11.036  5.919   1.00 50.76  ? 23  GLU C CA  1 
ATOM   1250 C C   . GLU C 1 44 ? 9.399   11.480  6.918   1.00 59.00  ? 23  GLU C C   1 
ATOM   1251 O O   . GLU C 1 44 ? 9.677   10.766  7.888   1.00 58.50  ? 23  GLU C O   1 
ATOM   1252 C CB  . GLU C 1 44 ? 8.957   10.107  4.871   1.00 59.94  ? 23  GLU C CB  1 
ATOM   1253 C CG  . GLU C 1 44 ? 7.936   9.436   3.969   1.00 62.52  ? 23  GLU C CG  1 
ATOM   1254 C CD  . GLU C 1 44 ? 8.561   8.404   3.051   1.00 73.58  ? 23  GLU C CD  1 
ATOM   1255 O OE1 . GLU C 1 44 ? 7.825   7.516   2.570   1.00 53.74  ? 23  GLU C OE1 1 
ATOM   1256 O OE2 . GLU C 1 44 ? 9.783   8.482   2.808   1.00 84.30  ? 23  GLU C OE2 1 
ATOM   1257 N N   . ASP C 1 45 ? 10.019  12.637  6.681   1.00 58.68  ? 24  ASP C N   1 
ATOM   1258 C CA  . ASP C 1 45 ? 10.916  13.195  7.684   1.00 56.85  ? 24  ASP C CA  1 
ATOM   1259 C C   . ASP C 1 45 ? 10.139  13.587  8.932   1.00 57.25  ? 24  ASP C C   1 
ATOM   1260 O O   . ASP C 1 45 ? 10.539  13.262  10.058  1.00 55.97  ? 24  ASP C O   1 
ATOM   1261 C CB  . ASP C 1 45 ? 11.649  14.409  7.107   1.00 69.95  ? 24  ASP C CB  1 
ATOM   1262 C CG  . ASP C 1 45 ? 12.028  15.427  8.171   1.00 81.91  ? 24  ASP C CG  1 
ATOM   1263 O OD1 . ASP C 1 45 ? 12.959  15.150  8.957   1.00 83.45  ? 24  ASP C OD1 1 
ATOM   1264 O OD2 . ASP C 1 45 ? 11.392  16.504  8.221   1.00 49.76  ? 24  ASP C OD2 1 
ATOM   1265 N N   . LYS C 1 46 ? 9.006   14.269  8.748   1.00 51.74  ? 25  LYS C N   1 
ATOM   1266 C CA  . LYS C 1 46 ? 8.178   14.663  9.884   1.00 60.82  ? 25  LYS C CA  1 
ATOM   1267 C C   . LYS C 1 46 ? 7.654   13.438  10.643  1.00 65.95  ? 25  LYS C C   1 
ATOM   1268 O O   . LYS C 1 46 ? 7.621   13.433  11.879  1.00 69.88  ? 25  LYS C O   1 
ATOM   1269 C CB  . LYS C 1 46 ? 7.057   15.583  9.390   1.00 61.45  ? 25  LYS C CB  1 
ATOM   1270 C CG  . LYS C 1 46 ? 6.479   16.513  10.454  1.00 61.81  ? 25  LYS C CG  1 
ATOM   1271 C CD  . LYS C 1 46 ? 5.832   17.752  9.814   1.00 69.55  ? 25  LYS C CD  1 
ATOM   1272 C CE  . LYS C 1 46 ? 4.381   17.558  9.442   1.00 68.30  ? 25  LYS C CE  1 
ATOM   1273 N NZ  . LYS C 1 46 ? 3.486   18.285  10.383  1.00 77.01  ? 25  LYS C NZ  1 
ATOM   1274 N N   . THR C 1 47 ? 7.250   12.386  9.916   1.00 57.49  ? 26  THR C N   1 
ATOM   1275 C CA  . THR C 1 47 ? 6.759   11.158  10.541  1.00 57.79  ? 26  THR C CA  1 
ATOM   1276 C C   . THR C 1 47 ? 7.871   10.428  11.282  1.00 65.97  ? 26  THR C C   1 
ATOM   1277 O O   . THR C 1 47 ? 7.650   9.878   12.363  1.00 74.59  ? 26  THR C O   1 
ATOM   1278 C CB  . THR C 1 47 ? 6.141   10.245  9.479   1.00 59.76  ? 26  THR C CB  1 
ATOM   1279 O OG1 . THR C 1 47 ? 5.118   10.953  8.772   1.00 64.45  ? 26  THR C OG1 1 
ATOM   1280 C CG2 . THR C 1 47 ? 5.562   8.979   10.105  1.00 46.48  ? 26  THR C CG2 1 
ATOM   1281 N N   . ARG C 1 48 ? 9.053   10.348  10.678  1.00 70.55  ? 27  ARG C N   1 
ATOM   1282 C CA  . ARG C 1 48 ? 10.222  9.799   11.355  1.00 79.73  ? 27  ARG C CA  1 
ATOM   1283 C C   . ARG C 1 48 ? 10.489  10.517  12.675  1.00 73.54  ? 27  ARG C C   1 
ATOM   1284 O O   . ARG C 1 48 ? 10.499  9.907   13.762  1.00 74.36  ? 27  ARG C O   1 
ATOM   1285 C CB  . ARG C 1 48 ? 11.400  9.910   10.395  1.00 72.62  ? 27  ARG C CB  1 
ATOM   1286 C CG  . ARG C 1 48 ? 12.620  9.160   10.771  1.00 84.88  ? 27  ARG C CG  1 
ATOM   1287 C CD  . ARG C 1 48 ? 13.624  9.250   9.645   1.00 96.78  ? 27  ARG C CD  1 
ATOM   1288 N NE  . ARG C 1 48 ? 14.902  8.714   10.078  1.00 118.07 ? 27  ARG C NE  1 
ATOM   1289 C CZ  . ARG C 1 48 ? 15.964  8.552   9.304   1.00 128.18 ? 27  ARG C CZ  1 
ATOM   1290 N NH1 . ARG C 1 48 ? 15.926  8.878   8.014   1.00 118.48 ? 27  ARG C NH1 1 
ATOM   1291 N NH2 . ARG C 1 48 ? 17.069  8.053   9.839   1.00 158.82 ? 27  ARG C NH2 1 
ATOM   1292 N N   . ARG C 1 49 ? 10.696  11.831  12.591  1.00 78.35  ? 28  ARG C N   1 
ATOM   1293 C CA  . ARG C 1 49 ? 10.892  12.633  13.790  1.00 87.33  ? 28  ARG C CA  1 
ATOM   1294 C C   . ARG C 1 49 ? 9.817   12.329  14.823  1.00 93.56  ? 28  ARG C C   1 
ATOM   1295 O O   . ARG C 1 49 ? 10.124  12.025  15.977  1.00 97.65  ? 28  ARG C O   1 
ATOM   1296 C CB  . ARG C 1 49 ? 10.898  14.117  13.426  1.00 76.74  ? 28  ARG C CB  1 
ATOM   1297 N N   . SER C 1 50 ? 8.545   12.385  14.420  1.00 94.74  ? 29  SER C N   1 
ATOM   1298 C CA  . SER C 1 50 ? 7.473   12.096  15.365  1.00 102.89 ? 29  SER C CA  1 
ATOM   1299 C C   . SER C 1 50 ? 7.611   10.694  15.948  1.00 98.57  ? 29  SER C C   1 
ATOM   1300 O O   . SER C 1 50 ? 7.246   10.465  17.107  1.00 101.48 ? 29  SER C O   1 
ATOM   1301 C CB  . SER C 1 50 ? 6.106   12.266  14.694  1.00 119.25 ? 29  SER C CB  1 
ATOM   1302 O OG  . SER C 1 50 ? 5.079   12.338  15.669  1.00 116.49 ? 29  SER C OG  1 
ATOM   1303 N N   . GLU C 1 51 ? 8.138   9.746   15.169  1.00 96.70  ? 30  GLU C N   1 
ATOM   1304 C CA  . GLU C 1 51 ? 8.272   8.379   15.654  1.00 103.06 ? 30  GLU C CA  1 
ATOM   1305 C C   . GLU C 1 51 ? 9.213   8.303   16.835  1.00 100.18 ? 30  GLU C C   1 
ATOM   1306 O O   . GLU C 1 51 ? 8.873   7.720   17.871  1.00 98.80  ? 30  GLU C O   1 
ATOM   1307 C CB  . GLU C 1 51 ? 8.783   7.465   14.541  1.00 98.08  ? 30  GLU C CB  1 
ATOM   1308 C CG  . GLU C 1 51 ? 8.955   5.995   14.977  1.00 109.64 ? 30  GLU C CG  1 
ATOM   1309 C CD  . GLU C 1 51 ? 9.142   5.054   13.798  1.00 121.99 ? 30  GLU C CD  1 
ATOM   1310 O OE1 . GLU C 1 51 ? 8.909   5.484   12.650  1.00 106.36 ? 30  GLU C OE1 1 
ATOM   1311 O OE2 . GLU C 1 51 ? 9.515   3.883   14.023  1.00 122.21 ? 30  GLU C OE2 1 
ATOM   1312 N N   . GLU C 1 52 ? 10.392  8.915   16.719  1.00 102.54 ? 31  GLU C N   1 
ATOM   1313 C CA  . GLU C 1 52 ? 11.358  8.787   17.809  1.00 103.43 ? 31  GLU C CA  1 
ATOM   1314 C C   . GLU C 1 52 ? 11.276  9.895   18.855  1.00 110.63 ? 31  GLU C C   1 
ATOM   1315 O O   . GLU C 1 52 ? 11.786  9.709   19.966  1.00 119.07 ? 31  GLU C O   1 
ATOM   1316 C CB  . GLU C 1 52 ? 12.784  8.675   17.252  1.00 113.59 ? 31  GLU C CB  1 
ATOM   1317 C CG  . GLU C 1 52 ? 13.193  7.208   17.088  1.00 121.68 ? 31  GLU C CG  1 
ATOM   1318 C CD  . GLU C 1 52 ? 13.228  6.446   18.409  1.00 103.70 ? 31  GLU C CD  1 
ATOM   1319 O OE1 . GLU C 1 52 ? 13.030  7.076   19.471  1.00 102.30 ? 31  GLU C OE1 1 
ATOM   1320 O OE2 . GLU C 1 52 ? 13.445  5.215   18.386  1.00 94.91  ? 31  GLU C OE2 1 
ATOM   1321 N N   . ILE C 1 53 ? 10.618  11.015  18.554  1.00 103.89 ? 32  ILE C N   1 
ATOM   1322 C CA  . ILE C 1 53 ? 10.659  12.183  19.432  1.00 106.58 ? 32  ILE C CA  1 
ATOM   1323 C C   . ILE C 1 53 ? 9.763   12.095  20.665  1.00 114.63 ? 32  ILE C C   1 
ATOM   1324 O O   . ILE C 1 53 ? 9.997   12.836  21.631  1.00 128.01 ? 32  ILE C O   1 
ATOM   1325 C CB  . ILE C 1 53 ? 10.281  13.444  18.631  1.00 90.56  ? 32  ILE C CB  1 
ATOM   1326 N N   . SER C 1 54 ? 8.749   11.239  20.684  1.00 110.79 ? 33  SER C N   1 
ATOM   1327 C CA  . SER C 1 54 ? 7.878   11.172  21.853  1.00 125.53 ? 33  SER C CA  1 
ATOM   1328 C C   . SER C 1 54 ? 6.891   10.029  21.671  1.00 106.66 ? 33  SER C C   1 
ATOM   1329 O O   . SER C 1 54 ? 6.933   9.297   20.678  1.00 91.85  ? 33  SER C O   1 
ATOM   1330 C CB  . SER C 1 54 ? 7.155   12.499  22.073  1.00 136.59 ? 33  SER C CB  1 
ATOM   1331 N N   . LYS C 1 55 ? 6.005   9.886   22.651  1.00 112.50 ? 34  LYS C N   1 
ATOM   1332 C CA  . LYS C 1 55 ? 4.979   8.853   22.653  1.00 108.66 ? 34  LYS C CA  1 
ATOM   1333 C C   . LYS C 1 55 ? 4.321   8.685   21.287  1.00 109.63 ? 34  LYS C C   1 
ATOM   1334 O O   . LYS C 1 55 ? 3.187   8.209   21.190  1.00 97.42  ? 34  LYS C O   1 
ATOM   1335 C CB  . LYS C 1 55 ? 3.914   9.184   23.698  1.00 100.51 ? 34  LYS C CB  1 
ATOM   1336 N N   . ASP C 1 58 ? 3.268   5.379   24.915  1.00 95.73  ? 37  ASP C N   1 
ATOM   1337 C CA  . ASP C 1 58 ? 2.828   4.530   26.015  1.00 87.89  ? 37  ASP C CA  1 
ATOM   1338 C C   . ASP C 1 58 ? 1.305   4.399   26.032  1.00 101.14 ? 37  ASP C C   1 
ATOM   1339 O O   . ASP C 1 58 ? 0.697   4.259   27.093  1.00 101.17 ? 37  ASP C O   1 
ATOM   1340 C CB  . ASP C 1 58 ? 3.318   5.089   27.352  1.00 87.19  ? 37  ASP C CB  1 
ATOM   1341 N N   . ASP C 1 59 ? 0.696   4.464   24.845  1.00 94.66  ? 38  ASP C N   1 
ATOM   1342 C CA  . ASP C 1 59 ? -0.757  4.428   24.694  1.00 88.07  ? 38  ASP C CA  1 
ATOM   1343 C C   . ASP C 1 59 ? -1.093  3.568   23.479  1.00 77.78  ? 38  ASP C C   1 
ATOM   1344 O O   . ASP C 1 59 ? -0.491  3.758   22.407  1.00 73.58  ? 38  ASP C O   1 
ATOM   1345 C CB  . ASP C 1 59 ? -1.323  5.841   24.535  1.00 86.75  ? 38  ASP C CB  1 
ATOM   1346 C CG  . ASP C 1 59 ? -2.790  5.940   24.921  1.00 94.04  ? 38  ASP C CG  1 
ATOM   1347 O OD1 . ASP C 1 59 ? -3.358  7.047   24.803  1.00 93.23  ? 38  ASP C OD1 1 
ATOM   1348 O OD2 . ASP C 1 59 ? -3.363  4.932   25.380  1.00 87.77  ? 38  ASP C OD2 1 
ATOM   1349 N N   . PRO C 1 60 ? -2.027  2.617   23.597  1.00 74.93  ? 39  PRO C N   1 
ATOM   1350 C CA  . PRO C 1 60 ? -2.400  1.830   22.408  1.00 78.77  ? 39  PRO C CA  1 
ATOM   1351 C C   . PRO C 1 60 ? -3.038  2.666   21.311  1.00 71.83  ? 39  PRO C C   1 
ATOM   1352 O O   . PRO C 1 60 ? -2.786  2.429   20.121  1.00 64.44  ? 39  PRO C O   1 
ATOM   1353 C CB  . PRO C 1 60 ? -3.388  0.799   22.979  1.00 97.82  ? 39  PRO C CB  1 
ATOM   1354 C CG  . PRO C 1 60 ? -3.010  0.662   24.413  1.00 89.39  ? 39  PRO C CG  1 
ATOM   1355 C CD  . PRO C 1 60 ? -2.528  2.012   24.844  1.00 91.31  ? 39  PRO C CD  1 
ATOM   1356 N N   . LYS C 1 61 ? -3.832  3.673   21.680  1.00 67.04  ? 40  LYS C N   1 
ATOM   1357 C CA  . LYS C 1 61 ? -4.385  4.581   20.680  1.00 64.55  ? 40  LYS C CA  1 
ATOM   1358 C C   . LYS C 1 61 ? -3.279  5.369   19.987  1.00 53.12  ? 40  LYS C C   1 
ATOM   1359 O O   . LYS C 1 61 ? -3.235  5.437   18.756  1.00 40.37  ? 40  LYS C O   1 
ATOM   1360 C CB  . LYS C 1 61 ? -5.415  5.510   21.326  1.00 72.01  ? 40  LYS C CB  1 
ATOM   1361 C CG  . LYS C 1 61 ? -6.695  4.791   21.785  1.00 68.93  ? 40  LYS C CG  1 
ATOM   1362 C CD  . LYS C 1 61 ? -7.681  5.731   22.478  1.00 68.70  ? 40  LYS C CD  1 
ATOM   1363 C CE  . LYS C 1 61 ? -8.889  4.972   23.018  1.00 73.07  ? 40  LYS C CE  1 
ATOM   1364 N NZ  . LYS C 1 61 ? -10.028 5.876   23.364  1.00 73.56  ? 40  LYS C NZ  1 
ATOM   1365 N N   . ALA C 1 62 ? -2.345  5.928   20.755  1.00 54.91  ? 41  ALA C N   1 
ATOM   1366 C CA  . ALA C 1 62 ? -1.263  6.703   20.154  1.00 50.71  ? 41  ALA C CA  1 
ATOM   1367 C C   . ALA C 1 62 ? -0.437  5.853   19.198  1.00 43.80  ? 41  ALA C C   1 
ATOM   1368 O O   . ALA C 1 62 ? -0.189  6.246   18.048  1.00 41.96  ? 41  ALA C O   1 
ATOM   1369 C CB  . ALA C 1 62 ? -0.373  7.268   21.257  1.00 72.08  ? 41  ALA C CB  1 
ATOM   1370 N N   . GLN C 1 63 ? -0.038  4.660   19.644  1.00 44.11  ? 42  GLN C N   1 
ATOM   1371 C CA  . GLN C 1 63 ? 0.708   3.761   18.776  1.00 48.64  ? 42  GLN C CA  1 
ATOM   1372 C C   . GLN C 1 63 ? -0.071  3.472   17.503  1.00 41.50  ? 42  GLN C C   1 
ATOM   1373 O O   . GLN C 1 63 ? 0.486   3.517   16.399  1.00 46.37  ? 42  GLN C O   1 
ATOM   1374 C CB  . GLN C 1 63 ? 1.015   2.457   19.513  1.00 66.77  ? 42  GLN C CB  1 
ATOM   1375 C CG  . GLN C 1 63 ? 1.908   2.600   20.738  1.00 81.93  ? 42  GLN C CG  1 
ATOM   1376 C CD  . GLN C 1 63 ? 3.372   2.781   20.382  1.00 104.82 ? 42  GLN C CD  1 
ATOM   1377 O OE1 . GLN C 1 63 ? 3.868   2.196   19.419  1.00 96.54  ? 42  GLN C OE1 1 
ATOM   1378 N NE2 . GLN C 1 63 ? 4.072   3.596   21.163  1.00 115.16 ? 42  GLN C NE2 1 
ATOM   1379 N N   . SER C 1 64 ? -1.377  3.223   17.629  1.00 48.82  ? 43  SER C N   1 
ATOM   1380 C CA  . SER C 1 64 ? -2.168  2.916   16.441  1.00 48.67  ? 43  SER C CA  1 
ATOM   1381 C C   . SER C 1 64 ? -2.230  4.100   15.483  1.00 35.56  ? 43  SER C C   1 
ATOM   1382 O O   . SER C 1 64 ? -2.030  3.931   14.275  1.00 36.11  ? 43  SER C O   1 
ATOM   1383 C CB  . SER C 1 64 ? -3.573  2.477   16.843  1.00 39.47  ? 43  SER C CB  1 
ATOM   1384 O OG  . SER C 1 64 ? -3.580  1.119   17.244  1.00 45.67  ? 43  SER C OG  1 
ATOM   1385 N N   . LEU C 1 65 ? -2.482  5.312   15.991  1.00 37.40  ? 44  LEU C N   1 
ATOM   1386 C CA  . LEU C 1 65 ? -2.534  6.467   15.092  1.00 46.65  ? 44  LEU C CA  1 
ATOM   1387 C C   . LEU C 1 65 ? -1.224  6.642   14.351  1.00 36.96  ? 44  LEU C C   1 
ATOM   1388 O O   . LEU C 1 65 ? -1.209  6.859   13.126  1.00 36.83  ? 44  LEU C O   1 
ATOM   1389 C CB  . LEU C 1 65 ? -2.867  7.760   15.848  1.00 36.27  ? 44  LEU C CB  1 
ATOM   1390 C CG  . LEU C 1 65 ? -4.300  8.085   16.279  1.00 42.54  ? 44  LEU C CG  1 
ATOM   1391 C CD1 . LEU C 1 65 ? -5.260  7.916   15.108  1.00 26.85  ? 44  LEU C CD1 1 
ATOM   1392 C CD2 . LEU C 1 65 ? -4.762  7.273   17.461  1.00 56.66  ? 44  LEU C CD2 1 
ATOM   1393 N N   . GLN C 1 66 ? -0.108  6.525   15.061  1.00 26.23  ? 45  GLN C N   1 
ATOM   1394 C CA  . GLN C 1 66 ? 1.153   6.655   14.361  1.00 35.38  ? 45  GLN C CA  1 
ATOM   1395 C C   . GLN C 1 66 ? 1.318   5.584   13.294  1.00 34.19  ? 45  GLN C C   1 
ATOM   1396 O O   . GLN C 1 66 ? 1.823   5.866   12.201  1.00 36.09  ? 45  GLN C O   1 
ATOM   1397 C CB  . GLN C 1 66 ? 2.323   6.584   15.316  1.00 42.71  ? 45  GLN C CB  1 
ATOM   1398 C CG  . GLN C 1 66 ? 3.519   6.711   14.489  1.00 77.96  ? 45  GLN C CG  1 
ATOM   1399 C CD  . GLN C 1 66 ? 4.758   6.969   15.257  1.00 91.50  ? 45  GLN C CD  1 
ATOM   1400 O OE1 . GLN C 1 66 ? 4.754   7.532   16.368  1.00 92.03  ? 45  GLN C OE1 1 
ATOM   1401 N NE2 . GLN C 1 66 ? 5.868   6.598   14.643  1.00 101.42 ? 45  GLN C NE2 1 
ATOM   1402 N N   . LEU C 1 67 ? 0.964   4.333   13.608  1.00 34.27  ? 46  LEU C N   1 
ATOM   1403 C CA  . LEU C 1 67 ? 1.078   3.302   12.583  1.00 31.16  ? 46  LEU C CA  1 
ATOM   1404 C C   . LEU C 1 67 ? 0.195   3.635   11.384  1.00 33.08  ? 46  LEU C C   1 
ATOM   1405 O O   . LEU C 1 67 ? 0.543   3.316   10.243  1.00 20.74  ? 46  LEU C O   1 
ATOM   1406 C CB  . LEU C 1 67 ? 0.710   1.922   13.143  1.00 42.91  ? 46  LEU C CB  1 
ATOM   1407 C CG  . LEU C 1 67 ? 1.518   1.379   14.321  1.00 46.31  ? 46  LEU C CG  1 
ATOM   1408 C CD1 . LEU C 1 67 ? 0.887   0.081   14.808  1.00 53.18  ? 46  LEU C CD1 1 
ATOM   1409 C CD2 . LEU C 1 67 ? 2.977   1.177   13.949  1.00 49.28  ? 46  LEU C CD2 1 
ATOM   1410 N N   . ILE C 1 68 ? -0.967  4.245   11.623  1.00 31.78  ? 47  ILE C N   1 
ATOM   1411 C CA  . ILE C 1 68 ? -1.854  4.625   10.524  1.00 30.91  ? 47  ILE C CA  1 
ATOM   1412 C C   . ILE C 1 68 ? -1.171  5.649   9.627   1.00 23.48  ? 47  ILE C C   1 
ATOM   1413 O O   . ILE C 1 68 ? -1.196  5.541   8.391   1.00 18.95  ? 47  ILE C O   1 
ATOM   1414 C CB  . ILE C 1 68 ? -3.189  5.155   11.079  1.00 36.16  ? 47  ILE C CB  1 
ATOM   1415 C CG1 . ILE C 1 68 ? -3.976  4.006   11.705  1.00 29.15  ? 47  ILE C CG1 1 
ATOM   1416 C CG2 . ILE C 1 68 ? -4.002  5.818   9.977   1.00 25.35  ? 47  ILE C CG2 1 
ATOM   1417 C CD1 . ILE C 1 68 ? -5.159  4.447   12.551  1.00 42.97  ? 47  ILE C CD1 1 
ATOM   1418 N N   . ALA C 1 69 ? -0.542  6.661   10.229  1.00 18.09  ? 48  ALA C N   1 
ATOM   1419 C CA  . ALA C 1 69 ? 0.172   7.649   9.425   1.00 32.35  ? 48  ALA C CA  1 
ATOM   1420 C C   . ALA C 1 69 ? 1.315   6.997   8.654   1.00 26.84  ? 48  ALA C C   1 
ATOM   1421 O O   . ALA C 1 69 ? 1.464   7.189   7.440   1.00 27.57  ? 48  ALA C O   1 
ATOM   1422 C CB  . ALA C 1 69 ? 0.700   8.766   10.323  1.00 37.34  ? 48  ALA C CB  1 
ATOM   1423 N N   . GLU C 1 70 ? 2.113   6.189   9.348   1.00 25.44  ? 49  GLU C N   1 
ATOM   1424 C CA  . GLU C 1 70 ? 3.250   5.515   8.727   1.00 24.99  ? 49  GLU C CA  1 
ATOM   1425 C C   . GLU C 1 70 ? 2.811   4.651   7.549   1.00 25.60  ? 49  GLU C C   1 
ATOM   1426 O O   . GLU C 1 70 ? 3.512   4.570   6.533   1.00 40.33  ? 49  GLU C O   1 
ATOM   1427 C CB  . GLU C 1 70 ? 3.959   4.675   9.785   1.00 27.21  ? 49  GLU C CB  1 
ATOM   1428 C CG  . GLU C 1 70 ? 5.447   4.459   9.568   1.00 52.92  ? 49  GLU C CG  1 
ATOM   1429 C CD  . GLU C 1 70 ? 6.152   4.032   10.847  1.00 57.85  ? 49  GLU C CD  1 
ATOM   1430 O OE1 . GLU C 1 70 ? 7.082   3.204   10.773  1.00 71.60  ? 49  GLU C OE1 1 
ATOM   1431 O OE2 . GLU C 1 70 ? 5.756   4.512   11.932  1.00 59.45  ? 49  GLU C OE2 1 
ATOM   1432 N N   . SER C 1 71 ? 1.674   3.965   7.681   1.00 27.09  ? 50  SER C N   1 
ATOM   1433 C CA  . SER C 1 71 ? 1.125   3.186   6.574   1.00 21.42  ? 50  SER C CA  1 
ATOM   1434 C C   . SER C 1 71 ? 0.704   4.084   5.416   1.00 12.42  ? 50  SER C C   1 
ATOM   1435 O O   . SER C 1 71 ? 1.004   3.800   4.246   1.00 17.73  ? 50  SER C O   1 
ATOM   1436 C CB  . SER C 1 71 ? -0.059  2.357   7.071   1.00 28.61  ? 50  SER C CB  1 
ATOM   1437 O OG  . SER C 1 71 ? -0.515  1.463   6.069   1.00 29.09  ? 50  SER C OG  1 
ATOM   1438 N N   . LEU C 1 72 ? 0.007   5.181   5.719   1.00 20.19  ? 51  LEU C N   1 
ATOM   1439 C CA  . LEU C 1 72 ? -0.453  6.054   4.646   1.00 20.85  ? 51  LEU C CA  1 
ATOM   1440 C C   . LEU C 1 72 ? 0.720   6.647   3.884   1.00 21.39  ? 51  LEU C C   1 
ATOM   1441 O O   . LEU C 1 72 ? 0.596   6.940   2.689   1.00 24.62  ? 51  LEU C O   1 
ATOM   1442 C CB  . LEU C 1 72 ? -1.357  7.152   5.198   1.00 15.00  ? 51  LEU C CB  1 
ATOM   1443 C CG  . LEU C 1 72 ? -2.714  6.625   5.681   1.00 15.35  ? 51  LEU C CG  1 
ATOM   1444 C CD1 . LEU C 1 72 ? -3.421  7.660   6.530   1.00 28.74  ? 51  LEU C CD1 1 
ATOM   1445 C CD2 . LEU C 1 72 ? -3.592  6.213   4.506   1.00 12.46  ? 51  LEU C CD2 1 
ATOM   1446 N N   . MET C 1 73 ? 1.863   6.830   4.547   1.00 25.02  ? 52  MET C N   1 
ATOM   1447 C CA  . MET C 1 73 ? 3.049   7.294   3.835   1.00 23.52  ? 52  MET C CA  1 
ATOM   1448 C C   . MET C 1 73 ? 3.440   6.304   2.741   1.00 21.49  ? 52  MET C C   1 
ATOM   1449 O O   . MET C 1 73 ? 3.764   6.702   1.615   1.00 26.89  ? 52  MET C O   1 
ATOM   1450 C CB  . MET C 1 73 ? 4.208   7.458   4.818   1.00 49.67  ? 52  MET C CB  1 
ATOM   1451 C CG  . MET C 1 73 ? 4.037   8.570   5.848   1.00 39.10  ? 52  MET C CG  1 
ATOM   1452 S SD  . MET C 1 73 ? 3.339   10.093  5.214   1.00 70.79  ? 52  MET C SD  1 
ATOM   1453 C CE  . MET C 1 73 ? 2.683   10.776  6.734   1.00 59.13  ? 52  MET C CE  1 
ATOM   1454 N N   . LEU C 1 74 ? 3.375   5.004   3.047   1.00 30.49  ? 53  LEU C N   1 
ATOM   1455 C CA  . LEU C 1 74 ? 3.688   3.979   2.055   1.00 21.88  ? 53  LEU C CA  1 
ATOM   1456 C C   . LEU C 1 74 ? 2.648   3.946   0.948   1.00 23.26  ? 53  LEU C C   1 
ATOM   1457 O O   . LEU C 1 74 ? 2.993   3.797   -0.231  1.00 23.40  ? 53  LEU C O   1 
ATOM   1458 C CB  . LEU C 1 74 ? 3.780   2.611   2.725   1.00 39.34  ? 53  LEU C CB  1 
ATOM   1459 C CG  . LEU C 1 74 ? 5.035   2.283   3.536   1.00 42.21  ? 53  LEU C CG  1 
ATOM   1460 C CD1 . LEU C 1 74 ? 4.975   0.841   3.998   1.00 38.39  ? 53  LEU C CD1 1 
ATOM   1461 C CD2 . LEU C 1 74 ? 6.308   2.526   2.734   1.00 42.43  ? 53  LEU C CD2 1 
ATOM   1462 N N   . ILE C 1 75 ? 1.368   4.075   1.301   1.00 24.81  ? 54  ILE C N   1 
ATOM   1463 C CA  . ILE C 1 75 ? 0.338   4.114   0.270   1.00 29.29  ? 54  ILE C CA  1 
ATOM   1464 C C   . ILE C 1 75 ? 0.597   5.275   -0.688  1.00 15.43  ? 54  ILE C C   1 
ATOM   1465 O O   . ILE C 1 75 ? 0.507   5.124   -1.912  1.00 10.80  ? 54  ILE C O   1 
ATOM   1466 C CB  . ILE C 1 75 ? -1.057  4.193   0.915   1.00 19.70  ? 54  ILE C CB  1 
ATOM   1467 C CG1 . ILE C 1 75 ? -1.363  2.877   1.641   1.00 20.95  ? 54  ILE C CG1 1 
ATOM   1468 C CG2 . ILE C 1 75 ? -2.121  4.484   -0.137  1.00 27.16  ? 54  ILE C CG2 1 
ATOM   1469 C CD1 . ILE C 1 75 ? -2.520  2.957   2.613   1.00 21.69  ? 54  ILE C CD1 1 
ATOM   1470 N N   . ALA C 1 76 ? 0.922   6.446   -0.137  1.00 13.43  ? 55  ALA C N   1 
ATOM   1471 C CA  . ALA C 1 76 ? 1.226   7.602   -0.982  1.00 29.23  ? 55  ALA C CA  1 
ATOM   1472 C C   . ALA C 1 76 ? 2.441   7.341   -1.863  1.00 27.57  ? 55  ALA C C   1 
ATOM   1473 O O   . ALA C 1 76 ? 2.458   7.717   -3.044  1.00 29.29  ? 55  ALA C O   1 
ATOM   1474 C CB  . ALA C 1 76 ? 1.465   8.827   -0.103  1.00 26.56  ? 55  ALA C CB  1 
ATOM   1475 N N   . GLU C 1 77 ? 3.466   6.692   -1.314  1.00 29.52  ? 56  GLU C N   1 
ATOM   1476 C CA  . GLU C 1 77 ? 4.662   6.366   -2.085  1.00 32.73  ? 56  GLU C CA  1 
ATOM   1477 C C   . GLU C 1 77 ? 4.324   5.467   -3.275  1.00 34.16  ? 56  GLU C C   1 
ATOM   1478 O O   . GLU C 1 77 ? 4.659   5.777   -4.430  1.00 34.55  ? 56  GLU C O   1 
ATOM   1479 C CB  . GLU C 1 77 ? 5.667   5.690   -1.147  1.00 39.57  ? 56  GLU C CB  1 
ATOM   1480 C CG  . GLU C 1 77 ? 7.081   5.435   -1.675  1.00 63.88  ? 56  GLU C CG  1 
ATOM   1481 C CD  . GLU C 1 77 ? 8.054   5.061   -0.552  1.00 70.90  ? 56  GLU C CD  1 
ATOM   1482 O OE1 . GLU C 1 77 ? 9.102   4.452   -0.836  1.00 73.48  ? 56  GLU C OE1 1 
ATOM   1483 O OE2 . GLU C 1 77 ? 7.748   5.347   0.625   1.00 57.78  ? 56  GLU C OE2 1 
ATOM   1484 N N   . SER C 1 78 ? 3.597   4.378   -3.013  1.00 33.58  ? 57  SER C N   1 
ATOM   1485 C CA  . SER C 1 78 ? 3.255   3.442   -4.076  1.00 33.61  ? 57  SER C CA  1 
ATOM   1486 C C   . SER C 1 78 ? 2.349   4.092   -5.108  1.00 25.66  ? 57  SER C C   1 
ATOM   1487 O O   . SER C 1 78 ? 2.446   3.789   -6.303  1.00 25.94  ? 57  SER C O   1 
ATOM   1488 C CB  . SER C 1 78 ? 2.592   2.202   -3.483  1.00 35.95  ? 57  SER C CB  1 
ATOM   1489 O OG  . SER C 1 78 ? 3.367   1.684   -2.412  1.00 49.12  ? 57  SER C OG  1 
ATOM   1490 N N   . LEU C 1 79 ? 1.456   4.983   -4.672  1.00 22.02  ? 58  LEU C N   1 
ATOM   1491 C CA  . LEU C 1 79 ? 0.592   5.648   -5.638  1.00 26.56  ? 58  LEU C CA  1 
ATOM   1492 C C   . LEU C 1 79 ? 1.378   6.647   -6.470  1.00 22.32  ? 58  LEU C C   1 
ATOM   1493 O O   . LEU C 1 79 ? 1.030   6.891   -7.628  1.00 26.33  ? 58  LEU C O   1 
ATOM   1494 C CB  . LEU C 1 79 ? -0.580  6.332   -4.934  1.00 29.84  ? 58  LEU C CB  1 
ATOM   1495 C CG  . LEU C 1 79 ? -1.607  5.362   -4.336  1.00 27.59  ? 58  LEU C CG  1 
ATOM   1496 C CD1 . LEU C 1 79 ? -2.599  6.104   -3.462  1.00 25.20  ? 58  LEU C CD1 1 
ATOM   1497 C CD2 . LEU C 1 79 ? -2.336  4.581   -5.421  1.00 32.82  ? 58  LEU C CD2 1 
ATOM   1498 N N   . LEU C 1 80 ? 2.443   7.228   -5.912  1.00 27.19  ? 59  LEU C N   1 
ATOM   1499 C CA  . LEU C 1 80 ? 3.280   8.098   -6.727  1.00 33.81  ? 59  LEU C CA  1 
ATOM   1500 C C   . LEU C 1 80 ? 4.003   7.291   -7.796  1.00 32.53  ? 59  LEU C C   1 
ATOM   1501 O O   . LEU C 1 80 ? 4.112   7.730   -8.950  1.00 41.35  ? 59  LEU C O   1 
ATOM   1502 C CB  . LEU C 1 80 ? 4.290   8.849   -5.860  1.00 39.14  ? 59  LEU C CB  1 
ATOM   1503 C CG  . LEU C 1 80 ? 3.785   10.118  -5.168  1.00 40.71  ? 59  LEU C CG  1 
ATOM   1504 C CD1 . LEU C 1 80 ? 4.838   10.604  -4.179  1.00 48.24  ? 59  LEU C CD1 1 
ATOM   1505 C CD2 . LEU C 1 80 ? 3.379   11.216  -6.145  1.00 52.02  ? 59  LEU C CD2 1 
ATOM   1506 N N   . ILE C 1 81 ? 4.480   6.092   -7.446  1.00 31.24  ? 60  ILE C N   1 
ATOM   1507 C CA  . ILE C 1 81 ? 5.122   5.250   -8.454  1.00 30.60  ? 60  ILE C CA  1 
ATOM   1508 C C   . ILE C 1 81 ? 4.111   4.808   -9.506  1.00 37.50  ? 60  ILE C C   1 
ATOM   1509 O O   . ILE C 1 81 ? 4.417   4.761   -10.706 1.00 43.22  ? 60  ILE C O   1 
ATOM   1510 C CB  . ILE C 1 81 ? 5.801   4.041   -7.790  1.00 31.75  ? 60  ILE C CB  1 
ATOM   1511 C CG1 . ILE C 1 81 ? 7.003   4.494   -6.975  1.00 39.96  ? 60  ILE C CG1 1 
ATOM   1512 C CG2 . ILE C 1 81 ? 6.262   3.030   -8.839  1.00 34.23  ? 60  ILE C CG2 1 
ATOM   1513 C CD1 . ILE C 1 81 ? 7.426   3.493   -5.956  1.00 55.75  ? 60  ILE C CD1 1 
ATOM   1514 N N   . ILE C 1 82 ? 2.886   4.490   -9.077  1.00 27.58  ? 61  ILE C N   1 
ATOM   1515 C CA  . ILE C 1 82 ? 1.842   4.109   -10.023 1.00 28.38  ? 61  ILE C CA  1 
ATOM   1516 C C   . ILE C 1 82 ? 1.549   5.258   -10.974 1.00 24.53  ? 61  ILE C C   1 
ATOM   1517 O O   . ILE C 1 82 ? 1.413   5.064   -12.187 1.00 34.58  ? 61  ILE C O   1 
ATOM   1518 C CB  . ILE C 1 82 ? 0.580   3.666   -9.261  1.00 34.96  ? 61  ILE C CB  1 
ATOM   1519 C CG1 . ILE C 1 82 ? 0.816   2.332   -8.557  1.00 16.10  ? 61  ILE C CG1 1 
ATOM   1520 C CG2 . ILE C 1 82 ? -0.620  3.572   -10.196 1.00 33.42  ? 61  ILE C CG2 1 
ATOM   1521 C CD1 . ILE C 1 82 ? -0.111  2.093   -7.384  1.00 24.70  ? 61  ILE C CD1 1 
ATOM   1522 N N   . ALA C 1 83 ? 1.469   6.475   -10.442 1.00 32.88  ? 62  ALA C N   1 
ATOM   1523 C CA  . ALA C 1 83 ? 1.169   7.635   -11.270 1.00 35.03  ? 62  ALA C CA  1 
ATOM   1524 C C   . ALA C 1 83 ? 2.300   7.931   -12.242 1.00 51.39  ? 62  ALA C C   1 
ATOM   1525 O O   . ALA C 1 83 ? 2.049   8.390   -13.362 1.00 63.84  ? 62  ALA C O   1 
ATOM   1526 C CB  . ALA C 1 83 ? 0.901   8.844   -10.382 1.00 21.89  ? 62  ALA C CB  1 
ATOM   1527 N N   . ILE C 1 84 ? 3.545   7.684   -11.832 1.00 54.14  ? 63  ILE C N   1 
ATOM   1528 C CA  . ILE C 1 84 ? 4.677   7.858   -12.738 1.00 57.14  ? 63  ILE C CA  1 
ATOM   1529 C C   . ILE C 1 84 ? 4.618   6.841   -13.874 1.00 54.20  ? 63  ILE C C   1 
ATOM   1530 O O   . ILE C 1 84 ? 4.708   7.197   -15.057 1.00 63.91  ? 63  ILE C O   1 
ATOM   1531 C CB  . ILE C 1 84 ? 5.999   7.760   -11.953 1.00 59.43  ? 63  ILE C CB  1 
ATOM   1532 C CG1 . ILE C 1 84 ? 6.251   9.056   -11.182 1.00 62.51  ? 63  ILE C CG1 1 
ATOM   1533 C CG2 . ILE C 1 84 ? 7.169   7.412   -12.872 1.00 70.15  ? 63  ILE C CG2 1 
ATOM   1534 C CD1 . ILE C 1 84 ? 7.325   8.941   -10.121 1.00 55.99  ? 63  ILE C CD1 1 
ATOM   1535 N N   . SER C 1 85 ? 4.440   5.562   -13.536 1.00 51.29  ? 64  SER C N   1 
ATOM   1536 C CA  . SER C 1 85 ? 4.408   4.539   -14.575 1.00 63.77  ? 64  SER C CA  1 
ATOM   1537 C C   . SER C 1 85 ? 3.260   4.787   -15.542 1.00 68.51  ? 64  SER C C   1 
ATOM   1538 O O   . SER C 1 85 ? 3.442   4.741   -16.767 1.00 79.49  ? 64  SER C O   1 
ATOM   1539 C CB  . SER C 1 85 ? 4.283   3.153   -13.945 1.00 59.27  ? 64  SER C CB  1 
ATOM   1540 O OG  . SER C 1 85 ? 5.226   2.975   -12.903 1.00 64.58  ? 64  SER C OG  1 
ATOM   1541 N N   . LEU C 1 86 ? 2.078   5.099   -15.009 1.00 54.25  ? 65  LEU C N   1 
ATOM   1542 C CA  . LEU C 1 86 ? 0.941   5.388   -15.869 1.00 54.45  ? 65  LEU C CA  1 
ATOM   1543 C C   . LEU C 1 86 ? 1.188   6.639   -16.697 1.00 68.11  ? 65  LEU C C   1 
ATOM   1544 O O   . LEU C 1 86 ? 0.750   6.713   -17.845 1.00 82.52  ? 65  LEU C O   1 
ATOM   1545 C CB  . LEU C 1 86 ? -0.330  5.551   -15.036 1.00 52.56  ? 65  LEU C CB  1 
ATOM   1546 C CG  . LEU C 1 86 ? -0.842  4.320   -14.281 1.00 49.52  ? 65  LEU C CG  1 
ATOM   1547 C CD1 . LEU C 1 86 ? -2.106  4.672   -13.520 1.00 46.68  ? 65  LEU C CD1 1 
ATOM   1548 C CD2 . LEU C 1 86 ? -1.087  3.132   -15.202 1.00 53.54  ? 65  LEU C CD2 1 
ATOM   1549 N N   . LEU C 1 87 ? 1.899   7.624   -16.149 1.00 67.42  ? 66  LEU C N   1 
ATOM   1550 C CA  . LEU C 1 87 ? 2.114   8.852   -16.903 1.00 67.05  ? 66  LEU C CA  1 
ATOM   1551 C C   . LEU C 1 87 ? 3.043   8.607   -18.084 1.00 78.76  ? 66  LEU C C   1 
ATOM   1552 O O   . LEU C 1 87 ? 2.778   9.082   -19.194 1.00 93.15  ? 66  LEU C O   1 
ATOM   1553 C CB  . LEU C 1 87 ? 2.698   9.941   -16.007 1.00 70.86  ? 66  LEU C CB  1 
ATOM   1554 C CG  . LEU C 1 87 ? 2.736   11.335  -16.645 1.00 82.09  ? 66  LEU C CG  1 
ATOM   1555 C CD1 . LEU C 1 87 ? 1.321   11.882  -16.837 1.00 64.92  ? 66  LEU C CD1 1 
ATOM   1556 C CD2 . LEU C 1 87 ? 3.608   12.302  -15.862 1.00 67.78  ? 66  LEU C CD2 1 
ATOM   1557 N N   . LEU C 1 88 ? 4.139   7.872   -17.869 1.00 77.29  ? 67  LEU C N   1 
ATOM   1558 C CA  . LEU C 1 88 ? 5.101   7.640   -18.941 1.00 86.16  ? 67  LEU C CA  1 
ATOM   1559 C C   . LEU C 1 88 ? 4.757   6.450   -19.825 1.00 91.27  ? 67  LEU C C   1 
ATOM   1560 O O   . LEU C 1 88 ? 5.475   6.202   -20.800 1.00 99.77  ? 67  LEU C O   1 
ATOM   1561 C CB  . LEU C 1 88 ? 6.504   7.446   -18.365 1.00 81.87  ? 67  LEU C CB  1 
ATOM   1562 C CG  . LEU C 1 88 ? 7.235   8.700   -17.875 1.00 87.65  ? 67  LEU C CG  1 
ATOM   1563 C CD1 . LEU C 1 88 ? 6.291   9.756   -17.307 1.00 84.34  ? 67  LEU C CD1 1 
ATOM   1564 C CD2 . LEU C 1 88 ? 8.280   8.315   -16.845 1.00 94.06  ? 67  LEU C CD2 1 
ATOM   1565 N N   . SER C 1 89 ? 3.669   5.737   -19.539 1.00 95.63  ? 68  SER C N   1 
ATOM   1566 C CA  . SER C 1 89 ? 3.179   4.715   -20.449 1.00 94.94  ? 68  SER C CA  1 
ATOM   1567 C C   . SER C 1 89 ? 1.971   5.195   -21.233 1.00 96.99  ? 68  SER C C   1 
ATOM   1568 O O   . SER C 1 89 ? 1.621   4.585   -22.249 1.00 104.82 ? 68  SER C O   1 
ATOM   1569 C CB  . SER C 1 89 ? 2.787   3.445   -19.684 1.00 98.04  ? 68  SER C CB  1 
ATOM   1570 O OG  . SER C 1 89 ? 3.903   2.851   -19.050 1.00 104.59 ? 68  SER C OG  1 
ATOM   1571 N N   . SER C 1 90 ? 1.360   6.294   -20.798 1.00 98.74  ? 69  SER C N   1 
ATOM   1572 C CA  . SER C 1 90 ? 0.115   6.782   -21.363 1.00 98.94  ? 69  SER C CA  1 
ATOM   1573 C C   . SER C 1 90 ? 0.320   8.084   -22.107 1.00 107.78 ? 69  SER C C   1 
ATOM   1574 O O   . SER C 1 90 ? 1.409   8.656   -22.059 1.00 114.37 ? 69  SER C O   1 
ATOM   1575 C CB  . SER C 1 90 ? -0.909  6.977   -20.254 1.00 99.50  ? 69  SER C CB  1 
ATOM   1576 O OG  . SER C 1 90 ? -1.106  8.352   -19.965 1.00 92.64  ? 69  SER C OG  1 
ATOM   1577 N N   . ALA D 2 1  ? -8.059  -16.702 -7.526  1.00 104.43 ? 92  ALA D N   1 
ATOM   1578 C CA  . ALA D 2 1  ? -7.192  -15.870 -6.701  1.00 73.75  ? 92  ALA D CA  1 
ATOM   1579 C C   . ALA D 2 1  ? -5.795  -16.472 -6.590  1.00 100.41 ? 92  ALA D C   1 
ATOM   1580 O O   . ALA D 2 1  ? -4.940  -15.951 -5.872  1.00 90.97  ? 92  ALA D O   1 
ATOM   1581 C CB  . ALA D 2 1  ? -7.797  -15.687 -5.321  1.00 88.97  ? 92  ALA D CB  1 
ATOM   1582 N N   . ALA D 2 2  ? -5.571  -17.572 -7.308  1.00 119.87 ? 93  ALA D N   1 
ATOM   1583 C CA  . ALA D 2 2  ? -4.292  -18.272 -7.300  1.00 133.11 ? 93  ALA D CA  1 
ATOM   1584 C C   . ALA D 2 2  ? -3.989  -18.713 -8.721  1.00 129.15 ? 93  ALA D C   1 
ATOM   1585 O O   . ALA D 2 2  ? -4.786  -19.435 -9.326  1.00 119.03 ? 93  ALA D O   1 
ATOM   1586 C CB  . ALA D 2 2  ? -4.327  -19.477 -6.355  1.00 117.42 ? 93  ALA D CB  1 
ATOM   1587 N N   . LEU D 2 3  ? -2.847  -18.288 -9.251  1.00 132.49 ? 94  LEU D N   1 
ATOM   1588 C CA  . LEU D 2 3  ? -2.526  -18.565 -10.645 1.00 121.89 ? 94  LEU D CA  1 
ATOM   1589 C C   . LEU D 2 3  ? -1.053  -18.269 -10.893 1.00 108.89 ? 94  LEU D C   1 
ATOM   1590 O O   . LEU D 2 3  ? -0.360  -17.686 -10.055 1.00 109.64 ? 94  LEU D O   1 
ATOM   1591 C CB  . LEU D 2 3  ? -3.404  -17.738 -11.587 1.00 125.50 ? 94  LEU D CB  1 
ATOM   1592 N N   . ALA D 2 4  ? -0.588  -18.694 -12.066 1.00 116.34 ? 95  ALA D N   1 
ATOM   1593 C CA  . ALA D 2 4  ? 0.729   -18.364 -12.583 1.00 123.40 ? 95  ALA D CA  1 
ATOM   1594 C C   . ALA D 2 4  ? 0.570   -17.717 -13.953 1.00 119.37 ? 95  ALA D C   1 
ATOM   1595 O O   . ALA D 2 4  ? -0.456  -17.880 -14.621 1.00 123.77 ? 95  ALA D O   1 
ATOM   1596 C CB  . ALA D 2 4  ? 1.619   -19.609 -12.688 1.00 131.52 ? 95  ALA D CB  1 
ATOM   1597 N N   . ALA D 2 5  ? 1.593   -16.978 -14.371 1.00 125.18 ? 96  ALA D N   1 
ATOM   1598 C CA  . ALA D 2 5  ? 1.538   -16.286 -15.650 1.00 119.38 ? 96  ALA D CA  1 
ATOM   1599 C C   . ALA D 2 5  ? 2.954   -16.038 -16.145 1.00 128.44 ? 96  ALA D C   1 
ATOM   1600 O O   . ALA D 2 5  ? 3.915   -16.042 -15.370 1.00 127.73 ? 96  ALA D O   1 
ATOM   1601 C CB  . ALA D 2 5  ? 0.764   -14.967 -15.538 1.00 118.37 ? 96  ALA D CB  1 
ATOM   1602 N N   . ALA D 2 6  ? 3.067   -15.823 -17.453 1.00 130.21 ? 97  ALA D N   1 
ATOM   1603 C CA  . ALA D 2 6  ? 4.354   -15.555 -18.084 1.00 128.23 ? 97  ALA D CA  1 
ATOM   1604 C C   . ALA D 2 6  ? 4.157   -15.060 -19.513 1.00 128.70 ? 97  ALA D C   1 
ATOM   1605 O O   . ALA D 2 6  ? 3.308   -14.206 -19.775 1.00 117.11 ? 97  ALA D O   1 
ATOM   1606 C CB  . ALA D 2 6  ? 5.223   -16.804 -18.069 1.00 101.65 ? 97  ALA D CB  1 
HETATM 1607 O O   . HOH E 3 .  ? -19.266 9.182   14.777  1.00 43.74  ? 101 HOH A O   1 
HETATM 1608 O O   . HOH E 3 .  ? -11.132 -9.911  17.685  1.00 71.42  ? 102 HOH A O   1 
HETATM 1609 O O   . HOH E 3 .  ? 0.732   -11.000 -21.484 1.00 51.86  ? 103 HOH A O   1 
HETATM 1610 O O   . HOH E 3 .  ? 4.514   -10.030 4.467   1.00 54.06  ? 104 HOH A O   1 
HETATM 1611 O O   . HOH E 3 .  ? -16.310 -5.694  5.701   1.00 54.85  ? 105 HOH A O   1 
HETATM 1612 O O   . HOH E 3 .  ? -17.901 -12.670 19.344  1.00 61.70  ? 106 HOH A O   1 
HETATM 1613 O O   . HOH E 3 .  ? -18.327 -13.149 16.590  1.00 52.08  ? 107 HOH A O   1 
HETATM 1614 O O   . HOH E 3 .  ? -17.569 -16.077 21.430  1.00 58.08  ? 108 HOH A O   1 
HETATM 1615 O O   . HOH E 3 .  ? -19.045 -8.554  6.916   1.00 67.47  ? 109 HOH A O   1 
HETATM 1616 O O   . HOH E 3 .  ? -5.910  -19.220 -2.205  1.00 104.84 ? 110 HOH A O   1 
HETATM 1617 O O   . HOH E 3 .  ? -10.822 11.435  23.940  0.50 30.00  ? 111 HOH A O   1 
HETATM 1618 O O   . HOH E 3 .  ? -9.670  9.393   16.782  0.50 43.80  ? 112 HOH A O   1 
HETATM 1619 O O   . HOH E 3 .  ? -6.640  3.830   -2.883  0.50 38.45  ? 113 HOH A O   1 
HETATM 1620 O O   . HOH E 3 .  ? -7.026  4.548   -0.502  0.50 30.00  ? 114 HOH A O   1 
HETATM 1621 O O   . HOH E 3 .  ? -7.429  5.287   2.175   0.50 35.25  ? 115 HOH A O   1 
HETATM 1622 O O   . HOH F 3 .  ? 11.663  -6.612  9.831   1.00 37.92  ? 101 HOH B O   1 
HETATM 1623 O O   . HOH F 3 .  ? 8.441   -12.301 1.066   1.00 91.66  ? 102 HOH B O   1 
HETATM 1624 O O   . HOH F 3 .  ? 6.495   -1.934  18.036  1.00 49.65  ? 103 HOH B O   1 
HETATM 1625 O O   . HOH F 3 .  ? 9.313   -7.719  -4.819  1.00 34.56  ? 104 HOH B O   1 
HETATM 1626 O O   . HOH F 3 .  ? -8.160  6.551   6.915   0.50 27.31  ? 105 HOH B O   1 
HETATM 1627 O O   . HOH F 3 .  ? -5.370  1.465   -11.183 0.50 44.12  ? 106 HOH B O   1 
HETATM 1628 O O   . HOH F 3 .  ? -8.526  7.289   9.434   0.50 16.34  ? 107 HOH B O   1 
HETATM 1629 O O   . HOH F 3 .  ? -9.289  8.720   14.364  0.50 30.00  ? 108 HOH B O   1 
HETATM 1630 O O   . HOH F 3 .  ? -6.224  3.134   -5.337  0.50 23.82  ? 109 HOH B O   1 
HETATM 1631 O O   . HOH F 3 .  ? -8.961  8.032   11.957  0.50 32.35  ? 110 HOH B O   1 
HETATM 1632 O O   . HOH F 3 .  ? -5.823  2.331   -8.165  0.50 39.71  ? 111 HOH B O   1 
HETATM 1633 O O   . HOH F 3 .  ? -4.347  -0.353  -17.662 0.50 30.00  ? 112 HOH B O   1 
HETATM 1634 O O   . HOH G 3 .  ? 5.527   1.205   -17.897 1.00 76.71  ? 101 HOH C O   1 
HETATM 1635 O O   . HOH G 3 .  ? 10.242  18.185  9.843   1.00 41.17  ? 102 HOH C O   1 
HETATM 1636 O O   . HOH G 3 .  ? 7.540   1.801   8.610   1.00 50.10  ? 103 HOH C O   1 
HETATM 1637 O O   . HOH G 3 .  ? 6.452   4.690   6.302   1.00 32.28  ? 104 HOH C O   1 
HETATM 1638 O O   . HOH G 3 .  ? 10.581  7.184   -1.102  1.00 45.06  ? 105 HOH C O   1 
HETATM 1639 O O   . HOH G 3 .  ? 6.785   0.886   18.602  1.00 70.93  ? 106 HOH C O   1 
HETATM 1640 O O   . HOH G 3 .  ? 12.199  6.899   1.005   1.00 57.55  ? 107 HOH C O   1 
HETATM 1641 O O   . HOH G 3 .  ? 10.784  10.226  -10.276 1.00 55.41  ? 108 HOH C O   1 
HETATM 1642 O O   . HOH G 3 .  ? 2.761   23.027  -0.157  1.00 70.49  ? 109 HOH C O   1 
HETATM 1643 O O   . HOH G 3 .  ? 10.546  12.380  -16.930 1.00 57.60  ? 110 HOH C O   1 
# 
